data_3EN8
# 
_entry.id   3EN8 
# 
_audit_conform.dict_name       mmcif_pdbx.dic 
_audit_conform.dict_version    5.398 
_audit_conform.dict_location   http://mmcif.pdb.org/dictionaries/ascii/mmcif_pdbx.dic 
# 
loop_
_database_2.database_id 
_database_2.database_code 
_database_2.pdbx_database_accession 
_database_2.pdbx_DOI 
PDB   3EN8         pdb_00003en8 10.2210/pdb3en8/pdb 
RCSB  RCSB049534   ?            ?                   
WWPDB D_1000049534 ?            ?                   
# 
loop_
_pdbx_audit_revision_history.ordinal 
_pdbx_audit_revision_history.data_content_type 
_pdbx_audit_revision_history.major_revision 
_pdbx_audit_revision_history.minor_revision 
_pdbx_audit_revision_history.revision_date 
1 'Structure model' 1 0 2008-10-07 
2 'Structure model' 1 1 2011-07-13 
3 'Structure model' 1 2 2017-10-25 
4 'Structure model' 1 3 2019-07-24 
5 'Structure model' 1 4 2023-02-01 
6 'Structure model' 1 5 2024-10-30 
# 
_pdbx_audit_revision_details.ordinal             1 
_pdbx_audit_revision_details.revision_ordinal    1 
_pdbx_audit_revision_details.data_content_type   'Structure model' 
_pdbx_audit_revision_details.provider            repository 
_pdbx_audit_revision_details.type                'Initial release' 
_pdbx_audit_revision_details.description         ? 
_pdbx_audit_revision_details.details             ? 
# 
loop_
_pdbx_audit_revision_group.ordinal 
_pdbx_audit_revision_group.revision_ordinal 
_pdbx_audit_revision_group.data_content_type 
_pdbx_audit_revision_group.group 
1  2 'Structure model' Advisory                    
2  2 'Structure model' 'Version format compliance' 
3  3 'Structure model' 'Refinement description'    
4  4 'Structure model' 'Data collection'           
5  4 'Structure model' 'Derived calculations'      
6  4 'Structure model' 'Refinement description'    
7  5 'Structure model' 'Database references'       
8  5 'Structure model' 'Derived calculations'      
9  6 'Structure model' 'Data collection'           
10 6 'Structure model' 'Structure summary'         
# 
loop_
_pdbx_audit_revision_category.ordinal 
_pdbx_audit_revision_category.revision_ordinal 
_pdbx_audit_revision_category.data_content_type 
_pdbx_audit_revision_category.category 
1  3 'Structure model' software                  
2  4 'Structure model' software                  
3  4 'Structure model' struct_conn               
4  5 'Structure model' database_2                
5  5 'Structure model' struct_ref_seq_dif        
6  5 'Structure model' struct_site               
7  6 'Structure model' chem_comp_atom            
8  6 'Structure model' chem_comp_bond            
9  6 'Structure model' pdbx_entry_details        
10 6 'Structure model' pdbx_modification_feature 
# 
loop_
_pdbx_audit_revision_item.ordinal 
_pdbx_audit_revision_item.revision_ordinal 
_pdbx_audit_revision_item.data_content_type 
_pdbx_audit_revision_item.item 
1  3 'Structure model' '_software.classification'                     
2  3 'Structure model' '_software.name'                               
3  4 'Structure model' '_software.classification'                     
4  4 'Structure model' '_software.contact_author'                     
5  4 'Structure model' '_software.contact_author_email'               
6  4 'Structure model' '_software.language'                           
7  4 'Structure model' '_software.location'                           
8  4 'Structure model' '_software.name'                               
9  4 'Structure model' '_software.type'                               
10 4 'Structure model' '_software.version'                            
11 4 'Structure model' '_struct_conn.pdbx_leaving_atom_flag'          
12 5 'Structure model' '_database_2.pdbx_DOI'                         
13 5 'Structure model' '_database_2.pdbx_database_accession'          
14 5 'Structure model' '_struct_ref_seq_dif.details'                  
15 5 'Structure model' '_struct_site.pdbx_auth_asym_id'               
16 5 'Structure model' '_struct_site.pdbx_auth_comp_id'               
17 5 'Structure model' '_struct_site.pdbx_auth_seq_id'                
18 6 'Structure model' '_pdbx_entry_details.has_protein_modification' 
# 
_pdbx_database_status.SG_entry                        Y 
_pdbx_database_status.entry_id                        3EN8 
_pdbx_database_status.deposit_site                    RCSB 
_pdbx_database_status.process_site                    RCSB 
_pdbx_database_status.recvd_initial_deposition_date   2008-09-25 
_pdbx_database_status.status_code                     REL 
_pdbx_database_status.status_code_sf                  REL 
_pdbx_database_status.status_code_mr                  ? 
_pdbx_database_status.pdb_format_compatible           Y 
_pdbx_database_status.status_code_cs                  ? 
_pdbx_database_status.methods_development_category    ? 
_pdbx_database_status.status_code_nmr_data            ? 
# 
_pdbx_database_related.db_name        TargetDB 
_pdbx_database_related.db_id          390635 
_pdbx_database_related.details        . 
_pdbx_database_related.content_type   unspecified 
# 
_audit_author.name           'Joint Center for Structural Genomics (JCSG)' 
_audit_author.pdbx_ordinal   1 
# 
_citation.id                        primary 
_citation.title                     
'Crystal structure of NTF-2 like protein of unknown function (YP_553245.1) from BURKHOLDERIA XENOVORANS LB400 at 1.85 A resolution' 
_citation.journal_abbrev            'To be published' 
_citation.journal_volume            ? 
_citation.page_first                ? 
_citation.page_last                 ? 
_citation.year                      ? 
_citation.journal_id_ASTM           ? 
_citation.country                   ? 
_citation.journal_id_ISSN           ? 
_citation.journal_id_CSD            0353 
_citation.book_publisher            ? 
_citation.pdbx_database_id_PubMed   ? 
_citation.pdbx_database_id_DOI      ? 
# 
_citation_author.citation_id        primary 
_citation_author.name               'Joint Center for Structural Genomics (JCSG)' 
_citation_author.ordinal            1 
_citation_author.identifier_ORCID   ? 
# 
loop_
_entity.id 
_entity.type 
_entity.src_method 
_entity.pdbx_description 
_entity.formula_weight 
_entity.pdbx_number_of_molecules 
_entity.pdbx_ec 
_entity.pdbx_mutation 
_entity.pdbx_fragment 
_entity.details 
1 polymer     man 'uncharacterized NTF-2 like protein' 14830.858 1   ? ? ? ? 
2 non-polymer syn 'CALCIUM ION'                        40.078    1   ? ? ? ? 
3 non-polymer syn 'ACETATE ION'                        59.044    1   ? ? ? ? 
4 non-polymer syn 'DI(HYDROXYETHYL)ETHER'              106.120   1   ? ? ? ? 
5 non-polymer syn 'TETRAETHYLENE GLYCOL'               194.226   1   ? ? ? ? 
6 water       nat water                                18.015    129 ? ? ? ? 
# 
_entity_poly.entity_id                      1 
_entity_poly.type                           'polypeptide(L)' 
_entity_poly.nstd_linkage                   no 
_entity_poly.nstd_monomer                   yes 
_entity_poly.pdbx_seq_one_letter_code       
;G(MSE)REEKIREALNAHWQASAAGDFDAEHDIYDDDAICDYPQSGERILGR(MSE)NLQALRSHHPGKPAGFEVRRIQG
EGNLWITEYSISYNGRPAYTVSI(MSE)EFRNGKVVHETQYFSDPFEAPGWRSQWVQQIG
;
_entity_poly.pdbx_seq_one_letter_code_can   
;GMREEKIREALNAHWQASAAGDFDAEHDIYDDDAICDYPQSGERILGRMNLQALRSHHPGKPAGFEVRRIQGEGNLWITE
YSISYNGRPAYTVSIMEFRNGKVVHETQYFSDPFEAPGWRSQWVQQIG
;
_entity_poly.pdbx_strand_id                 A 
_entity_poly.pdbx_target_identifier         390635 
# 
loop_
_pdbx_entity_nonpoly.entity_id 
_pdbx_entity_nonpoly.name 
_pdbx_entity_nonpoly.comp_id 
2 'CALCIUM ION'           CA  
3 'ACETATE ION'           ACT 
4 'DI(HYDROXYETHYL)ETHER' PEG 
5 'TETRAETHYLENE GLYCOL'  PG4 
6 water                   HOH 
# 
loop_
_entity_poly_seq.entity_id 
_entity_poly_seq.num 
_entity_poly_seq.mon_id 
_entity_poly_seq.hetero 
1 1   GLY n 
1 2   MSE n 
1 3   ARG n 
1 4   GLU n 
1 5   GLU n 
1 6   LYS n 
1 7   ILE n 
1 8   ARG n 
1 9   GLU n 
1 10  ALA n 
1 11  LEU n 
1 12  ASN n 
1 13  ALA n 
1 14  HIS n 
1 15  TRP n 
1 16  GLN n 
1 17  ALA n 
1 18  SER n 
1 19  ALA n 
1 20  ALA n 
1 21  GLY n 
1 22  ASP n 
1 23  PHE n 
1 24  ASP n 
1 25  ALA n 
1 26  GLU n 
1 27  HIS n 
1 28  ASP n 
1 29  ILE n 
1 30  TYR n 
1 31  ASP n 
1 32  ASP n 
1 33  ASP n 
1 34  ALA n 
1 35  ILE n 
1 36  CYS n 
1 37  ASP n 
1 38  TYR n 
1 39  PRO n 
1 40  GLN n 
1 41  SER n 
1 42  GLY n 
1 43  GLU n 
1 44  ARG n 
1 45  ILE n 
1 46  LEU n 
1 47  GLY n 
1 48  ARG n 
1 49  MSE n 
1 50  ASN n 
1 51  LEU n 
1 52  GLN n 
1 53  ALA n 
1 54  LEU n 
1 55  ARG n 
1 56  SER n 
1 57  HIS n 
1 58  HIS n 
1 59  PRO n 
1 60  GLY n 
1 61  LYS n 
1 62  PRO n 
1 63  ALA n 
1 64  GLY n 
1 65  PHE n 
1 66  GLU n 
1 67  VAL n 
1 68  ARG n 
1 69  ARG n 
1 70  ILE n 
1 71  GLN n 
1 72  GLY n 
1 73  GLU n 
1 74  GLY n 
1 75  ASN n 
1 76  LEU n 
1 77  TRP n 
1 78  ILE n 
1 79  THR n 
1 80  GLU n 
1 81  TYR n 
1 82  SER n 
1 83  ILE n 
1 84  SER n 
1 85  TYR n 
1 86  ASN n 
1 87  GLY n 
1 88  ARG n 
1 89  PRO n 
1 90  ALA n 
1 91  TYR n 
1 92  THR n 
1 93  VAL n 
1 94  SER n 
1 95  ILE n 
1 96  MSE n 
1 97  GLU n 
1 98  PHE n 
1 99  ARG n 
1 100 ASN n 
1 101 GLY n 
1 102 LYS n 
1 103 VAL n 
1 104 VAL n 
1 105 HIS n 
1 106 GLU n 
1 107 THR n 
1 108 GLN n 
1 109 TYR n 
1 110 PHE n 
1 111 SER n 
1 112 ASP n 
1 113 PRO n 
1 114 PHE n 
1 115 GLU n 
1 116 ALA n 
1 117 PRO n 
1 118 GLY n 
1 119 TRP n 
1 120 ARG n 
1 121 SER n 
1 122 GLN n 
1 123 TRP n 
1 124 VAL n 
1 125 GLN n 
1 126 GLN n 
1 127 ILE n 
1 128 GLY n 
# 
_entity_src_gen.entity_id                          1 
_entity_src_gen.pdbx_src_id                        1 
_entity_src_gen.pdbx_alt_source_flag               sample 
_entity_src_gen.pdbx_seq_type                      ? 
_entity_src_gen.pdbx_beg_seq_num                   ? 
_entity_src_gen.pdbx_end_seq_num                   ? 
_entity_src_gen.gene_src_common_name               ? 
_entity_src_gen.gene_src_genus                     ? 
_entity_src_gen.pdbx_gene_src_gene                 'YP_553245.1, Bxeno_B0927, Bxe_B2092' 
_entity_src_gen.gene_src_species                   ? 
_entity_src_gen.gene_src_strain                    ? 
_entity_src_gen.gene_src_tissue                    ? 
_entity_src_gen.gene_src_tissue_fraction           ? 
_entity_src_gen.gene_src_details                   ? 
_entity_src_gen.pdbx_gene_src_fragment             ? 
_entity_src_gen.pdbx_gene_src_scientific_name      'Burkholderia xenovorans LB400' 
_entity_src_gen.pdbx_gene_src_ncbi_taxonomy_id     266265 
_entity_src_gen.pdbx_gene_src_variant              ? 
_entity_src_gen.pdbx_gene_src_cell_line            ? 
_entity_src_gen.pdbx_gene_src_atcc                 ? 
_entity_src_gen.pdbx_gene_src_organ                ? 
_entity_src_gen.pdbx_gene_src_organelle            ? 
_entity_src_gen.pdbx_gene_src_cell                 ? 
_entity_src_gen.pdbx_gene_src_cellular_location    ? 
_entity_src_gen.host_org_common_name               ? 
_entity_src_gen.pdbx_host_org_scientific_name      'Escherichia Coli' 
_entity_src_gen.pdbx_host_org_ncbi_taxonomy_id     562 
_entity_src_gen.host_org_genus                     ? 
_entity_src_gen.pdbx_host_org_gene                 ? 
_entity_src_gen.pdbx_host_org_organ                ? 
_entity_src_gen.host_org_species                   ? 
_entity_src_gen.pdbx_host_org_tissue               ? 
_entity_src_gen.pdbx_host_org_tissue_fraction      ? 
_entity_src_gen.pdbx_host_org_strain               HK100 
_entity_src_gen.pdbx_host_org_variant              ? 
_entity_src_gen.pdbx_host_org_cell_line            ? 
_entity_src_gen.pdbx_host_org_atcc                 ? 
_entity_src_gen.pdbx_host_org_culture_collection   ? 
_entity_src_gen.pdbx_host_org_cell                 ? 
_entity_src_gen.pdbx_host_org_organelle            ? 
_entity_src_gen.pdbx_host_org_cellular_location    ? 
_entity_src_gen.pdbx_host_org_vector_type          Plasmid 
_entity_src_gen.pdbx_host_org_vector               ? 
_entity_src_gen.host_org_details                   ? 
_entity_src_gen.expression_system_id               ? 
_entity_src_gen.plasmid_name                       SpeedET 
_entity_src_gen.plasmid_details                    ? 
_entity_src_gen.pdbx_description                   ? 
# 
loop_
_chem_comp.id 
_chem_comp.type 
_chem_comp.mon_nstd_flag 
_chem_comp.name 
_chem_comp.pdbx_synonyms 
_chem_comp.formula 
_chem_comp.formula_weight 
ACT non-polymer         . 'ACETATE ION'           ? 'C2 H3 O2 -1'    59.044  
ALA 'L-peptide linking' y ALANINE                 ? 'C3 H7 N O2'     89.093  
ARG 'L-peptide linking' y ARGININE                ? 'C6 H15 N4 O2 1' 175.209 
ASN 'L-peptide linking' y ASPARAGINE              ? 'C4 H8 N2 O3'    132.118 
ASP 'L-peptide linking' y 'ASPARTIC ACID'         ? 'C4 H7 N O4'     133.103 
CA  non-polymer         . 'CALCIUM ION'           ? 'Ca 2'           40.078  
CYS 'L-peptide linking' y CYSTEINE                ? 'C3 H7 N O2 S'   121.158 
GLN 'L-peptide linking' y GLUTAMINE               ? 'C5 H10 N2 O3'   146.144 
GLU 'L-peptide linking' y 'GLUTAMIC ACID'         ? 'C5 H9 N O4'     147.129 
GLY 'peptide linking'   y GLYCINE                 ? 'C2 H5 N O2'     75.067  
HIS 'L-peptide linking' y HISTIDINE               ? 'C6 H10 N3 O2 1' 156.162 
HOH non-polymer         . WATER                   ? 'H2 O'           18.015  
ILE 'L-peptide linking' y ISOLEUCINE              ? 'C6 H13 N O2'    131.173 
LEU 'L-peptide linking' y LEUCINE                 ? 'C6 H13 N O2'    131.173 
LYS 'L-peptide linking' y LYSINE                  ? 'C6 H15 N2 O2 1' 147.195 
MSE 'L-peptide linking' n SELENOMETHIONINE        ? 'C5 H11 N O2 Se' 196.106 
PEG non-polymer         . 'DI(HYDROXYETHYL)ETHER' ? 'C4 H10 O3'      106.120 
PG4 non-polymer         . 'TETRAETHYLENE GLYCOL'  ? 'C8 H18 O5'      194.226 
PHE 'L-peptide linking' y PHENYLALANINE           ? 'C9 H11 N O2'    165.189 
PRO 'L-peptide linking' y PROLINE                 ? 'C5 H9 N O2'     115.130 
SER 'L-peptide linking' y SERINE                  ? 'C3 H7 N O3'     105.093 
THR 'L-peptide linking' y THREONINE               ? 'C4 H9 N O3'     119.119 
TRP 'L-peptide linking' y TRYPTOPHAN              ? 'C11 H12 N2 O2'  204.225 
TYR 'L-peptide linking' y TYROSINE                ? 'C9 H11 N O3'    181.189 
VAL 'L-peptide linking' y VALINE                  ? 'C5 H11 N O2'    117.146 
# 
loop_
_pdbx_poly_seq_scheme.asym_id 
_pdbx_poly_seq_scheme.entity_id 
_pdbx_poly_seq_scheme.seq_id 
_pdbx_poly_seq_scheme.mon_id 
_pdbx_poly_seq_scheme.ndb_seq_num 
_pdbx_poly_seq_scheme.pdb_seq_num 
_pdbx_poly_seq_scheme.auth_seq_num 
_pdbx_poly_seq_scheme.pdb_mon_id 
_pdbx_poly_seq_scheme.auth_mon_id 
_pdbx_poly_seq_scheme.pdb_strand_id 
_pdbx_poly_seq_scheme.pdb_ins_code 
_pdbx_poly_seq_scheme.hetero 
A 1 1   GLY 1   0   0   GLY GLY A . n 
A 1 2   MSE 2   1   1   MSE MSE A . n 
A 1 3   ARG 3   2   2   ARG ARG A . n 
A 1 4   GLU 4   3   3   GLU GLU A . n 
A 1 5   GLU 5   4   4   GLU GLU A . n 
A 1 6   LYS 6   5   5   LYS LYS A . n 
A 1 7   ILE 7   6   6   ILE ILE A . n 
A 1 8   ARG 8   7   7   ARG ARG A . n 
A 1 9   GLU 9   8   8   GLU GLU A . n 
A 1 10  ALA 10  9   9   ALA ALA A . n 
A 1 11  LEU 11  10  10  LEU LEU A . n 
A 1 12  ASN 12  11  11  ASN ASN A . n 
A 1 13  ALA 13  12  12  ALA ALA A . n 
A 1 14  HIS 14  13  13  HIS HIS A . n 
A 1 15  TRP 15  14  14  TRP TRP A . n 
A 1 16  GLN 16  15  15  GLN GLN A . n 
A 1 17  ALA 17  16  16  ALA ALA A . n 
A 1 18  SER 18  17  17  SER SER A . n 
A 1 19  ALA 19  18  18  ALA ALA A . n 
A 1 20  ALA 20  19  19  ALA ALA A . n 
A 1 21  GLY 21  20  20  GLY GLY A . n 
A 1 22  ASP 22  21  21  ASP ASP A . n 
A 1 23  PHE 23  22  22  PHE PHE A . n 
A 1 24  ASP 24  23  23  ASP ASP A . n 
A 1 25  ALA 25  24  24  ALA ALA A . n 
A 1 26  GLU 26  25  25  GLU GLU A . n 
A 1 27  HIS 27  26  26  HIS HIS A . n 
A 1 28  ASP 28  27  27  ASP ASP A . n 
A 1 29  ILE 29  28  28  ILE ILE A . n 
A 1 30  TYR 30  29  29  TYR TYR A . n 
A 1 31  ASP 31  30  30  ASP ASP A . n 
A 1 32  ASP 32  31  31  ASP ASP A . n 
A 1 33  ASP 33  32  32  ASP ASP A . n 
A 1 34  ALA 34  33  33  ALA ALA A . n 
A 1 35  ILE 35  34  34  ILE ILE A . n 
A 1 36  CYS 36  35  35  CYS CYS A . n 
A 1 37  ASP 37  36  36  ASP ASP A . n 
A 1 38  TYR 38  37  37  TYR TYR A . n 
A 1 39  PRO 39  38  38  PRO PRO A . n 
A 1 40  GLN 40  39  39  GLN GLN A . n 
A 1 41  SER 41  40  40  SER SER A . n 
A 1 42  GLY 42  41  41  GLY GLY A . n 
A 1 43  GLU 43  42  42  GLU GLU A . n 
A 1 44  ARG 44  43  43  ARG ARG A . n 
A 1 45  ILE 45  44  44  ILE ILE A . n 
A 1 46  LEU 46  45  45  LEU LEU A . n 
A 1 47  GLY 47  46  46  GLY GLY A . n 
A 1 48  ARG 48  47  47  ARG ARG A . n 
A 1 49  MSE 49  48  48  MSE MSE A . n 
A 1 50  ASN 50  49  49  ASN ASN A . n 
A 1 51  LEU 51  50  50  LEU LEU A . n 
A 1 52  GLN 52  51  51  GLN GLN A . n 
A 1 53  ALA 53  52  52  ALA ALA A . n 
A 1 54  LEU 54  53  53  LEU LEU A . n 
A 1 55  ARG 55  54  54  ARG ARG A . n 
A 1 56  SER 56  55  55  SER SER A . n 
A 1 57  HIS 57  56  56  HIS HIS A . n 
A 1 58  HIS 58  57  57  HIS HIS A . n 
A 1 59  PRO 59  58  58  PRO PRO A . n 
A 1 60  GLY 60  59  59  GLY GLY A . n 
A 1 61  LYS 61  60  60  LYS LYS A . n 
A 1 62  PRO 62  61  61  PRO PRO A . n 
A 1 63  ALA 63  62  62  ALA ALA A . n 
A 1 64  GLY 64  63  63  GLY GLY A . n 
A 1 65  PHE 65  64  64  PHE PHE A . n 
A 1 66  GLU 66  65  65  GLU GLU A . n 
A 1 67  VAL 67  66  66  VAL VAL A . n 
A 1 68  ARG 68  67  67  ARG ARG A . n 
A 1 69  ARG 69  68  68  ARG ARG A . n 
A 1 70  ILE 70  69  69  ILE ILE A . n 
A 1 71  GLN 71  70  70  GLN GLN A . n 
A 1 72  GLY 72  71  71  GLY GLY A . n 
A 1 73  GLU 73  72  72  GLU GLU A . n 
A 1 74  GLY 74  73  73  GLY GLY A . n 
A 1 75  ASN 75  74  74  ASN ASN A . n 
A 1 76  LEU 76  75  75  LEU LEU A . n 
A 1 77  TRP 77  76  76  TRP TRP A . n 
A 1 78  ILE 78  77  77  ILE ILE A . n 
A 1 79  THR 79  78  78  THR THR A . n 
A 1 80  GLU 80  79  79  GLU GLU A . n 
A 1 81  TYR 81  80  80  TYR TYR A . n 
A 1 82  SER 82  81  81  SER SER A . n 
A 1 83  ILE 83  82  82  ILE ILE A . n 
A 1 84  SER 84  83  83  SER SER A . n 
A 1 85  TYR 85  84  84  TYR TYR A . n 
A 1 86  ASN 86  85  85  ASN ASN A . n 
A 1 87  GLY 87  86  86  GLY GLY A . n 
A 1 88  ARG 88  87  87  ARG ARG A . n 
A 1 89  PRO 89  88  88  PRO PRO A . n 
A 1 90  ALA 90  89  89  ALA ALA A . n 
A 1 91  TYR 91  90  90  TYR TYR A . n 
A 1 92  THR 92  91  91  THR THR A . n 
A 1 93  VAL 93  92  92  VAL VAL A . n 
A 1 94  SER 94  93  93  SER SER A . n 
A 1 95  ILE 95  94  94  ILE ILE A . n 
A 1 96  MSE 96  95  95  MSE MSE A . n 
A 1 97  GLU 97  96  96  GLU GLU A . n 
A 1 98  PHE 98  97  97  PHE PHE A . n 
A 1 99  ARG 99  98  98  ARG ARG A . n 
A 1 100 ASN 100 99  99  ASN ASN A . n 
A 1 101 GLY 101 100 100 GLY GLY A . n 
A 1 102 LYS 102 101 101 LYS LYS A . n 
A 1 103 VAL 103 102 102 VAL VAL A . n 
A 1 104 VAL 104 103 103 VAL VAL A . n 
A 1 105 HIS 105 104 104 HIS HIS A . n 
A 1 106 GLU 106 105 105 GLU GLU A . n 
A 1 107 THR 107 106 106 THR THR A . n 
A 1 108 GLN 108 107 107 GLN GLN A . n 
A 1 109 TYR 109 108 108 TYR TYR A . n 
A 1 110 PHE 110 109 109 PHE PHE A . n 
A 1 111 SER 111 110 110 SER SER A . n 
A 1 112 ASP 112 111 111 ASP ASP A . n 
A 1 113 PRO 113 112 112 PRO PRO A . n 
A 1 114 PHE 114 113 113 PHE PHE A . n 
A 1 115 GLU 115 114 114 GLU GLU A . n 
A 1 116 ALA 116 115 115 ALA ALA A . n 
A 1 117 PRO 117 116 116 PRO PRO A . n 
A 1 118 GLY 118 117 117 GLY GLY A . n 
A 1 119 TRP 119 118 118 TRP TRP A . n 
A 1 120 ARG 120 119 119 ARG ARG A . n 
A 1 121 SER 121 120 120 SER SER A . n 
A 1 122 GLN 122 121 121 GLN GLN A . n 
A 1 123 TRP 123 122 122 TRP TRP A . n 
A 1 124 VAL 124 123 123 VAL VAL A . n 
A 1 125 GLN 125 124 124 GLN GLN A . n 
A 1 126 GLN 126 125 125 GLN GLN A . n 
A 1 127 ILE 127 126 126 ILE ILE A . n 
A 1 128 GLY 128 127 127 GLY GLY A . n 
# 
loop_
_pdbx_nonpoly_scheme.asym_id 
_pdbx_nonpoly_scheme.entity_id 
_pdbx_nonpoly_scheme.mon_id 
_pdbx_nonpoly_scheme.ndb_seq_num 
_pdbx_nonpoly_scheme.pdb_seq_num 
_pdbx_nonpoly_scheme.auth_seq_num 
_pdbx_nonpoly_scheme.pdb_mon_id 
_pdbx_nonpoly_scheme.auth_mon_id 
_pdbx_nonpoly_scheme.pdb_strand_id 
_pdbx_nonpoly_scheme.pdb_ins_code 
B 2 CA  1   128 1   CA  CA  A . 
C 3 ACT 1   129 2   ACT ACT A . 
D 4 PEG 1   130 3   PEG PEG A . 
E 5 PG4 1   131 4   PG4 PG4 A . 
F 6 HOH 1   132 5   HOH HOH A . 
F 6 HOH 2   133 6   HOH HOH A . 
F 6 HOH 3   134 7   HOH HOH A . 
F 6 HOH 4   135 8   HOH HOH A . 
F 6 HOH 5   136 9   HOH HOH A . 
F 6 HOH 6   137 10  HOH HOH A . 
F 6 HOH 7   138 11  HOH HOH A . 
F 6 HOH 8   139 12  HOH HOH A . 
F 6 HOH 9   140 13  HOH HOH A . 
F 6 HOH 10  141 14  HOH HOH A . 
F 6 HOH 11  142 15  HOH HOH A . 
F 6 HOH 12  143 16  HOH HOH A . 
F 6 HOH 13  144 17  HOH HOH A . 
F 6 HOH 14  145 18  HOH HOH A . 
F 6 HOH 15  146 19  HOH HOH A . 
F 6 HOH 16  147 20  HOH HOH A . 
F 6 HOH 17  148 21  HOH HOH A . 
F 6 HOH 18  149 22  HOH HOH A . 
F 6 HOH 19  150 23  HOH HOH A . 
F 6 HOH 20  151 24  HOH HOH A . 
F 6 HOH 21  152 25  HOH HOH A . 
F 6 HOH 22  153 26  HOH HOH A . 
F 6 HOH 23  154 27  HOH HOH A . 
F 6 HOH 24  155 28  HOH HOH A . 
F 6 HOH 25  156 29  HOH HOH A . 
F 6 HOH 26  157 30  HOH HOH A . 
F 6 HOH 27  158 31  HOH HOH A . 
F 6 HOH 28  159 32  HOH HOH A . 
F 6 HOH 29  160 33  HOH HOH A . 
F 6 HOH 30  161 34  HOH HOH A . 
F 6 HOH 31  162 35  HOH HOH A . 
F 6 HOH 32  163 36  HOH HOH A . 
F 6 HOH 33  164 37  HOH HOH A . 
F 6 HOH 34  165 38  HOH HOH A . 
F 6 HOH 35  166 39  HOH HOH A . 
F 6 HOH 36  167 40  HOH HOH A . 
F 6 HOH 37  168 41  HOH HOH A . 
F 6 HOH 38  169 42  HOH HOH A . 
F 6 HOH 39  170 43  HOH HOH A . 
F 6 HOH 40  171 44  HOH HOH A . 
F 6 HOH 41  172 55  HOH HOH A . 
F 6 HOH 42  173 56  HOH HOH A . 
F 6 HOH 43  174 57  HOH HOH A . 
F 6 HOH 44  175 58  HOH HOH A . 
F 6 HOH 45  176 59  HOH HOH A . 
F 6 HOH 46  177 60  HOH HOH A . 
F 6 HOH 47  178 61  HOH HOH A . 
F 6 HOH 48  179 62  HOH HOH A . 
F 6 HOH 49  180 63  HOH HOH A . 
F 6 HOH 50  181 64  HOH HOH A . 
F 6 HOH 51  182 65  HOH HOH A . 
F 6 HOH 52  183 66  HOH HOH A . 
F 6 HOH 53  184 67  HOH HOH A . 
F 6 HOH 54  185 68  HOH HOH A . 
F 6 HOH 55  186 69  HOH HOH A . 
F 6 HOH 56  187 70  HOH HOH A . 
F 6 HOH 57  188 71  HOH HOH A . 
F 6 HOH 58  189 72  HOH HOH A . 
F 6 HOH 59  190 73  HOH HOH A . 
F 6 HOH 60  191 74  HOH HOH A . 
F 6 HOH 61  192 75  HOH HOH A . 
F 6 HOH 62  193 76  HOH HOH A . 
F 6 HOH 63  194 77  HOH HOH A . 
F 6 HOH 64  195 78  HOH HOH A . 
F 6 HOH 65  196 79  HOH HOH A . 
F 6 HOH 66  197 80  HOH HOH A . 
F 6 HOH 67  198 81  HOH HOH A . 
F 6 HOH 68  199 82  HOH HOH A . 
F 6 HOH 69  200 83  HOH HOH A . 
F 6 HOH 70  201 84  HOH HOH A . 
F 6 HOH 71  202 85  HOH HOH A . 
F 6 HOH 72  203 86  HOH HOH A . 
F 6 HOH 73  204 87  HOH HOH A . 
F 6 HOH 74  205 88  HOH HOH A . 
F 6 HOH 75  206 89  HOH HOH A . 
F 6 HOH 76  207 90  HOH HOH A . 
F 6 HOH 77  208 91  HOH HOH A . 
F 6 HOH 78  209 92  HOH HOH A . 
F 6 HOH 79  210 93  HOH HOH A . 
F 6 HOH 80  211 94  HOH HOH A . 
F 6 HOH 81  212 95  HOH HOH A . 
F 6 HOH 82  213 96  HOH HOH A . 
F 6 HOH 83  214 97  HOH HOH A . 
F 6 HOH 84  215 98  HOH HOH A . 
F 6 HOH 85  216 99  HOH HOH A . 
F 6 HOH 86  217 100 HOH HOH A . 
F 6 HOH 87  218 101 HOH HOH A . 
F 6 HOH 88  219 102 HOH HOH A . 
F 6 HOH 89  220 103 HOH HOH A . 
F 6 HOH 90  221 104 HOH HOH A . 
F 6 HOH 91  222 105 HOH HOH A . 
F 6 HOH 92  223 106 HOH HOH A . 
F 6 HOH 93  224 107 HOH HOH A . 
F 6 HOH 94  225 108 HOH HOH A . 
F 6 HOH 95  226 109 HOH HOH A . 
F 6 HOH 96  227 110 HOH HOH A . 
F 6 HOH 97  228 111 HOH HOH A . 
F 6 HOH 98  229 112 HOH HOH A . 
F 6 HOH 99  230 113 HOH HOH A . 
F 6 HOH 100 231 114 HOH HOH A . 
F 6 HOH 101 232 115 HOH HOH A . 
F 6 HOH 102 233 116 HOH HOH A . 
F 6 HOH 103 234 117 HOH HOH A . 
F 6 HOH 104 235 118 HOH HOH A . 
F 6 HOH 105 236 119 HOH HOH A . 
F 6 HOH 106 237 120 HOH HOH A . 
F 6 HOH 107 238 121 HOH HOH A . 
F 6 HOH 108 239 122 HOH HOH A . 
F 6 HOH 109 240 123 HOH HOH A . 
F 6 HOH 110 241 124 HOH HOH A . 
F 6 HOH 111 242 125 HOH HOH A . 
F 6 HOH 112 243 126 HOH HOH A . 
F 6 HOH 113 244 127 HOH HOH A . 
F 6 HOH 114 245 128 HOH HOH A . 
F 6 HOH 115 246 129 HOH HOH A . 
F 6 HOH 116 247 130 HOH HOH A . 
F 6 HOH 117 248 131 HOH HOH A . 
F 6 HOH 118 249 132 HOH HOH A . 
F 6 HOH 119 250 133 HOH HOH A . 
F 6 HOH 120 251 134 HOH HOH A . 
F 6 HOH 121 252 135 HOH HOH A . 
F 6 HOH 122 253 136 HOH HOH A . 
F 6 HOH 123 254 137 HOH HOH A . 
F 6 HOH 124 255 138 HOH HOH A . 
F 6 HOH 125 256 139 HOH HOH A . 
F 6 HOH 126 257 140 HOH HOH A . 
F 6 HOH 127 258 141 HOH HOH A . 
F 6 HOH 128 259 142 HOH HOH A . 
F 6 HOH 129 260 143 HOH HOH A . 
# 
loop_
_pdbx_unobs_or_zero_occ_atoms.id 
_pdbx_unobs_or_zero_occ_atoms.PDB_model_num 
_pdbx_unobs_or_zero_occ_atoms.polymer_flag 
_pdbx_unobs_or_zero_occ_atoms.occupancy_flag 
_pdbx_unobs_or_zero_occ_atoms.auth_asym_id 
_pdbx_unobs_or_zero_occ_atoms.auth_comp_id 
_pdbx_unobs_or_zero_occ_atoms.auth_seq_id 
_pdbx_unobs_or_zero_occ_atoms.PDB_ins_code 
_pdbx_unobs_or_zero_occ_atoms.auth_atom_id 
_pdbx_unobs_or_zero_occ_atoms.label_alt_id 
_pdbx_unobs_or_zero_occ_atoms.label_asym_id 
_pdbx_unobs_or_zero_occ_atoms.label_comp_id 
_pdbx_unobs_or_zero_occ_atoms.label_seq_id 
_pdbx_unobs_or_zero_occ_atoms.label_atom_id 
1  1 Y 1 A ARG 2  ? NE  ? A ARG 3  NE  
2  1 Y 1 A ARG 2  ? CZ  ? A ARG 3  CZ  
3  1 Y 1 A ARG 2  ? NH1 ? A ARG 3  NH1 
4  1 Y 1 A ARG 2  ? NH2 ? A ARG 3  NH2 
5  1 Y 1 A ARG 87 ? NE  ? A ARG 88 NE  
6  1 Y 1 A ARG 87 ? CZ  ? A ARG 88 CZ  
7  1 Y 1 A ARG 87 ? NH1 ? A ARG 88 NH1 
8  1 Y 1 A ARG 87 ? NH2 ? A ARG 88 NH2 
9  1 Y 1 A ARG 98 ? CD  ? A ARG 99 CD  
10 1 Y 1 A ARG 98 ? NE  ? A ARG 99 NE  
11 1 Y 1 A ARG 98 ? CZ  ? A ARG 99 CZ  
12 1 Y 1 A ARG 98 ? NH1 ? A ARG 99 NH1 
13 1 Y 1 A ARG 98 ? NH2 ? A ARG 99 NH2 
# 
loop_
_software.name 
_software.version 
_software.date 
_software.type 
_software.contact_author 
_software.contact_author_email 
_software.classification 
_software.location 
_software.language 
_software.citation_id 
_software.pdbx_ordinal 
REFMAC      5.4.0069 ?               program 'Garib N. Murshudov'         garib@ysbl.york.ac.uk                refinement        
http://www.ccp4.ac.uk/dist/html/refmac5.html Fortran_77 ? 1 
PHENIX      .        ?               package 'P.D. Adams'                 PDAdams@lbl.gov                      refinement        
http://www.phenix-online.org/                C++        ? 2 
SOLVE       .        ?               program 'Tom Terwilliger'            terwilliger@LANL.gov                 phasing           
http://www.solve.lanl.gov/                   ?          ? 3 
MolProbity  3beta29  ?               package 'D.C. & J.S. Richardson lab' molprobity@kinemage.biochem.duke.edu 'model building'  
http://kinemage.biochem.duke.edu/molprobity/ ?          ? 4 
SCALA       3.2.5    5/04/2004       other   'Phil R. Evans'              pre@mrc-lmb.cam.ac.uk                'data scaling'    
http://www.ccp4.ac.uk/dist/html/scala.html   Fortran_77 ? 5 
PDB_EXTRACT 3.006    'June 11, 2008' package PDB                          help@deposit.rcsb.org                'data extraction' 
http://sw-tools.pdb.org/apps/PDB_EXTRACT/    C++        ? 6 
MOSFLM      .        ?               ?       ?                            ?                                    'data reduction'  ? 
?          ? 7 
# 
_cell.entry_id           3EN8 
_cell.length_a           61.507 
_cell.length_b           60.329 
_cell.length_c           92.614 
_cell.angle_alpha        90.000 
_cell.angle_beta         90.000 
_cell.angle_gamma        90.000 
_cell.pdbx_unique_axis   ? 
_cell.Z_PDB              8 
_cell.length_a_esd       ? 
_cell.length_b_esd       ? 
_cell.length_c_esd       ? 
_cell.angle_alpha_esd    ? 
_cell.angle_beta_esd     ? 
_cell.angle_gamma_esd    ? 
# 
_symmetry.entry_id                         3EN8 
_symmetry.Int_Tables_number                20 
_symmetry.space_group_name_H-M             'C 2 2 21' 
_symmetry.pdbx_full_space_group_name_H-M   ? 
_symmetry.cell_setting                     ? 
_symmetry.space_group_name_Hall            ? 
# 
_exptl.crystals_number   1 
_exptl.method            'X-RAY DIFFRACTION' 
_exptl.entry_id          3EN8 
# 
_exptl_crystal.id                    1 
_exptl_crystal.density_Matthews      2.90 
_exptl_crystal.density_meas          ? 
_exptl_crystal.density_percent_sol   57.53 
_exptl_crystal.description           ? 
_exptl_crystal.F_000                 ? 
_exptl_crystal.preparation           ? 
# 
_exptl_crystal_grow.crystal_id      1 
_exptl_crystal_grow.method          'VAPOR DIFFUSION, SITTING DROP' 
_exptl_crystal_grow.pH              6.5 
_exptl_crystal_grow.temp            277 
_exptl_crystal_grow.pdbx_details    
'0.2000M Ca(OAc)2, 40.0000% PEG-600, 0.1M Cacodylate pH 6.5, NANODROP, VAPOR DIFFUSION, SITTING DROP, temperature 277K' 
_exptl_crystal_grow.temp_details    ? 
_exptl_crystal_grow.pdbx_pH_range   ? 
# 
_diffrn.id                     1 
_diffrn.ambient_temp           100 
_diffrn.ambient_temp_details   ? 
_diffrn.crystal_id             1 
# 
_diffrn_detector.diffrn_id              1 
_diffrn_detector.detector               CCD 
_diffrn_detector.type                   'MARMOSAIC 325 mm CCD' 
_diffrn_detector.details                'Flat collimating mirror, toroid focusing mirror' 
_diffrn_detector.pdbx_collection_date   2008-08-03 
# 
_diffrn_radiation.diffrn_id                        1 
_diffrn_radiation.pdbx_monochromatic_or_laue_m_l   M 
_diffrn_radiation.monochromator                    'Double crystal monochromator' 
_diffrn_radiation.pdbx_diffrn_protocol             MAD 
_diffrn_radiation.wavelength_id                    1 
_diffrn_radiation.pdbx_scattering_type             x-ray 
# 
loop_
_diffrn_radiation_wavelength.id 
_diffrn_radiation_wavelength.wavelength 
_diffrn_radiation_wavelength.wt 
1 0.91162 1.0 
2 0.97920 1.0 
3 0.97934 1.0 
# 
_diffrn_source.diffrn_id                   1 
_diffrn_source.source                      SYNCHROTRON 
_diffrn_source.pdbx_synchrotron_beamline   BL9-2 
_diffrn_source.type                        'SSRL BEAMLINE BL9-2' 
_diffrn_source.pdbx_wavelength_list        0.91162,0.97920,0.97934 
_diffrn_source.pdbx_wavelength             ? 
_diffrn_source.pdbx_synchrotron_site       SSRL 
# 
_reflns.entry_id                     3EN8 
_reflns.d_resolution_high            1.85 
_reflns.d_resolution_low             29.185 
_reflns.number_obs                   15025 
_reflns.pdbx_Rmerge_I_obs            0.090 
_reflns.pdbx_netI_over_sigmaI        5.802 
_reflns.pdbx_Rsym_value              0.090 
_reflns.pdbx_redundancy              3.400 
_reflns.percent_possible_obs         99.700 
_reflns.observed_criterion_sigma_F   ? 
_reflns.observed_criterion_sigma_I   ? 
_reflns.number_all                   ? 
_reflns.B_iso_Wilson_estimate        17.556 
_reflns.R_free_details               ? 
_reflns.limit_h_max                  ? 
_reflns.limit_h_min                  ? 
_reflns.limit_k_max                  ? 
_reflns.limit_k_min                  ? 
_reflns.limit_l_max                  ? 
_reflns.limit_l_min                  ? 
_reflns.observed_criterion_F_max     ? 
_reflns.observed_criterion_F_min     ? 
_reflns.pdbx_chi_squared             ? 
_reflns.pdbx_scaling_rejects         ? 
_reflns.pdbx_ordinal                 1 
_reflns.pdbx_diffrn_id               1 
# 
loop_
_reflns_shell.d_res_high 
_reflns_shell.d_res_low 
_reflns_shell.number_measured_obs 
_reflns_shell.number_measured_all 
_reflns_shell.number_unique_obs 
_reflns_shell.Rmerge_I_obs 
_reflns_shell.meanI_over_sigI_obs 
_reflns_shell.pdbx_Rsym_value 
_reflns_shell.pdbx_chi_squared 
_reflns_shell.pdbx_redundancy 
_reflns_shell.percent_possible_obs 
_reflns_shell.number_unique_all 
_reflns_shell.percent_possible_all 
_reflns_shell.pdbx_ordinal 
_reflns_shell.pdbx_diffrn_id 
1.85 1.90  ? 3733 ? 0.373 2.1  0.373 ? 3.40 ? 1098 99.30  1  1 
1.90 1.95  ? 3605 ? 0.270 2.8  0.270 ? 3.40 ? 1063 99.20  2  1 
1.95 2.01  ? 3549 ? 0.218 3.4  0.218 ? 3.50 ? 1018 99.40  3  1 
2.01 2.07  ? 3540 ? 0.182 4.0  0.182 ? 3.50 ? 1009 99.60  4  1 
2.07 2.14  ? 3421 ? 0.172 4.2  0.172 ? 3.50 ? 976  99.70  5  1 
2.14 2.21  ? 3341 ? 0.150 4.8  0.150 ? 3.50 ? 954  99.80  6  1 
2.21 2.29  ? 3229 ? 0.137 5.2  0.137 ? 3.50 ? 915  99.80  7  1 
2.29 2.39  ? 3112 ? 0.126 5.6  0.126 ? 3.50 ? 884  99.70  8  1 
2.39 2.49  ? 2939 ? 0.112 6.3  0.112 ? 3.50 ? 843  100.00 9  1 
2.49 2.62  ? 2817 ? 0.101 6.5  0.101 ? 3.50 ? 810  99.80  10 1 
2.62 2.76  ? 2718 ? 0.093 7.3  0.093 ? 3.50 ? 784  99.90  11 1 
2.76 2.93  ? 2531 ? 0.089 7.3  0.089 ? 3.40 ? 736  99.90  12 1 
2.93 3.13  ? 2351 ? 0.077 8.2  0.077 ? 3.40 ? 694  99.80  13 1 
3.13 3.38  ? 2166 ? 0.064 9.3  0.064 ? 3.30 ? 649  99.90  14 1 
3.38 3.70  ? 1955 ? 0.060 9.5  0.060 ? 3.30 ? 600  99.80  15 1 
3.70 4.14  ? 1754 ? 0.056 10.3 0.056 ? 3.20 ? 545  100.00 16 1 
4.14 4.78  ? 1571 ? 0.060 9.4  0.060 ? 3.20 ? 497  100.00 17 1 
4.78 5.85  ? 1285 ? 0.066 8.2  0.066 ? 3.10 ? 417  100.00 18 1 
5.85 8.27  ? 1038 ? 0.072 6.6  0.072 ? 3.10 ? 335  100.00 19 1 
8.27 29.19 ? 549  ? 0.061 7.8  0.061 ? 2.80 ? 198  97.30  20 1 
# 
_refine.entry_id                                 3EN8 
_refine.ls_d_res_high                            1.850 
_refine.ls_d_res_low                             29.185 
_refine.pdbx_ls_sigma_F                          0.00 
_refine.ls_percent_reflns_obs                    99.520 
_refine.ls_number_reflns_obs                     15003 
_refine.pdbx_ls_cross_valid_method               THROUGHOUT 
_refine.pdbx_R_Free_selection_details            RANDOM 
_refine.details                                  
;(1). HYDROGENS HAVE BEEN ADDED IN THE RIDING POSITIONS.
 (2). A MET-INHIBITION PROTOCOL WAS USED FOR SELENOMETHIONINE
 INCORPORATION DURING PROTEIN EXPRESSION. THE OCCUPANCY
 OF THE SE ATOMS IN THE MSE RESIDUES WAS REDUCED TO 0.75
 TO ACCOUNT FOR THE REDUCED SCATTERING POWER DUE TO PARTIAL
 S-MET INCORPORATION.
 (3). ATOM RECORDS CONTAIN RESIDUAL B FACTORS ONLY.
 (4). CA ION AND ACETATE ION (ACT) AND PEG 600 FRAGMENT
 (PEG AND PG4) WERE MODELED BASED ON CRYSTALLIZATION CONDITION.
;
_refine.ls_R_factor_obs                          0.187 
_refine.ls_R_factor_R_work                       0.185 
_refine.ls_R_factor_R_free                       0.228 
_refine.ls_percent_reflns_R_free                 5.100 
_refine.ls_number_reflns_R_free                  760 
_refine.B_iso_mean                               21.351 
_refine.aniso_B[1][1]                            0.310 
_refine.aniso_B[2][2]                            -0.390 
_refine.aniso_B[3][3]                            0.080 
_refine.aniso_B[1][2]                            0.000 
_refine.aniso_B[1][3]                            0.000 
_refine.aniso_B[2][3]                            0.000 
_refine.correlation_coeff_Fo_to_Fc               0.937 
_refine.correlation_coeff_Fo_to_Fc_free          0.909 
_refine.pdbx_overall_ESU_R                       0.127 
_refine.pdbx_overall_ESU_R_Free                  0.127 
_refine.overall_SU_ML                            0.073 
_refine.overall_SU_B                             4.475 
_refine.solvent_model_details                    MASK 
_refine.pdbx_solvent_vdw_probe_radii             1.200 
_refine.pdbx_solvent_ion_probe_radii             0.800 
_refine.pdbx_solvent_shrinkage_radii             0.800 
_refine.pdbx_method_to_determine_struct          MAD 
_refine.pdbx_stereochemistry_target_values       'MAXIMUM LIKELIHOOD WITH PHASES' 
_refine.B_iso_max                                68.57 
_refine.B_iso_min                                8.66 
_refine.occupancy_max                            1.00 
_refine.occupancy_min                            0.25 
_refine.pdbx_ls_sigma_I                          ? 
_refine.ls_number_reflns_all                     ? 
_refine.ls_R_factor_all                          ? 
_refine.ls_redundancy_reflns_obs                 ? 
_refine.pdbx_data_cutoff_high_absF               ? 
_refine.pdbx_data_cutoff_low_absF                ? 
_refine.ls_number_parameters                     ? 
_refine.ls_number_restraints                     ? 
_refine.ls_R_factor_R_free_error                 ? 
_refine.ls_R_factor_R_free_error_details         ? 
_refine.pdbx_starting_model                      ? 
_refine.pdbx_stereochem_target_val_spec_case     ? 
_refine.solvent_model_param_bsol                 ? 
_refine.solvent_model_param_ksol                 ? 
_refine.pdbx_isotropic_thermal_model             ? 
_refine.overall_SU_R_Cruickshank_DPI             ? 
_refine.overall_SU_R_free                        ? 
_refine.pdbx_data_cutoff_high_rms_absF           ? 
_refine.ls_wR_factor_R_free                      ? 
_refine.ls_wR_factor_R_work                      ? 
_refine.overall_FOM_free_R_set                   ? 
_refine.overall_FOM_work_R_set                   ? 
_refine.pdbx_overall_phase_error                 ? 
_refine.pdbx_refine_id                           'X-RAY DIFFRACTION' 
_refine.pdbx_TLS_residual_ADP_flag               'LIKELY RESIDUAL' 
_refine.pdbx_diffrn_id                           1 
_refine.pdbx_overall_SU_R_free_Cruickshank_DPI   ? 
_refine.pdbx_overall_SU_R_Blow_DPI               ? 
_refine.pdbx_overall_SU_R_free_Blow_DPI          ? 
# 
_refine_hist.pdbx_refine_id                   'X-RAY DIFFRACTION' 
_refine_hist.cycle_id                         LAST 
_refine_hist.pdbx_number_atoms_protein        1024 
_refine_hist.pdbx_number_atoms_nucleic_acid   0 
_refine_hist.pdbx_number_atoms_ligand         25 
_refine_hist.number_atoms_solvent             129 
_refine_hist.number_atoms_total               1178 
_refine_hist.d_res_high                       1.850 
_refine_hist.d_res_low                        29.185 
# 
loop_
_refine_ls_restr.type 
_refine_ls_restr.number 
_refine_ls_restr.dev_ideal 
_refine_ls_restr.dev_ideal_target 
_refine_ls_restr.weight 
_refine_ls_restr.pdbx_refine_id 
_refine_ls_restr.pdbx_restraint_function 
r_bond_refined_d       1134 0.016  0.021  ? 'X-RAY DIFFRACTION' ? 
r_bond_other_d         788  0.001  0.020  ? 'X-RAY DIFFRACTION' ? 
r_angle_refined_deg    1526 1.362  1.939  ? 'X-RAY DIFFRACTION' ? 
r_angle_other_deg      1901 1.332  3.000  ? 'X-RAY DIFFRACTION' ? 
r_dihedral_angle_1_deg 136  6.269  5.000  ? 'X-RAY DIFFRACTION' ? 
r_dihedral_angle_2_deg 61   37.701 24.098 ? 'X-RAY DIFFRACTION' ? 
r_dihedral_angle_3_deg 173  11.167 15.000 ? 'X-RAY DIFFRACTION' ? 
r_dihedral_angle_4_deg 8    14.309 15.000 ? 'X-RAY DIFFRACTION' ? 
r_chiral_restr         144  0.088  0.200  ? 'X-RAY DIFFRACTION' ? 
r_gen_planes_refined   1295 0.008  0.021  ? 'X-RAY DIFFRACTION' ? 
r_gen_planes_other     241  0.002  0.020  ? 'X-RAY DIFFRACTION' ? 
r_mcbond_it            669  1.649  3.000  ? 'X-RAY DIFFRACTION' ? 
r_mcbond_other         271  0.521  3.000  ? 'X-RAY DIFFRACTION' ? 
r_mcangle_it           1068 2.565  5.000  ? 'X-RAY DIFFRACTION' ? 
r_scbond_it            465  3.359  5.000  ? 'X-RAY DIFFRACTION' ? 
r_scangle_it           458  5.018  8.000  ? 'X-RAY DIFFRACTION' ? 
# 
_refine_ls_shell.d_res_high                       1.850 
_refine_ls_shell.d_res_low                        1.898 
_refine_ls_shell.pdbx_total_number_of_bins_used   20 
_refine_ls_shell.percent_reflns_obs               99.000 
_refine_ls_shell.number_reflns_R_work             1030 
_refine_ls_shell.R_factor_all                     ? 
_refine_ls_shell.R_factor_R_work                  0.194 
_refine_ls_shell.R_factor_R_free                  0.247 
_refine_ls_shell.percent_reflns_R_free            ? 
_refine_ls_shell.number_reflns_R_free             64 
_refine_ls_shell.R_factor_R_free_error            ? 
_refine_ls_shell.number_reflns_all                1094 
_refine_ls_shell.number_reflns_obs                ? 
_refine_ls_shell.redundancy_reflns_obs            ? 
_refine_ls_shell.pdbx_refine_id                   'X-RAY DIFFRACTION' 
# 
_struct.entry_id                  3EN8 
_struct.title                     
'Crystal structure of NTF-2 like protein of unknown function (YP_553245.1) from BURKHOLDERIA XENOVORANS LB400 at 1.85 A resolution' 
_struct.pdbx_model_details        ? 
_struct.pdbx_CASP_flag            ? 
_struct.pdbx_model_type_details   ? 
# 
_struct_keywords.text            
;YP_553245.1, NTF-2 like protein of unknown function, Structural Genomics, Joint Center for Structural Genomics, JCSG, Protein Structure Initiative, PSI-2, unknown function
;
_struct_keywords.pdbx_keywords   'structural genomics, unknown function' 
_struct_keywords.entry_id        3EN8 
# 
loop_
_struct_asym.id 
_struct_asym.pdbx_blank_PDB_chainid_flag 
_struct_asym.pdbx_modified 
_struct_asym.entity_id 
_struct_asym.details 
A N N 1 ? 
B N N 2 ? 
C N N 3 ? 
D N N 4 ? 
E N N 5 ? 
F N N 6 ? 
# 
_struct_ref.id                         1 
_struct_ref.db_name                    UNP 
_struct_ref.db_code                    Q13PU4_BURXL 
_struct_ref.pdbx_db_accession          Q13PU4 
_struct_ref.entity_id                  1 
_struct_ref.pdbx_seq_one_letter_code   
;MREEKIREALNAHWQASAAGDFDAEHDIYDDDAICDYPQSGERILGRMNLQALRSHHPGKPAGFEVRRIQGEGNLWITEY
SISYNGRPAYTVSIMEFRNGKVVHETQYFSDPFEAPGWRSQWVQQIG
;
_struct_ref.pdbx_align_begin           1 
_struct_ref.pdbx_db_isoform            ? 
# 
_struct_ref_seq.align_id                      1 
_struct_ref_seq.ref_id                        1 
_struct_ref_seq.pdbx_PDB_id_code              3EN8 
_struct_ref_seq.pdbx_strand_id                A 
_struct_ref_seq.seq_align_beg                 2 
_struct_ref_seq.pdbx_seq_align_beg_ins_code   ? 
_struct_ref_seq.seq_align_end                 128 
_struct_ref_seq.pdbx_seq_align_end_ins_code   ? 
_struct_ref_seq.pdbx_db_accession             Q13PU4 
_struct_ref_seq.db_align_beg                  1 
_struct_ref_seq.pdbx_db_align_beg_ins_code    ? 
_struct_ref_seq.db_align_end                  127 
_struct_ref_seq.pdbx_db_align_end_ins_code    ? 
_struct_ref_seq.pdbx_auth_seq_align_beg       1 
_struct_ref_seq.pdbx_auth_seq_align_end       127 
# 
_struct_ref_seq_dif.align_id                     1 
_struct_ref_seq_dif.pdbx_pdb_id_code             3EN8 
_struct_ref_seq_dif.mon_id                       GLY 
_struct_ref_seq_dif.pdbx_pdb_strand_id           A 
_struct_ref_seq_dif.seq_num                      1 
_struct_ref_seq_dif.pdbx_pdb_ins_code            ? 
_struct_ref_seq_dif.pdbx_seq_db_name             UNP 
_struct_ref_seq_dif.pdbx_seq_db_accession_code   Q13PU4 
_struct_ref_seq_dif.db_mon_id                    ? 
_struct_ref_seq_dif.pdbx_seq_db_seq_num          ? 
_struct_ref_seq_dif.details                      'expression tag' 
_struct_ref_seq_dif.pdbx_auth_seq_num            0 
_struct_ref_seq_dif.pdbx_ordinal                 1 
# 
_pdbx_struct_assembly.id                   1 
_pdbx_struct_assembly.details              author_and_software_defined_assembly 
_pdbx_struct_assembly.method_details       PISA 
_pdbx_struct_assembly.oligomeric_details   dimeric 
_pdbx_struct_assembly.oligomeric_count     2 
# 
loop_
_pdbx_struct_assembly_prop.biol_id 
_pdbx_struct_assembly_prop.type 
_pdbx_struct_assembly_prop.value 
_pdbx_struct_assembly_prop.details 
1 'ABSA (A^2)' 6510  ? 
1 MORE         -21   ? 
1 'SSA (A^2)'  11980 ? 
# 
_pdbx_struct_assembly_gen.assembly_id       1 
_pdbx_struct_assembly_gen.oper_expression   1,2 
_pdbx_struct_assembly_gen.asym_id_list      A,B,C,D,E,F 
# 
loop_
_pdbx_struct_oper_list.id 
_pdbx_struct_oper_list.type 
_pdbx_struct_oper_list.name 
_pdbx_struct_oper_list.symmetry_operation 
_pdbx_struct_oper_list.matrix[1][1] 
_pdbx_struct_oper_list.matrix[1][2] 
_pdbx_struct_oper_list.matrix[1][3] 
_pdbx_struct_oper_list.vector[1] 
_pdbx_struct_oper_list.matrix[2][1] 
_pdbx_struct_oper_list.matrix[2][2] 
_pdbx_struct_oper_list.matrix[2][3] 
_pdbx_struct_oper_list.vector[2] 
_pdbx_struct_oper_list.matrix[3][1] 
_pdbx_struct_oper_list.matrix[3][2] 
_pdbx_struct_oper_list.matrix[3][3] 
_pdbx_struct_oper_list.vector[3] 
1 'identity operation'         1_555 x,y,z       1.0000000000  0.0000000000  0.0000000000 0.0000000000   0.0000000000  1.0000000000 0.0000000000  0.0000000000 0.0000000000 0.0000000000  1.0000000000  0.0000000000  
2 'crystal symmetry operation' 3_555 -x,y,-z+1/2 -0.9199881680 -0.2970423277 0.2557100433 -14.9360350322 -0.2970423277 0.1027637073 -0.9493184271 5.2822839277 0.2557100433 -0.9493184271 -0.1827755392 10.8095927844 
# 
_struct_biol.id   1 
# 
loop_
_struct_conf.conf_type_id 
_struct_conf.id 
_struct_conf.pdbx_PDB_helix_id 
_struct_conf.beg_label_comp_id 
_struct_conf.beg_label_asym_id 
_struct_conf.beg_label_seq_id 
_struct_conf.pdbx_beg_PDB_ins_code 
_struct_conf.end_label_comp_id 
_struct_conf.end_label_asym_id 
_struct_conf.end_label_seq_id 
_struct_conf.pdbx_end_PDB_ins_code 
_struct_conf.beg_auth_comp_id 
_struct_conf.beg_auth_asym_id 
_struct_conf.beg_auth_seq_id 
_struct_conf.end_auth_comp_id 
_struct_conf.end_auth_asym_id 
_struct_conf.end_auth_seq_id 
_struct_conf.pdbx_PDB_helix_class 
_struct_conf.details 
_struct_conf.pdbx_PDB_helix_length 
HELX_P HELX_P1 1 MSE A 2   ? GLY A 21  ? MSE A 1   GLY A 20  1 ? 20 
HELX_P HELX_P2 2 ASP A 22  ? HIS A 27  ? ASP A 21  HIS A 26  1 ? 6  
HELX_P HELX_P3 3 GLY A 47  ? HIS A 58  ? GLY A 46  HIS A 57  1 ? 12 
HELX_P HELX_P4 4 PRO A 117 ? VAL A 124 ? PRO A 116 VAL A 123 5 ? 8  
# 
_struct_conf_type.id          HELX_P 
_struct_conf_type.criteria    ? 
_struct_conf_type.reference   ? 
# 
loop_
_struct_conn.id 
_struct_conn.conn_type_id 
_struct_conn.pdbx_leaving_atom_flag 
_struct_conn.pdbx_PDB_id 
_struct_conn.ptnr1_label_asym_id 
_struct_conn.ptnr1_label_comp_id 
_struct_conn.ptnr1_label_seq_id 
_struct_conn.ptnr1_label_atom_id 
_struct_conn.pdbx_ptnr1_label_alt_id 
_struct_conn.pdbx_ptnr1_PDB_ins_code 
_struct_conn.pdbx_ptnr1_standard_comp_id 
_struct_conn.ptnr1_symmetry 
_struct_conn.ptnr2_label_asym_id 
_struct_conn.ptnr2_label_comp_id 
_struct_conn.ptnr2_label_seq_id 
_struct_conn.ptnr2_label_atom_id 
_struct_conn.pdbx_ptnr2_label_alt_id 
_struct_conn.pdbx_ptnr2_PDB_ins_code 
_struct_conn.ptnr1_auth_asym_id 
_struct_conn.ptnr1_auth_comp_id 
_struct_conn.ptnr1_auth_seq_id 
_struct_conn.ptnr2_auth_asym_id 
_struct_conn.ptnr2_auth_comp_id 
_struct_conn.ptnr2_auth_seq_id 
_struct_conn.ptnr2_symmetry 
_struct_conn.pdbx_ptnr3_label_atom_id 
_struct_conn.pdbx_ptnr3_label_seq_id 
_struct_conn.pdbx_ptnr3_label_comp_id 
_struct_conn.pdbx_ptnr3_label_asym_id 
_struct_conn.pdbx_ptnr3_label_alt_id 
_struct_conn.pdbx_ptnr3_PDB_ins_code 
_struct_conn.details 
_struct_conn.pdbx_dist_value 
_struct_conn.pdbx_value_order 
_struct_conn.pdbx_role 
covale1 covale both ? A GLY 1  C   ? ? ? 1_555 A MSE 2  N  ? ? A GLY 0   A MSE 1   1_555 ? ? ? ? ? ? ? 1.322 ? ? 
covale2 covale both ? A MSE 2  C   ? ? ? 1_555 A ARG 3  N  ? ? A MSE 1   A ARG 2   1_555 ? ? ? ? ? ? ? 1.328 ? ? 
covale3 covale both ? A ARG 48 C   A ? ? 1_555 A MSE 49 N  A ? A ARG 47  A MSE 48  1_555 ? ? ? ? ? ? ? 1.326 ? ? 
covale4 covale both ? A ARG 48 C   B ? ? 1_555 A MSE 49 N  B ? A ARG 47  A MSE 48  1_555 ? ? ? ? ? ? ? 1.330 ? ? 
covale5 covale both ? A MSE 49 C   A ? ? 1_555 A ASN 50 N  ? ? A MSE 48  A ASN 49  1_555 ? ? ? ? ? ? ? 1.323 ? ? 
covale6 covale both ? A MSE 49 C   B ? ? 1_555 A ASN 50 N  ? ? A MSE 48  A ASN 49  1_555 ? ? ? ? ? ? ? 1.331 ? ? 
covale7 covale both ? A ILE 95 C   ? ? ? 1_555 A MSE 96 N  ? ? A ILE 94  A MSE 95  1_555 ? ? ? ? ? ? ? 1.332 ? ? 
covale8 covale both ? A MSE 96 C   ? ? ? 1_555 A GLU 97 N  ? ? A MSE 95  A GLU 96  1_555 ? ? ? ? ? ? ? 1.318 ? ? 
metalc1 metalc ?    ? A ASP 32 OD2 ? ? ? 1_555 B CA  .  CA ? ? A ASP 31  A CA  128 1_555 ? ? ? ? ? ? ? 2.166 ? ? 
metalc2 metalc ?    ? A ASP 33 OD1 ? ? ? 1_555 B CA  .  CA ? ? A ASP 32  A CA  128 1_555 ? ? ? ? ? ? ? 2.993 ? ? 
metalc3 metalc ?    ? A ASP 33 OD2 ? ? ? 1_555 B CA  .  CA ? ? A ASP 32  A CA  128 1_555 ? ? ? ? ? ? ? 2.409 ? ? 
metalc4 metalc ?    ? B CA  .  CA  ? ? ? 1_555 F HOH .  O  ? ? A CA  128 A HOH 178 1_555 ? ? ? ? ? ? ? 2.342 ? ? 
# 
loop_
_struct_conn_type.id 
_struct_conn_type.criteria 
_struct_conn_type.reference 
covale ? ? 
metalc ? ? 
# 
loop_
_pdbx_struct_conn_angle.id 
_pdbx_struct_conn_angle.ptnr1_label_atom_id 
_pdbx_struct_conn_angle.ptnr1_label_alt_id 
_pdbx_struct_conn_angle.ptnr1_label_asym_id 
_pdbx_struct_conn_angle.ptnr1_label_comp_id 
_pdbx_struct_conn_angle.ptnr1_label_seq_id 
_pdbx_struct_conn_angle.ptnr1_auth_atom_id 
_pdbx_struct_conn_angle.ptnr1_auth_asym_id 
_pdbx_struct_conn_angle.ptnr1_auth_comp_id 
_pdbx_struct_conn_angle.ptnr1_auth_seq_id 
_pdbx_struct_conn_angle.ptnr1_PDB_ins_code 
_pdbx_struct_conn_angle.ptnr1_symmetry 
_pdbx_struct_conn_angle.ptnr2_label_atom_id 
_pdbx_struct_conn_angle.ptnr2_label_alt_id 
_pdbx_struct_conn_angle.ptnr2_label_asym_id 
_pdbx_struct_conn_angle.ptnr2_label_comp_id 
_pdbx_struct_conn_angle.ptnr2_label_seq_id 
_pdbx_struct_conn_angle.ptnr2_auth_atom_id 
_pdbx_struct_conn_angle.ptnr2_auth_asym_id 
_pdbx_struct_conn_angle.ptnr2_auth_comp_id 
_pdbx_struct_conn_angle.ptnr2_auth_seq_id 
_pdbx_struct_conn_angle.ptnr2_PDB_ins_code 
_pdbx_struct_conn_angle.ptnr2_symmetry 
_pdbx_struct_conn_angle.ptnr3_label_atom_id 
_pdbx_struct_conn_angle.ptnr3_label_alt_id 
_pdbx_struct_conn_angle.ptnr3_label_asym_id 
_pdbx_struct_conn_angle.ptnr3_label_comp_id 
_pdbx_struct_conn_angle.ptnr3_label_seq_id 
_pdbx_struct_conn_angle.ptnr3_auth_atom_id 
_pdbx_struct_conn_angle.ptnr3_auth_asym_id 
_pdbx_struct_conn_angle.ptnr3_auth_comp_id 
_pdbx_struct_conn_angle.ptnr3_auth_seq_id 
_pdbx_struct_conn_angle.ptnr3_PDB_ins_code 
_pdbx_struct_conn_angle.ptnr3_symmetry 
_pdbx_struct_conn_angle.value 
_pdbx_struct_conn_angle.value_esd 
1 OD2 ? A ASP 32 ? A ASP 31 ? 1_555 CA ? B CA . ? A CA 128 ? 1_555 OD1 ? A ASP 33 ? A ASP 32  ? 1_555 83.0  ? 
2 OD2 ? A ASP 32 ? A ASP 31 ? 1_555 CA ? B CA . ? A CA 128 ? 1_555 OD2 ? A ASP 33 ? A ASP 32  ? 1_555 88.7  ? 
3 OD1 ? A ASP 33 ? A ASP 32 ? 1_555 CA ? B CA . ? A CA 128 ? 1_555 OD2 ? A ASP 33 ? A ASP 32  ? 1_555 45.7  ? 
4 OD2 ? A ASP 32 ? A ASP 31 ? 1_555 CA ? B CA . ? A CA 128 ? 1_555 O   ? F HOH .  ? A HOH 178 ? 1_555 101.3 ? 
5 OD1 ? A ASP 33 ? A ASP 32 ? 1_555 CA ? B CA . ? A CA 128 ? 1_555 O   ? F HOH .  ? A HOH 178 ? 1_555 57.5  ? 
6 OD2 ? A ASP 33 ? A ASP 32 ? 1_555 CA ? B CA . ? A CA 128 ? 1_555 O   ? F HOH .  ? A HOH 178 ? 1_555 100.3 ? 
# 
loop_
_pdbx_modification_feature.ordinal 
_pdbx_modification_feature.label_comp_id 
_pdbx_modification_feature.label_asym_id 
_pdbx_modification_feature.label_seq_id 
_pdbx_modification_feature.label_alt_id 
_pdbx_modification_feature.modified_residue_label_comp_id 
_pdbx_modification_feature.modified_residue_label_asym_id 
_pdbx_modification_feature.modified_residue_label_seq_id 
_pdbx_modification_feature.modified_residue_label_alt_id 
_pdbx_modification_feature.auth_comp_id 
_pdbx_modification_feature.auth_asym_id 
_pdbx_modification_feature.auth_seq_id 
_pdbx_modification_feature.PDB_ins_code 
_pdbx_modification_feature.symmetry 
_pdbx_modification_feature.modified_residue_auth_comp_id 
_pdbx_modification_feature.modified_residue_auth_asym_id 
_pdbx_modification_feature.modified_residue_auth_seq_id 
_pdbx_modification_feature.modified_residue_PDB_ins_code 
_pdbx_modification_feature.modified_residue_symmetry 
_pdbx_modification_feature.comp_id_linking_atom 
_pdbx_modification_feature.modified_residue_id_linking_atom 
_pdbx_modification_feature.modified_residue_id 
_pdbx_modification_feature.ref_pcm_id 
_pdbx_modification_feature.ref_comp_id 
_pdbx_modification_feature.type 
_pdbx_modification_feature.category 
1 MSE A 2  ? . . . . MSE A 1  ? 1_555 . . . . . . . MET 1 MSE Selenomethionine 'Named protein modification' 
2 MSE A 49 A . . . . MSE A 48 ? 1_555 . . . . . . . MET 1 MSE Selenomethionine 'Named protein modification' 
3 MSE A 49 B . . . . MSE A 48 ? 1_555 . . . . . . . MET 1 MSE Selenomethionine 'Named protein modification' 
4 MSE A 96 ? . . . . MSE A 95 ? 1_555 . . . . . . . MET 1 MSE Selenomethionine 'Named protein modification' 
# 
_struct_mon_prot_cis.pdbx_id                1 
_struct_mon_prot_cis.label_comp_id          HIS 
_struct_mon_prot_cis.label_seq_id           58 
_struct_mon_prot_cis.label_asym_id          A 
_struct_mon_prot_cis.label_alt_id           . 
_struct_mon_prot_cis.pdbx_PDB_ins_code      ? 
_struct_mon_prot_cis.auth_comp_id           HIS 
_struct_mon_prot_cis.auth_seq_id            57 
_struct_mon_prot_cis.auth_asym_id           A 
_struct_mon_prot_cis.pdbx_label_comp_id_2   PRO 
_struct_mon_prot_cis.pdbx_label_seq_id_2    59 
_struct_mon_prot_cis.pdbx_label_asym_id_2   A 
_struct_mon_prot_cis.pdbx_PDB_ins_code_2    ? 
_struct_mon_prot_cis.pdbx_auth_comp_id_2    PRO 
_struct_mon_prot_cis.pdbx_auth_seq_id_2     58 
_struct_mon_prot_cis.pdbx_auth_asym_id_2    A 
_struct_mon_prot_cis.pdbx_PDB_model_num     1 
_struct_mon_prot_cis.pdbx_omega_angle       10.90 
# 
_struct_sheet.id               A 
_struct_sheet.type             ? 
_struct_sheet.number_strands   6 
_struct_sheet.details          ? 
# 
loop_
_struct_sheet_order.sheet_id 
_struct_sheet_order.range_id_1 
_struct_sheet_order.range_id_2 
_struct_sheet_order.offset 
_struct_sheet_order.sense 
A 1 2 ? anti-parallel 
A 2 3 ? parallel      
A 3 4 ? anti-parallel 
A 4 5 ? anti-parallel 
A 5 6 ? anti-parallel 
# 
loop_
_struct_sheet_range.sheet_id 
_struct_sheet_range.id 
_struct_sheet_range.beg_label_comp_id 
_struct_sheet_range.beg_label_asym_id 
_struct_sheet_range.beg_label_seq_id 
_struct_sheet_range.pdbx_beg_PDB_ins_code 
_struct_sheet_range.end_label_comp_id 
_struct_sheet_range.end_label_asym_id 
_struct_sheet_range.end_label_seq_id 
_struct_sheet_range.pdbx_end_PDB_ins_code 
_struct_sheet_range.beg_auth_comp_id 
_struct_sheet_range.beg_auth_asym_id 
_struct_sheet_range.beg_auth_seq_id 
_struct_sheet_range.end_auth_comp_id 
_struct_sheet_range.end_auth_asym_id 
_struct_sheet_range.end_auth_seq_id 
A 1 ARG A 44  ? LEU A 46  ? ARG A 43  LEU A 45  
A 2 TYR A 30  ? ASP A 37  ? TYR A 29  ASP A 36  
A 3 LYS A 102 ? SER A 111 ? LYS A 101 SER A 110 
A 4 ARG A 88  ? ARG A 99  ? ARG A 87  ARG A 98  
A 5 LEU A 76  ? TYR A 85  ? LEU A 75  TYR A 84  
A 6 GLY A 64  ? GLU A 73  ? GLY A 63  GLU A 72  
# 
loop_
_pdbx_struct_sheet_hbond.sheet_id 
_pdbx_struct_sheet_hbond.range_id_1 
_pdbx_struct_sheet_hbond.range_id_2 
_pdbx_struct_sheet_hbond.range_1_label_atom_id 
_pdbx_struct_sheet_hbond.range_1_label_comp_id 
_pdbx_struct_sheet_hbond.range_1_label_asym_id 
_pdbx_struct_sheet_hbond.range_1_label_seq_id 
_pdbx_struct_sheet_hbond.range_1_PDB_ins_code 
_pdbx_struct_sheet_hbond.range_1_auth_atom_id 
_pdbx_struct_sheet_hbond.range_1_auth_comp_id 
_pdbx_struct_sheet_hbond.range_1_auth_asym_id 
_pdbx_struct_sheet_hbond.range_1_auth_seq_id 
_pdbx_struct_sheet_hbond.range_2_label_atom_id 
_pdbx_struct_sheet_hbond.range_2_label_comp_id 
_pdbx_struct_sheet_hbond.range_2_label_asym_id 
_pdbx_struct_sheet_hbond.range_2_label_seq_id 
_pdbx_struct_sheet_hbond.range_2_PDB_ins_code 
_pdbx_struct_sheet_hbond.range_2_auth_atom_id 
_pdbx_struct_sheet_hbond.range_2_auth_comp_id 
_pdbx_struct_sheet_hbond.range_2_auth_asym_id 
_pdbx_struct_sheet_hbond.range_2_auth_seq_id 
A 1 2 O ILE A 45  ? O ILE A 44  N CYS A 36  ? N CYS A 35  
A 2 3 N ASP A 31  ? N ASP A 30  O VAL A 103 ? O VAL A 102 
A 3 4 O VAL A 104 ? O VAL A 103 N GLU A 97  ? N GLU A 96  
A 4 5 O MSE A 96  ? O MSE A 95  N TRP A 77  ? N TRP A 76  
A 5 6 O GLU A 80  ? O GLU A 79  N ARG A 69  ? N ARG A 68  
# 
loop_
_struct_site.id 
_struct_site.pdbx_evidence_code 
_struct_site.pdbx_auth_asym_id 
_struct_site.pdbx_auth_comp_id 
_struct_site.pdbx_auth_seq_id 
_struct_site.pdbx_auth_ins_code 
_struct_site.pdbx_num_residues 
_struct_site.details 
AC1 Software A CA  128 ? 5 'BINDING SITE FOR RESIDUE CA A 128'  
AC2 Software A ACT 129 ? 5 'BINDING SITE FOR RESIDUE ACT A 129' 
AC3 Software A PEG 130 ? 3 'BINDING SITE FOR RESIDUE PEG A 130' 
AC4 Software A PG4 131 ? 6 'BINDING SITE FOR RESIDUE PG4 A 131' 
# 
loop_
_struct_site_gen.id 
_struct_site_gen.site_id 
_struct_site_gen.pdbx_num_res 
_struct_site_gen.label_comp_id 
_struct_site_gen.label_asym_id 
_struct_site_gen.label_seq_id 
_struct_site_gen.pdbx_auth_ins_code 
_struct_site_gen.auth_comp_id 
_struct_site_gen.auth_asym_id 
_struct_site_gen.auth_seq_id 
_struct_site_gen.label_atom_id 
_struct_site_gen.label_alt_id 
_struct_site_gen.symmetry 
_struct_site_gen.details 
1  AC1 5 ASP A 31  ? ASP A 30  . ? 4_555 ? 
2  AC1 5 ASP A 32  ? ASP A 31  . ? 4_555 ? 
3  AC1 5 ASP A 33  ? ASP A 32  . ? 4_555 ? 
4  AC1 5 HOH F .   ? HOH A 178 . ? 1_555 ? 
5  AC1 5 HOH F .   ? HOH A 191 . ? 4_555 ? 
6  AC2 5 ILE A 35  ? ILE A 34  . ? 1_555 ? 
7  AC2 5 VAL A 104 ? VAL A 103 . ? 1_555 ? 
8  AC2 5 HOH F .   ? HOH A 155 . ? 1_555 ? 
9  AC2 5 HOH F .   ? HOH A 226 . ? 1_555 ? 
10 AC2 5 HOH F .   ? HOH A 253 . ? 1_555 ? 
11 AC3 3 LEU A 54  ? LEU A 53  . ? 1_555 ? 
12 AC3 3 HIS A 57  ? HIS A 56  . ? 1_555 ? 
13 AC3 3 TRP A 123 ? TRP A 122 . ? 3_555 ? 
14 AC4 6 ALA A 90  ? ALA A 89  . ? 1_555 ? 
15 AC4 6 PHE A 110 ? PHE A 109 . ? 1_555 ? 
16 AC4 6 ASP A 112 ? ASP A 111 . ? 1_555 ? 
17 AC4 6 PHE A 114 ? PHE A 113 . ? 3_555 ? 
18 AC4 6 GLU A 115 ? GLU A 114 . ? 3_555 ? 
19 AC4 6 ARG A 120 ? ARG A 119 . ? 3_555 ? 
# 
_pdbx_entry_details.entry_id                   3EN8 
_pdbx_entry_details.compound_details           ? 
_pdbx_entry_details.source_details             ? 
_pdbx_entry_details.nonpolymer_details         ? 
_pdbx_entry_details.sequence_details           
;THE CONSTRUCT WAS EXPRESSED WITH A PURIFICATION TAG MGSDKIHHHHHHENLYFQG. THE TAG WAS REMOVED WITH TEV PROTEASE LEAVING ONLY A GLYCINE (0) FOLLOWED BY THE TARGET SEQUENCE.
;
_pdbx_entry_details.has_ligand_of_interest     ? 
_pdbx_entry_details.has_protein_modification   Y 
# 
_pdbx_validate_symm_contact.id                1 
_pdbx_validate_symm_contact.PDB_model_num     1 
_pdbx_validate_symm_contact.auth_atom_id_1    O 
_pdbx_validate_symm_contact.auth_asym_id_1    A 
_pdbx_validate_symm_contact.auth_comp_id_1    HOH 
_pdbx_validate_symm_contact.auth_seq_id_1     210 
_pdbx_validate_symm_contact.PDB_ins_code_1    ? 
_pdbx_validate_symm_contact.label_alt_id_1    ? 
_pdbx_validate_symm_contact.site_symmetry_1   1_555 
_pdbx_validate_symm_contact.auth_atom_id_2    O 
_pdbx_validate_symm_contact.auth_asym_id_2    A 
_pdbx_validate_symm_contact.auth_comp_id_2    HOH 
_pdbx_validate_symm_contact.auth_seq_id_2     238 
_pdbx_validate_symm_contact.PDB_ins_code_2    ? 
_pdbx_validate_symm_contact.label_alt_id_2    ? 
_pdbx_validate_symm_contact.site_symmetry_2   3_555 
_pdbx_validate_symm_contact.dist              2.18 
# 
_pdbx_SG_project.project_name          'PSI, Protein Structure Initiative' 
_pdbx_SG_project.full_name_of_center   'Joint Center for Structural Genomics' 
_pdbx_SG_project.id                    1 
_pdbx_SG_project.initial_of_center     JCSG 
# 
loop_
_pdbx_struct_mod_residue.id 
_pdbx_struct_mod_residue.label_asym_id 
_pdbx_struct_mod_residue.label_comp_id 
_pdbx_struct_mod_residue.label_seq_id 
_pdbx_struct_mod_residue.auth_asym_id 
_pdbx_struct_mod_residue.auth_comp_id 
_pdbx_struct_mod_residue.auth_seq_id 
_pdbx_struct_mod_residue.PDB_ins_code 
_pdbx_struct_mod_residue.parent_comp_id 
_pdbx_struct_mod_residue.details 
1 A MSE 2  A MSE 1  ? MET SELENOMETHIONINE 
2 A MSE 49 A MSE 48 ? MET SELENOMETHIONINE 
3 A MSE 96 A MSE 95 ? MET SELENOMETHIONINE 
# 
_pdbx_refine_tls.id               1 
_pdbx_refine_tls.details          ? 
_pdbx_refine_tls.method           refined 
_pdbx_refine_tls.origin_x         -0.9263 
_pdbx_refine_tls.origin_y         -0.0214 
_pdbx_refine_tls.origin_z         0.4414 
_pdbx_refine_tls.T[1][1]          -0.0402 
_pdbx_refine_tls.T[2][2]          -0.0673 
_pdbx_refine_tls.T[3][3]          -0.0319 
_pdbx_refine_tls.T[1][2]          0.0173 
_pdbx_refine_tls.T[1][3]          -0.0021 
_pdbx_refine_tls.T[2][3]          0.0140 
_pdbx_refine_tls.L[1][1]          0.5781 
_pdbx_refine_tls.L[2][2]          1.4594 
_pdbx_refine_tls.L[3][3]          1.5437 
_pdbx_refine_tls.L[1][2]          -0.0809 
_pdbx_refine_tls.L[1][3]          -0.0670 
_pdbx_refine_tls.L[2][3]          -0.0709 
_pdbx_refine_tls.S[1][1]          0.0207 
_pdbx_refine_tls.S[2][2]          0.0217 
_pdbx_refine_tls.S[3][3]          -0.0424 
_pdbx_refine_tls.S[1][2]          0.0302 
_pdbx_refine_tls.S[1][3]          -0.1194 
_pdbx_refine_tls.S[2][3]          -0.1405 
_pdbx_refine_tls.S[2][1]          -0.0371 
_pdbx_refine_tls.S[3][1]          0.0732 
_pdbx_refine_tls.S[3][2]          0.1468 
_pdbx_refine_tls.pdbx_refine_id   'X-RAY DIFFRACTION' 
# 
_pdbx_refine_tls_group.id                  1 
_pdbx_refine_tls_group.refine_tls_id       1 
_pdbx_refine_tls_group.beg_auth_asym_id    A 
_pdbx_refine_tls_group.end_auth_asym_id    A 
_pdbx_refine_tls_group.end_auth_seq_id     127 
_pdbx_refine_tls_group.selection           ? 
_pdbx_refine_tls_group.beg_auth_seq_id     0 
_pdbx_refine_tls_group.beg_label_asym_id   . 
_pdbx_refine_tls_group.beg_label_seq_id    . 
_pdbx_refine_tls_group.end_label_asym_id   . 
_pdbx_refine_tls_group.end_label_seq_id    . 
_pdbx_refine_tls_group.pdbx_refine_id      'X-RAY DIFFRACTION' 
_pdbx_refine_tls_group.selection_details   ? 
# 
_phasing.method   MAD 
# 
loop_
_chem_comp_atom.comp_id 
_chem_comp_atom.atom_id 
_chem_comp_atom.type_symbol 
_chem_comp_atom.pdbx_aromatic_flag 
_chem_comp_atom.pdbx_stereo_config 
_chem_comp_atom.pdbx_ordinal 
ACT C    C  N N 1   
ACT O    O  N N 2   
ACT OXT  O  N N 3   
ACT CH3  C  N N 4   
ACT H1   H  N N 5   
ACT H2   H  N N 6   
ACT H3   H  N N 7   
ALA N    N  N N 8   
ALA CA   C  N S 9   
ALA C    C  N N 10  
ALA O    O  N N 11  
ALA CB   C  N N 12  
ALA OXT  O  N N 13  
ALA H    H  N N 14  
ALA H2   H  N N 15  
ALA HA   H  N N 16  
ALA HB1  H  N N 17  
ALA HB2  H  N N 18  
ALA HB3  H  N N 19  
ALA HXT  H  N N 20  
ARG N    N  N N 21  
ARG CA   C  N S 22  
ARG C    C  N N 23  
ARG O    O  N N 24  
ARG CB   C  N N 25  
ARG CG   C  N N 26  
ARG CD   C  N N 27  
ARG NE   N  N N 28  
ARG CZ   C  N N 29  
ARG NH1  N  N N 30  
ARG NH2  N  N N 31  
ARG OXT  O  N N 32  
ARG H    H  N N 33  
ARG H2   H  N N 34  
ARG HA   H  N N 35  
ARG HB2  H  N N 36  
ARG HB3  H  N N 37  
ARG HG2  H  N N 38  
ARG HG3  H  N N 39  
ARG HD2  H  N N 40  
ARG HD3  H  N N 41  
ARG HE   H  N N 42  
ARG HH11 H  N N 43  
ARG HH12 H  N N 44  
ARG HH21 H  N N 45  
ARG HH22 H  N N 46  
ARG HXT  H  N N 47  
ASN N    N  N N 48  
ASN CA   C  N S 49  
ASN C    C  N N 50  
ASN O    O  N N 51  
ASN CB   C  N N 52  
ASN CG   C  N N 53  
ASN OD1  O  N N 54  
ASN ND2  N  N N 55  
ASN OXT  O  N N 56  
ASN H    H  N N 57  
ASN H2   H  N N 58  
ASN HA   H  N N 59  
ASN HB2  H  N N 60  
ASN HB3  H  N N 61  
ASN HD21 H  N N 62  
ASN HD22 H  N N 63  
ASN HXT  H  N N 64  
ASP N    N  N N 65  
ASP CA   C  N S 66  
ASP C    C  N N 67  
ASP O    O  N N 68  
ASP CB   C  N N 69  
ASP CG   C  N N 70  
ASP OD1  O  N N 71  
ASP OD2  O  N N 72  
ASP OXT  O  N N 73  
ASP H    H  N N 74  
ASP H2   H  N N 75  
ASP HA   H  N N 76  
ASP HB2  H  N N 77  
ASP HB3  H  N N 78  
ASP HD2  H  N N 79  
ASP HXT  H  N N 80  
CA  CA   CA N N 81  
CYS N    N  N N 82  
CYS CA   C  N R 83  
CYS C    C  N N 84  
CYS O    O  N N 85  
CYS CB   C  N N 86  
CYS SG   S  N N 87  
CYS OXT  O  N N 88  
CYS H    H  N N 89  
CYS H2   H  N N 90  
CYS HA   H  N N 91  
CYS HB2  H  N N 92  
CYS HB3  H  N N 93  
CYS HG   H  N N 94  
CYS HXT  H  N N 95  
GLN N    N  N N 96  
GLN CA   C  N S 97  
GLN C    C  N N 98  
GLN O    O  N N 99  
GLN CB   C  N N 100 
GLN CG   C  N N 101 
GLN CD   C  N N 102 
GLN OE1  O  N N 103 
GLN NE2  N  N N 104 
GLN OXT  O  N N 105 
GLN H    H  N N 106 
GLN H2   H  N N 107 
GLN HA   H  N N 108 
GLN HB2  H  N N 109 
GLN HB3  H  N N 110 
GLN HG2  H  N N 111 
GLN HG3  H  N N 112 
GLN HE21 H  N N 113 
GLN HE22 H  N N 114 
GLN HXT  H  N N 115 
GLU N    N  N N 116 
GLU CA   C  N S 117 
GLU C    C  N N 118 
GLU O    O  N N 119 
GLU CB   C  N N 120 
GLU CG   C  N N 121 
GLU CD   C  N N 122 
GLU OE1  O  N N 123 
GLU OE2  O  N N 124 
GLU OXT  O  N N 125 
GLU H    H  N N 126 
GLU H2   H  N N 127 
GLU HA   H  N N 128 
GLU HB2  H  N N 129 
GLU HB3  H  N N 130 
GLU HG2  H  N N 131 
GLU HG3  H  N N 132 
GLU HE2  H  N N 133 
GLU HXT  H  N N 134 
GLY N    N  N N 135 
GLY CA   C  N N 136 
GLY C    C  N N 137 
GLY O    O  N N 138 
GLY OXT  O  N N 139 
GLY H    H  N N 140 
GLY H2   H  N N 141 
GLY HA2  H  N N 142 
GLY HA3  H  N N 143 
GLY HXT  H  N N 144 
HIS N    N  N N 145 
HIS CA   C  N S 146 
HIS C    C  N N 147 
HIS O    O  N N 148 
HIS CB   C  N N 149 
HIS CG   C  Y N 150 
HIS ND1  N  Y N 151 
HIS CD2  C  Y N 152 
HIS CE1  C  Y N 153 
HIS NE2  N  Y N 154 
HIS OXT  O  N N 155 
HIS H    H  N N 156 
HIS H2   H  N N 157 
HIS HA   H  N N 158 
HIS HB2  H  N N 159 
HIS HB3  H  N N 160 
HIS HD1  H  N N 161 
HIS HD2  H  N N 162 
HIS HE1  H  N N 163 
HIS HE2  H  N N 164 
HIS HXT  H  N N 165 
HOH O    O  N N 166 
HOH H1   H  N N 167 
HOH H2   H  N N 168 
ILE N    N  N N 169 
ILE CA   C  N S 170 
ILE C    C  N N 171 
ILE O    O  N N 172 
ILE CB   C  N S 173 
ILE CG1  C  N N 174 
ILE CG2  C  N N 175 
ILE CD1  C  N N 176 
ILE OXT  O  N N 177 
ILE H    H  N N 178 
ILE H2   H  N N 179 
ILE HA   H  N N 180 
ILE HB   H  N N 181 
ILE HG12 H  N N 182 
ILE HG13 H  N N 183 
ILE HG21 H  N N 184 
ILE HG22 H  N N 185 
ILE HG23 H  N N 186 
ILE HD11 H  N N 187 
ILE HD12 H  N N 188 
ILE HD13 H  N N 189 
ILE HXT  H  N N 190 
LEU N    N  N N 191 
LEU CA   C  N S 192 
LEU C    C  N N 193 
LEU O    O  N N 194 
LEU CB   C  N N 195 
LEU CG   C  N N 196 
LEU CD1  C  N N 197 
LEU CD2  C  N N 198 
LEU OXT  O  N N 199 
LEU H    H  N N 200 
LEU H2   H  N N 201 
LEU HA   H  N N 202 
LEU HB2  H  N N 203 
LEU HB3  H  N N 204 
LEU HG   H  N N 205 
LEU HD11 H  N N 206 
LEU HD12 H  N N 207 
LEU HD13 H  N N 208 
LEU HD21 H  N N 209 
LEU HD22 H  N N 210 
LEU HD23 H  N N 211 
LEU HXT  H  N N 212 
LYS N    N  N N 213 
LYS CA   C  N S 214 
LYS C    C  N N 215 
LYS O    O  N N 216 
LYS CB   C  N N 217 
LYS CG   C  N N 218 
LYS CD   C  N N 219 
LYS CE   C  N N 220 
LYS NZ   N  N N 221 
LYS OXT  O  N N 222 
LYS H    H  N N 223 
LYS H2   H  N N 224 
LYS HA   H  N N 225 
LYS HB2  H  N N 226 
LYS HB3  H  N N 227 
LYS HG2  H  N N 228 
LYS HG3  H  N N 229 
LYS HD2  H  N N 230 
LYS HD3  H  N N 231 
LYS HE2  H  N N 232 
LYS HE3  H  N N 233 
LYS HZ1  H  N N 234 
LYS HZ2  H  N N 235 
LYS HZ3  H  N N 236 
LYS HXT  H  N N 237 
MSE N    N  N N 238 
MSE CA   C  N S 239 
MSE C    C  N N 240 
MSE O    O  N N 241 
MSE OXT  O  N N 242 
MSE CB   C  N N 243 
MSE CG   C  N N 244 
MSE SE   SE N N 245 
MSE CE   C  N N 246 
MSE H    H  N N 247 
MSE H2   H  N N 248 
MSE HA   H  N N 249 
MSE HXT  H  N N 250 
MSE HB2  H  N N 251 
MSE HB3  H  N N 252 
MSE HG2  H  N N 253 
MSE HG3  H  N N 254 
MSE HE1  H  N N 255 
MSE HE2  H  N N 256 
MSE HE3  H  N N 257 
PEG C1   C  N N 258 
PEG O1   O  N N 259 
PEG C2   C  N N 260 
PEG O2   O  N N 261 
PEG C3   C  N N 262 
PEG C4   C  N N 263 
PEG O4   O  N N 264 
PEG H11  H  N N 265 
PEG H12  H  N N 266 
PEG HO1  H  N N 267 
PEG H21  H  N N 268 
PEG H22  H  N N 269 
PEG H31  H  N N 270 
PEG H32  H  N N 271 
PEG H41  H  N N 272 
PEG H42  H  N N 273 
PEG HO4  H  N N 274 
PG4 O1   O  N N 275 
PG4 C1   C  N N 276 
PG4 C2   C  N N 277 
PG4 O2   O  N N 278 
PG4 C3   C  N N 279 
PG4 C4   C  N N 280 
PG4 O3   O  N N 281 
PG4 C5   C  N N 282 
PG4 C6   C  N N 283 
PG4 O4   O  N N 284 
PG4 C7   C  N N 285 
PG4 C8   C  N N 286 
PG4 O5   O  N N 287 
PG4 HO1  H  N N 288 
PG4 H11  H  N N 289 
PG4 H12  H  N N 290 
PG4 H21  H  N N 291 
PG4 H22  H  N N 292 
PG4 H31  H  N N 293 
PG4 H32  H  N N 294 
PG4 H41  H  N N 295 
PG4 H42  H  N N 296 
PG4 H51  H  N N 297 
PG4 H52  H  N N 298 
PG4 H61  H  N N 299 
PG4 H62  H  N N 300 
PG4 H71  H  N N 301 
PG4 H72  H  N N 302 
PG4 H81  H  N N 303 
PG4 H82  H  N N 304 
PG4 HO5  H  N N 305 
PHE N    N  N N 306 
PHE CA   C  N S 307 
PHE C    C  N N 308 
PHE O    O  N N 309 
PHE CB   C  N N 310 
PHE CG   C  Y N 311 
PHE CD1  C  Y N 312 
PHE CD2  C  Y N 313 
PHE CE1  C  Y N 314 
PHE CE2  C  Y N 315 
PHE CZ   C  Y N 316 
PHE OXT  O  N N 317 
PHE H    H  N N 318 
PHE H2   H  N N 319 
PHE HA   H  N N 320 
PHE HB2  H  N N 321 
PHE HB3  H  N N 322 
PHE HD1  H  N N 323 
PHE HD2  H  N N 324 
PHE HE1  H  N N 325 
PHE HE2  H  N N 326 
PHE HZ   H  N N 327 
PHE HXT  H  N N 328 
PRO N    N  N N 329 
PRO CA   C  N S 330 
PRO C    C  N N 331 
PRO O    O  N N 332 
PRO CB   C  N N 333 
PRO CG   C  N N 334 
PRO CD   C  N N 335 
PRO OXT  O  N N 336 
PRO H    H  N N 337 
PRO HA   H  N N 338 
PRO HB2  H  N N 339 
PRO HB3  H  N N 340 
PRO HG2  H  N N 341 
PRO HG3  H  N N 342 
PRO HD2  H  N N 343 
PRO HD3  H  N N 344 
PRO HXT  H  N N 345 
SER N    N  N N 346 
SER CA   C  N S 347 
SER C    C  N N 348 
SER O    O  N N 349 
SER CB   C  N N 350 
SER OG   O  N N 351 
SER OXT  O  N N 352 
SER H    H  N N 353 
SER H2   H  N N 354 
SER HA   H  N N 355 
SER HB2  H  N N 356 
SER HB3  H  N N 357 
SER HG   H  N N 358 
SER HXT  H  N N 359 
THR N    N  N N 360 
THR CA   C  N S 361 
THR C    C  N N 362 
THR O    O  N N 363 
THR CB   C  N R 364 
THR OG1  O  N N 365 
THR CG2  C  N N 366 
THR OXT  O  N N 367 
THR H    H  N N 368 
THR H2   H  N N 369 
THR HA   H  N N 370 
THR HB   H  N N 371 
THR HG1  H  N N 372 
THR HG21 H  N N 373 
THR HG22 H  N N 374 
THR HG23 H  N N 375 
THR HXT  H  N N 376 
TRP N    N  N N 377 
TRP CA   C  N S 378 
TRP C    C  N N 379 
TRP O    O  N N 380 
TRP CB   C  N N 381 
TRP CG   C  Y N 382 
TRP CD1  C  Y N 383 
TRP CD2  C  Y N 384 
TRP NE1  N  Y N 385 
TRP CE2  C  Y N 386 
TRP CE3  C  Y N 387 
TRP CZ2  C  Y N 388 
TRP CZ3  C  Y N 389 
TRP CH2  C  Y N 390 
TRP OXT  O  N N 391 
TRP H    H  N N 392 
TRP H2   H  N N 393 
TRP HA   H  N N 394 
TRP HB2  H  N N 395 
TRP HB3  H  N N 396 
TRP HD1  H  N N 397 
TRP HE1  H  N N 398 
TRP HE3  H  N N 399 
TRP HZ2  H  N N 400 
TRP HZ3  H  N N 401 
TRP HH2  H  N N 402 
TRP HXT  H  N N 403 
TYR N    N  N N 404 
TYR CA   C  N S 405 
TYR C    C  N N 406 
TYR O    O  N N 407 
TYR CB   C  N N 408 
TYR CG   C  Y N 409 
TYR CD1  C  Y N 410 
TYR CD2  C  Y N 411 
TYR CE1  C  Y N 412 
TYR CE2  C  Y N 413 
TYR CZ   C  Y N 414 
TYR OH   O  N N 415 
TYR OXT  O  N N 416 
TYR H    H  N N 417 
TYR H2   H  N N 418 
TYR HA   H  N N 419 
TYR HB2  H  N N 420 
TYR HB3  H  N N 421 
TYR HD1  H  N N 422 
TYR HD2  H  N N 423 
TYR HE1  H  N N 424 
TYR HE2  H  N N 425 
TYR HH   H  N N 426 
TYR HXT  H  N N 427 
VAL N    N  N N 428 
VAL CA   C  N S 429 
VAL C    C  N N 430 
VAL O    O  N N 431 
VAL CB   C  N N 432 
VAL CG1  C  N N 433 
VAL CG2  C  N N 434 
VAL OXT  O  N N 435 
VAL H    H  N N 436 
VAL H2   H  N N 437 
VAL HA   H  N N 438 
VAL HB   H  N N 439 
VAL HG11 H  N N 440 
VAL HG12 H  N N 441 
VAL HG13 H  N N 442 
VAL HG21 H  N N 443 
VAL HG22 H  N N 444 
VAL HG23 H  N N 445 
VAL HXT  H  N N 446 
# 
loop_
_chem_comp_bond.comp_id 
_chem_comp_bond.atom_id_1 
_chem_comp_bond.atom_id_2 
_chem_comp_bond.value_order 
_chem_comp_bond.pdbx_aromatic_flag 
_chem_comp_bond.pdbx_stereo_config 
_chem_comp_bond.pdbx_ordinal 
ACT C   O    doub N N 1   
ACT C   OXT  sing N N 2   
ACT C   CH3  sing N N 3   
ACT CH3 H1   sing N N 4   
ACT CH3 H2   sing N N 5   
ACT CH3 H3   sing N N 6   
ALA N   CA   sing N N 7   
ALA N   H    sing N N 8   
ALA N   H2   sing N N 9   
ALA CA  C    sing N N 10  
ALA CA  CB   sing N N 11  
ALA CA  HA   sing N N 12  
ALA C   O    doub N N 13  
ALA C   OXT  sing N N 14  
ALA CB  HB1  sing N N 15  
ALA CB  HB2  sing N N 16  
ALA CB  HB3  sing N N 17  
ALA OXT HXT  sing N N 18  
ARG N   CA   sing N N 19  
ARG N   H    sing N N 20  
ARG N   H2   sing N N 21  
ARG CA  C    sing N N 22  
ARG CA  CB   sing N N 23  
ARG CA  HA   sing N N 24  
ARG C   O    doub N N 25  
ARG C   OXT  sing N N 26  
ARG CB  CG   sing N N 27  
ARG CB  HB2  sing N N 28  
ARG CB  HB3  sing N N 29  
ARG CG  CD   sing N N 30  
ARG CG  HG2  sing N N 31  
ARG CG  HG3  sing N N 32  
ARG CD  NE   sing N N 33  
ARG CD  HD2  sing N N 34  
ARG CD  HD3  sing N N 35  
ARG NE  CZ   sing N N 36  
ARG NE  HE   sing N N 37  
ARG CZ  NH1  sing N N 38  
ARG CZ  NH2  doub N N 39  
ARG NH1 HH11 sing N N 40  
ARG NH1 HH12 sing N N 41  
ARG NH2 HH21 sing N N 42  
ARG NH2 HH22 sing N N 43  
ARG OXT HXT  sing N N 44  
ASN N   CA   sing N N 45  
ASN N   H    sing N N 46  
ASN N   H2   sing N N 47  
ASN CA  C    sing N N 48  
ASN CA  CB   sing N N 49  
ASN CA  HA   sing N N 50  
ASN C   O    doub N N 51  
ASN C   OXT  sing N N 52  
ASN CB  CG   sing N N 53  
ASN CB  HB2  sing N N 54  
ASN CB  HB3  sing N N 55  
ASN CG  OD1  doub N N 56  
ASN CG  ND2  sing N N 57  
ASN ND2 HD21 sing N N 58  
ASN ND2 HD22 sing N N 59  
ASN OXT HXT  sing N N 60  
ASP N   CA   sing N N 61  
ASP N   H    sing N N 62  
ASP N   H2   sing N N 63  
ASP CA  C    sing N N 64  
ASP CA  CB   sing N N 65  
ASP CA  HA   sing N N 66  
ASP C   O    doub N N 67  
ASP C   OXT  sing N N 68  
ASP CB  CG   sing N N 69  
ASP CB  HB2  sing N N 70  
ASP CB  HB3  sing N N 71  
ASP CG  OD1  doub N N 72  
ASP CG  OD2  sing N N 73  
ASP OD2 HD2  sing N N 74  
ASP OXT HXT  sing N N 75  
CYS N   CA   sing N N 76  
CYS N   H    sing N N 77  
CYS N   H2   sing N N 78  
CYS CA  C    sing N N 79  
CYS CA  CB   sing N N 80  
CYS CA  HA   sing N N 81  
CYS C   O    doub N N 82  
CYS C   OXT  sing N N 83  
CYS CB  SG   sing N N 84  
CYS CB  HB2  sing N N 85  
CYS CB  HB3  sing N N 86  
CYS SG  HG   sing N N 87  
CYS OXT HXT  sing N N 88  
GLN N   CA   sing N N 89  
GLN N   H    sing N N 90  
GLN N   H2   sing N N 91  
GLN CA  C    sing N N 92  
GLN CA  CB   sing N N 93  
GLN CA  HA   sing N N 94  
GLN C   O    doub N N 95  
GLN C   OXT  sing N N 96  
GLN CB  CG   sing N N 97  
GLN CB  HB2  sing N N 98  
GLN CB  HB3  sing N N 99  
GLN CG  CD   sing N N 100 
GLN CG  HG2  sing N N 101 
GLN CG  HG3  sing N N 102 
GLN CD  OE1  doub N N 103 
GLN CD  NE2  sing N N 104 
GLN NE2 HE21 sing N N 105 
GLN NE2 HE22 sing N N 106 
GLN OXT HXT  sing N N 107 
GLU N   CA   sing N N 108 
GLU N   H    sing N N 109 
GLU N   H2   sing N N 110 
GLU CA  C    sing N N 111 
GLU CA  CB   sing N N 112 
GLU CA  HA   sing N N 113 
GLU C   O    doub N N 114 
GLU C   OXT  sing N N 115 
GLU CB  CG   sing N N 116 
GLU CB  HB2  sing N N 117 
GLU CB  HB3  sing N N 118 
GLU CG  CD   sing N N 119 
GLU CG  HG2  sing N N 120 
GLU CG  HG3  sing N N 121 
GLU CD  OE1  doub N N 122 
GLU CD  OE2  sing N N 123 
GLU OE2 HE2  sing N N 124 
GLU OXT HXT  sing N N 125 
GLY N   CA   sing N N 126 
GLY N   H    sing N N 127 
GLY N   H2   sing N N 128 
GLY CA  C    sing N N 129 
GLY CA  HA2  sing N N 130 
GLY CA  HA3  sing N N 131 
GLY C   O    doub N N 132 
GLY C   OXT  sing N N 133 
GLY OXT HXT  sing N N 134 
HIS N   CA   sing N N 135 
HIS N   H    sing N N 136 
HIS N   H2   sing N N 137 
HIS CA  C    sing N N 138 
HIS CA  CB   sing N N 139 
HIS CA  HA   sing N N 140 
HIS C   O    doub N N 141 
HIS C   OXT  sing N N 142 
HIS CB  CG   sing N N 143 
HIS CB  HB2  sing N N 144 
HIS CB  HB3  sing N N 145 
HIS CG  ND1  sing Y N 146 
HIS CG  CD2  doub Y N 147 
HIS ND1 CE1  doub Y N 148 
HIS ND1 HD1  sing N N 149 
HIS CD2 NE2  sing Y N 150 
HIS CD2 HD2  sing N N 151 
HIS CE1 NE2  sing Y N 152 
HIS CE1 HE1  sing N N 153 
HIS NE2 HE2  sing N N 154 
HIS OXT HXT  sing N N 155 
HOH O   H1   sing N N 156 
HOH O   H2   sing N N 157 
ILE N   CA   sing N N 158 
ILE N   H    sing N N 159 
ILE N   H2   sing N N 160 
ILE CA  C    sing N N 161 
ILE CA  CB   sing N N 162 
ILE CA  HA   sing N N 163 
ILE C   O    doub N N 164 
ILE C   OXT  sing N N 165 
ILE CB  CG1  sing N N 166 
ILE CB  CG2  sing N N 167 
ILE CB  HB   sing N N 168 
ILE CG1 CD1  sing N N 169 
ILE CG1 HG12 sing N N 170 
ILE CG1 HG13 sing N N 171 
ILE CG2 HG21 sing N N 172 
ILE CG2 HG22 sing N N 173 
ILE CG2 HG23 sing N N 174 
ILE CD1 HD11 sing N N 175 
ILE CD1 HD12 sing N N 176 
ILE CD1 HD13 sing N N 177 
ILE OXT HXT  sing N N 178 
LEU N   CA   sing N N 179 
LEU N   H    sing N N 180 
LEU N   H2   sing N N 181 
LEU CA  C    sing N N 182 
LEU CA  CB   sing N N 183 
LEU CA  HA   sing N N 184 
LEU C   O    doub N N 185 
LEU C   OXT  sing N N 186 
LEU CB  CG   sing N N 187 
LEU CB  HB2  sing N N 188 
LEU CB  HB3  sing N N 189 
LEU CG  CD1  sing N N 190 
LEU CG  CD2  sing N N 191 
LEU CG  HG   sing N N 192 
LEU CD1 HD11 sing N N 193 
LEU CD1 HD12 sing N N 194 
LEU CD1 HD13 sing N N 195 
LEU CD2 HD21 sing N N 196 
LEU CD2 HD22 sing N N 197 
LEU CD2 HD23 sing N N 198 
LEU OXT HXT  sing N N 199 
LYS N   CA   sing N N 200 
LYS N   H    sing N N 201 
LYS N   H2   sing N N 202 
LYS CA  C    sing N N 203 
LYS CA  CB   sing N N 204 
LYS CA  HA   sing N N 205 
LYS C   O    doub N N 206 
LYS C   OXT  sing N N 207 
LYS CB  CG   sing N N 208 
LYS CB  HB2  sing N N 209 
LYS CB  HB3  sing N N 210 
LYS CG  CD   sing N N 211 
LYS CG  HG2  sing N N 212 
LYS CG  HG3  sing N N 213 
LYS CD  CE   sing N N 214 
LYS CD  HD2  sing N N 215 
LYS CD  HD3  sing N N 216 
LYS CE  NZ   sing N N 217 
LYS CE  HE2  sing N N 218 
LYS CE  HE3  sing N N 219 
LYS NZ  HZ1  sing N N 220 
LYS NZ  HZ2  sing N N 221 
LYS NZ  HZ3  sing N N 222 
LYS OXT HXT  sing N N 223 
MSE N   CA   sing N N 224 
MSE N   H    sing N N 225 
MSE N   H2   sing N N 226 
MSE CA  C    sing N N 227 
MSE CA  CB   sing N N 228 
MSE CA  HA   sing N N 229 
MSE C   O    doub N N 230 
MSE C   OXT  sing N N 231 
MSE OXT HXT  sing N N 232 
MSE CB  CG   sing N N 233 
MSE CB  HB2  sing N N 234 
MSE CB  HB3  sing N N 235 
MSE CG  SE   sing N N 236 
MSE CG  HG2  sing N N 237 
MSE CG  HG3  sing N N 238 
MSE SE  CE   sing N N 239 
MSE CE  HE1  sing N N 240 
MSE CE  HE2  sing N N 241 
MSE CE  HE3  sing N N 242 
PEG C1  O1   sing N N 243 
PEG C1  C2   sing N N 244 
PEG C1  H11  sing N N 245 
PEG C1  H12  sing N N 246 
PEG O1  HO1  sing N N 247 
PEG C2  O2   sing N N 248 
PEG C2  H21  sing N N 249 
PEG C2  H22  sing N N 250 
PEG O2  C3   sing N N 251 
PEG C3  C4   sing N N 252 
PEG C3  H31  sing N N 253 
PEG C3  H32  sing N N 254 
PEG C4  O4   sing N N 255 
PEG C4  H41  sing N N 256 
PEG C4  H42  sing N N 257 
PEG O4  HO4  sing N N 258 
PG4 O1  C1   sing N N 259 
PG4 O1  HO1  sing N N 260 
PG4 C1  C2   sing N N 261 
PG4 C1  H11  sing N N 262 
PG4 C1  H12  sing N N 263 
PG4 C2  O2   sing N N 264 
PG4 C2  H21  sing N N 265 
PG4 C2  H22  sing N N 266 
PG4 O2  C3   sing N N 267 
PG4 C3  C4   sing N N 268 
PG4 C3  H31  sing N N 269 
PG4 C3  H32  sing N N 270 
PG4 C4  O3   sing N N 271 
PG4 C4  H41  sing N N 272 
PG4 C4  H42  sing N N 273 
PG4 O3  C5   sing N N 274 
PG4 C5  C6   sing N N 275 
PG4 C5  H51  sing N N 276 
PG4 C5  H52  sing N N 277 
PG4 C6  O4   sing N N 278 
PG4 C6  H61  sing N N 279 
PG4 C6  H62  sing N N 280 
PG4 O4  C7   sing N N 281 
PG4 C7  C8   sing N N 282 
PG4 C7  H71  sing N N 283 
PG4 C7  H72  sing N N 284 
PG4 C8  O5   sing N N 285 
PG4 C8  H81  sing N N 286 
PG4 C8  H82  sing N N 287 
PG4 O5  HO5  sing N N 288 
PHE N   CA   sing N N 289 
PHE N   H    sing N N 290 
PHE N   H2   sing N N 291 
PHE CA  C    sing N N 292 
PHE CA  CB   sing N N 293 
PHE CA  HA   sing N N 294 
PHE C   O    doub N N 295 
PHE C   OXT  sing N N 296 
PHE CB  CG   sing N N 297 
PHE CB  HB2  sing N N 298 
PHE CB  HB3  sing N N 299 
PHE CG  CD1  doub Y N 300 
PHE CG  CD2  sing Y N 301 
PHE CD1 CE1  sing Y N 302 
PHE CD1 HD1  sing N N 303 
PHE CD2 CE2  doub Y N 304 
PHE CD2 HD2  sing N N 305 
PHE CE1 CZ   doub Y N 306 
PHE CE1 HE1  sing N N 307 
PHE CE2 CZ   sing Y N 308 
PHE CE2 HE2  sing N N 309 
PHE CZ  HZ   sing N N 310 
PHE OXT HXT  sing N N 311 
PRO N   CA   sing N N 312 
PRO N   CD   sing N N 313 
PRO N   H    sing N N 314 
PRO CA  C    sing N N 315 
PRO CA  CB   sing N N 316 
PRO CA  HA   sing N N 317 
PRO C   O    doub N N 318 
PRO C   OXT  sing N N 319 
PRO CB  CG   sing N N 320 
PRO CB  HB2  sing N N 321 
PRO CB  HB3  sing N N 322 
PRO CG  CD   sing N N 323 
PRO CG  HG2  sing N N 324 
PRO CG  HG3  sing N N 325 
PRO CD  HD2  sing N N 326 
PRO CD  HD3  sing N N 327 
PRO OXT HXT  sing N N 328 
SER N   CA   sing N N 329 
SER N   H    sing N N 330 
SER N   H2   sing N N 331 
SER CA  C    sing N N 332 
SER CA  CB   sing N N 333 
SER CA  HA   sing N N 334 
SER C   O    doub N N 335 
SER C   OXT  sing N N 336 
SER CB  OG   sing N N 337 
SER CB  HB2  sing N N 338 
SER CB  HB3  sing N N 339 
SER OG  HG   sing N N 340 
SER OXT HXT  sing N N 341 
THR N   CA   sing N N 342 
THR N   H    sing N N 343 
THR N   H2   sing N N 344 
THR CA  C    sing N N 345 
THR CA  CB   sing N N 346 
THR CA  HA   sing N N 347 
THR C   O    doub N N 348 
THR C   OXT  sing N N 349 
THR CB  OG1  sing N N 350 
THR CB  CG2  sing N N 351 
THR CB  HB   sing N N 352 
THR OG1 HG1  sing N N 353 
THR CG2 HG21 sing N N 354 
THR CG2 HG22 sing N N 355 
THR CG2 HG23 sing N N 356 
THR OXT HXT  sing N N 357 
TRP N   CA   sing N N 358 
TRP N   H    sing N N 359 
TRP N   H2   sing N N 360 
TRP CA  C    sing N N 361 
TRP CA  CB   sing N N 362 
TRP CA  HA   sing N N 363 
TRP C   O    doub N N 364 
TRP C   OXT  sing N N 365 
TRP CB  CG   sing N N 366 
TRP CB  HB2  sing N N 367 
TRP CB  HB3  sing N N 368 
TRP CG  CD1  doub Y N 369 
TRP CG  CD2  sing Y N 370 
TRP CD1 NE1  sing Y N 371 
TRP CD1 HD1  sing N N 372 
TRP CD2 CE2  doub Y N 373 
TRP CD2 CE3  sing Y N 374 
TRP NE1 CE2  sing Y N 375 
TRP NE1 HE1  sing N N 376 
TRP CE2 CZ2  sing Y N 377 
TRP CE3 CZ3  doub Y N 378 
TRP CE3 HE3  sing N N 379 
TRP CZ2 CH2  doub Y N 380 
TRP CZ2 HZ2  sing N N 381 
TRP CZ3 CH2  sing Y N 382 
TRP CZ3 HZ3  sing N N 383 
TRP CH2 HH2  sing N N 384 
TRP OXT HXT  sing N N 385 
TYR N   CA   sing N N 386 
TYR N   H    sing N N 387 
TYR N   H2   sing N N 388 
TYR CA  C    sing N N 389 
TYR CA  CB   sing N N 390 
TYR CA  HA   sing N N 391 
TYR C   O    doub N N 392 
TYR C   OXT  sing N N 393 
TYR CB  CG   sing N N 394 
TYR CB  HB2  sing N N 395 
TYR CB  HB3  sing N N 396 
TYR CG  CD1  doub Y N 397 
TYR CG  CD2  sing Y N 398 
TYR CD1 CE1  sing Y N 399 
TYR CD1 HD1  sing N N 400 
TYR CD2 CE2  doub Y N 401 
TYR CD2 HD2  sing N N 402 
TYR CE1 CZ   doub Y N 403 
TYR CE1 HE1  sing N N 404 
TYR CE2 CZ   sing Y N 405 
TYR CE2 HE2  sing N N 406 
TYR CZ  OH   sing N N 407 
TYR OH  HH   sing N N 408 
TYR OXT HXT  sing N N 409 
VAL N   CA   sing N N 410 
VAL N   H    sing N N 411 
VAL N   H2   sing N N 412 
VAL CA  C    sing N N 413 
VAL CA  CB   sing N N 414 
VAL CA  HA   sing N N 415 
VAL C   O    doub N N 416 
VAL C   OXT  sing N N 417 
VAL CB  CG1  sing N N 418 
VAL CB  CG2  sing N N 419 
VAL CB  HB   sing N N 420 
VAL CG1 HG11 sing N N 421 
VAL CG1 HG12 sing N N 422 
VAL CG1 HG13 sing N N 423 
VAL CG2 HG21 sing N N 424 
VAL CG2 HG22 sing N N 425 
VAL CG2 HG23 sing N N 426 
VAL OXT HXT  sing N N 427 
# 
_atom_sites.entry_id                    3EN8 
_atom_sites.fract_transf_matrix[1][1]   0.00500194 
_atom_sites.fract_transf_matrix[1][2]   -0.00929657 
_atom_sites.fract_transf_matrix[1][3]   -0.01236435 
_atom_sites.fract_transf_matrix[2][1]   0.00331545 
_atom_sites.fract_transf_matrix[2][2]   -0.01230852 
_atom_sites.fract_transf_matrix[2][3]   0.01059584 
_atom_sites.fract_transf_matrix[3][1]   -0.01004376 
_atom_sites.fract_transf_matrix[3][2]   -0.00376575 
_atom_sites.fract_transf_matrix[3][3]   -0.00123174 
_atom_sites.fract_transf_vector[1]      0.128735 
_atom_sites.fract_transf_vector[2]      0.181334 
_atom_sites.fract_transf_vector[3]      0.191585 
# 
loop_
_atom_type.symbol 
C  
CA 
N  
O  
S  
SE 
# 
loop_
_atom_site.group_PDB 
_atom_site.id 
_atom_site.type_symbol 
_atom_site.label_atom_id 
_atom_site.label_alt_id 
_atom_site.label_comp_id 
_atom_site.label_asym_id 
_atom_site.label_entity_id 
_atom_site.label_seq_id 
_atom_site.pdbx_PDB_ins_code 
_atom_site.Cartn_x 
_atom_site.Cartn_y 
_atom_site.Cartn_z 
_atom_site.occupancy 
_atom_site.B_iso_or_equiv 
_atom_site.pdbx_formal_charge 
_atom_site.auth_seq_id 
_atom_site.auth_comp_id 
_atom_site.auth_asym_id 
_atom_site.auth_atom_id 
_atom_site.pdbx_PDB_model_num 
ATOM   1    N  N   . GLY A 1 1   ? -9.498  15.732  -17.664 1.00 36.73 ? 0   GLY A N   1 
ATOM   2    C  CA  . GLY A 1 1   ? -8.139  15.488  -18.214 1.00 34.69 ? 0   GLY A CA  1 
ATOM   3    C  C   . GLY A 1 1   ? -7.674  14.116  -17.795 1.00 34.51 ? 0   GLY A C   1 
ATOM   4    O  O   . GLY A 1 1   ? -8.470  13.257  -17.406 1.00 36.38 ? 0   GLY A O   1 
HETATM 5    N  N   . MSE A 1 2   ? -6.364  13.942  -17.793 1.00 29.67 ? 1   MSE A N   1 
HETATM 6    C  CA  . MSE A 1 2   ? -5.783  12.639  -17.541 1.00 26.23 ? 1   MSE A CA  1 
HETATM 7    C  C   . MSE A 1 2   ? -5.180  12.464  -16.142 1.00 19.44 ? 1   MSE A C   1 
HETATM 8    O  O   . MSE A 1 2   ? -4.623  11.434  -15.831 1.00 18.17 ? 1   MSE A O   1 
HETATM 9    C  CB  . MSE A 1 2   ? -4.738  12.370  -18.628 1.00 23.87 ? 1   MSE A CB  1 
HETATM 10   C  CG  . MSE A 1 2   ? -5.395  12.112  -19.975 1.00 26.71 ? 1   MSE A CG  1 
HETATM 11   SE SE  . MSE A 1 2   ? -5.952  10.279  -19.883 0.75 21.51 ? 1   MSE A SE  1 
HETATM 12   C  CE  . MSE A 1 2   ? -4.656  9.910   -18.843 1.00 8.66  ? 1   MSE A CE  1 
ATOM   13   N  N   . ARG A 1 3   ? -5.284  13.487  -15.302 1.00 17.08 ? 2   ARG A N   1 
ATOM   14   C  CA  . ARG A 1 3   ? -4.419  13.589  -14.120 1.00 20.00 ? 2   ARG A CA  1 
ATOM   15   C  C   . ARG A 1 3   ? -4.568  12.412  -13.171 1.00 15.83 ? 2   ARG A C   1 
ATOM   16   O  O   . ARG A 1 3   ? -3.596  11.747  -12.784 1.00 16.98 ? 2   ARG A O   1 
ATOM   17   C  CB  . ARG A 1 3   ? -4.710  14.887  -13.349 1.00 22.23 ? 2   ARG A CB  1 
ATOM   18   C  CG  . ARG A 1 3   ? -3.601  15.267  -12.401 1.00 27.49 ? 2   ARG A CG  1 
ATOM   19   C  CD  . ARG A 1 3   ? -3.749  16.710  -11.873 1.00 34.12 ? 2   ARG A CD  1 
ATOM   20   N  N   . GLU A 1 4   ? -5.809  12.171  -12.789 1.00 15.87 ? 3   GLU A N   1 
ATOM   21   C  CA  . GLU A 1 4   ? -6.116  11.028  -11.906 1.00 14.52 ? 3   GLU A CA  1 
ATOM   22   C  C   . GLU A 1 4   ? -5.756  9.681   -12.519 1.00 14.80 ? 3   GLU A C   1 
ATOM   23   O  O   . GLU A 1 4   ? -5.272  8.762   -11.853 1.00 14.23 ? 3   GLU A O   1 
ATOM   24   C  CB  . GLU A 1 4   ? -7.593  11.027  -11.501 1.00 19.15 ? 3   GLU A CB  1 
ATOM   25   C  CG  . GLU A 1 4   ? -7.900  12.106  -10.447 1.00 19.37 ? 3   GLU A CG  1 
ATOM   26   C  CD  . GLU A 1 4   ? -9.388  12.334  -10.271 1.00 29.06 ? 3   GLU A CD  1 
ATOM   27   O  OE1 . GLU A 1 4   ? -10.166 11.802  -11.091 1.00 27.83 ? 3   GLU A OE1 1 
ATOM   28   O  OE2 . GLU A 1 4   ? -9.788  13.040  -9.319  1.00 21.30 ? 3   GLU A OE2 1 
ATOM   29   N  N   . GLU A 1 5   ? -6.065  9.540   -13.792 1.00 12.41 ? 4   GLU A N   1 
ATOM   30   C  CA  . GLU A 1 5   ? -5.771  8.272   -14.516 1.00 11.88 ? 4   GLU A CA  1 
ATOM   31   C  C   . GLU A 1 5   ? -4.266  8.008   -14.629 1.00 14.49 ? 4   GLU A C   1 
ATOM   32   O  O   . GLU A 1 5   ? -3.802  6.837   -14.585 1.00 14.36 ? 4   GLU A O   1 
ATOM   33   C  CB  . GLU A 1 5   ? -6.448  8.212   -15.880 1.00 14.39 ? 4   GLU A CB  1 
ATOM   34   C  CG  . GLU A 1 5   ? -7.925  7.830   -15.783 1.00 14.15 ? 4   GLU A CG  1 
ATOM   35   C  CD  . GLU A 1 5   ? -8.120  6.406   -15.302 1.00 17.06 ? 4   GLU A CD  1 
ATOM   36   O  OE1 . GLU A 1 5   ? -7.787  5.483   -16.051 1.00 14.70 ? 4   GLU A OE1 1 
ATOM   37   O  OE2 . GLU A 1 5   ? -8.572  6.210   -14.147 1.00 20.57 ? 4   GLU A OE2 1 
ATOM   38   N  N   . LYS A 1 6   ? -3.524  9.104   -14.734 1.00 13.00 ? 5   LYS A N   1 
ATOM   39   C  CA  . LYS A 1 6   ? -2.038  9.056   -14.709 1.00 15.63 ? 5   LYS A CA  1 
ATOM   40   C  C   . LYS A 1 6   ? -1.487  8.615   -13.350 1.00 15.20 ? 5   LYS A C   1 
ATOM   41   O  O   . LYS A 1 6   ? -0.553  7.794   -13.275 1.00 16.36 ? 5   LYS A O   1 
ATOM   42   C  CB  . LYS A 1 6   ? -1.420  10.368  -15.182 1.00 16.74 ? 5   LYS A CB  1 
ATOM   43   C  CG  . LYS A 1 6   ? -1.410  10.443  -16.728 1.00 19.55 ? 5   LYS A CG  1 
ATOM   44   C  CD  . LYS A 1 6   ? -1.086  11.840  -17.247 1.00 23.80 ? 5   LYS A CD  1 
ATOM   45   C  CE  . LYS A 1 6   ? -1.424  11.999  -18.765 1.00 25.17 ? 5   LYS A CE  1 
ATOM   46   N  NZ  . LYS A 1 6   ? -1.292  13.412  -19.217 1.00 27.19 ? 5   LYS A NZ  1 
ATOM   47   N  N   . ILE A 1 7   ? -2.095  9.115   -12.273 1.00 16.08 ? 6   ILE A N   1 
ATOM   48   C  CA  . ILE A 1 7   ? -1.745  8.635   -10.934 1.00 13.58 ? 6   ILE A CA  1 
ATOM   49   C  C   . ILE A 1 7   ? -2.102  7.150   -10.828 1.00 14.37 ? 6   ILE A C   1 
ATOM   50   O  O   . ILE A 1 7   ? -1.300  6.312   -10.385 1.00 16.59 ? 6   ILE A O   1 
ATOM   51   C  CB  . ILE A 1 7   ? -2.355  9.513   -9.772  1.00 13.66 ? 6   ILE A CB  1 
ATOM   52   C  CG1 . ILE A 1 7   ? -1.663  10.863  -9.762  1.00 15.18 ? 6   ILE A CG1 1 
ATOM   53   C  CG2 . ILE A 1 7   ? -2.221  8.817   -8.424  1.00 14.85 ? 6   ILE A CG2 1 
ATOM   54   C  CD1 . ILE A 1 7   ? -2.277  11.909  -8.776  1.00 16.14 ? 6   ILE A CD1 1 
ATOM   55   N  N   . ARG A 1 8   ? -3.303  6.805   -11.268 1.00 13.84 ? 7   ARG A N   1 
ATOM   56   C  CA  . ARG A 1 8   ? -3.746  5.411   -11.176 1.00 16.00 ? 7   ARG A CA  1 
ATOM   57   C  C   . ARG A 1 8   ? -2.808  4.470   -11.955 1.00 17.40 ? 7   ARG A C   1 
ATOM   58   O  O   . ARG A 1 8   ? -2.459  3.405   -11.478 1.00 16.66 ? 7   ARG A O   1 
ATOM   59   C  CB  . ARG A 1 8   ? -5.219  5.264   -11.610 1.00 18.34 ? 7   ARG A CB  1 
ATOM   60   C  CG  . ARG A 1 8   ? -5.802  3.851   -11.402 1.00 22.59 ? 7   ARG A CG  1 
ATOM   61   C  CD  . ARG A 1 8   ? -7.312  3.777   -11.768 1.00 25.09 ? 7   ARG A CD  1 
ATOM   62   N  NE  . ARG A 1 8   ? -8.178  4.563   -10.881 1.00 27.12 ? 7   ARG A NE  1 
ATOM   63   C  CZ  . ARG A 1 8   ? -8.750  4.081   -9.777  1.00 26.82 ? 7   ARG A CZ  1 
ATOM   64   N  NH1 . ARG A 1 8   ? -8.581  2.822   -9.440  1.00 24.65 ? 7   ARG A NH1 1 
ATOM   65   N  NH2 . ARG A 1 8   ? -9.521  4.843   -9.034  1.00 33.61 ? 7   ARG A NH2 1 
ATOM   66   N  N   . GLU A 1 9   ? -2.375  4.891   -13.132 1.00 17.23 ? 8   GLU A N   1 
ATOM   67   C  CA  . GLU A 1 9   ? -1.358  4.146   -13.903 1.00 16.40 ? 8   GLU A CA  1 
ATOM   68   C  C   . GLU A 1 9   ? -0.082  3.908   -13.092 1.00 16.72 ? 8   GLU A C   1 
ATOM   69   O  O   . GLU A 1 9   ? 0.446   2.783   -13.030 1.00 12.47 ? 8   GLU A O   1 
ATOM   70   C  CB  . GLU A 1 9   ? -1.007  4.882   -15.200 1.00 14.83 ? 8   GLU A CB  1 
ATOM   71   C  CG  . GLU A 1 9   ? -0.040  4.115   -16.119 1.00 14.90 ? 8   GLU A CG  1 
ATOM   72   C  CD  . GLU A 1 9   ? 0.322   4.902   -17.364 1.00 16.60 ? 8   GLU A CD  1 
ATOM   73   O  OE1 . GLU A 1 9   ? 0.443   6.131   -17.264 1.00 18.20 ? 8   GLU A OE1 1 
ATOM   74   O  OE2 . GLU A 1 9   ? 0.477   4.294   -18.450 1.00 19.39 ? 8   GLU A OE2 1 
ATOM   75   N  N   . ALA A 1 10  ? 0.365   4.973   -12.417 1.00 16.69 ? 9   ALA A N   1 
ATOM   76   C  CA  . ALA A 1 10  ? 1.579   4.939   -11.582 1.00 15.18 ? 9   ALA A CA  1 
ATOM   77   C  C   . ALA A 1 10  ? 1.366   3.973   -10.418 1.00 15.38 ? 9   ALA A C   1 
ATOM   78   O  O   . ALA A 1 10  ? 2.265   3.199   -10.029 1.00 14.06 ? 9   ALA A O   1 
ATOM   79   C  CB  . ALA A 1 10  ? 1.906   6.358   -11.055 1.00 16.08 ? 9   ALA A CB  1 
ATOM   80   N  N   . LEU A 1 11  ? 0.163   4.024   -9.857  1.00 17.43 ? 10  LEU A N   1 
ATOM   81   C  CA  . LEU A 1 11  ? -0.187  3.141   -8.726  1.00 17.64 ? 10  LEU A CA  1 
ATOM   82   C  C   . LEU A 1 11  ? -0.239  1.674   -9.103  1.00 16.00 ? 10  LEU A C   1 
ATOM   83   O  O   . LEU A 1 11  ? 0.255   0.815   -8.366  1.00 19.75 ? 10  LEU A O   1 
ATOM   84   C  CB  . LEU A 1 11  ? -1.497  3.508   -8.095  1.00 18.86 ? 10  LEU A CB  1 
ATOM   85   C  CG  . LEU A 1 11  ? -1.470  4.685   -7.165  1.00 21.57 ? 10  LEU A CG  1 
ATOM   86   C  CD1 . LEU A 1 11  ? -2.927  5.077   -6.813  1.00 19.31 ? 10  LEU A CD1 1 
ATOM   87   C  CD2 . LEU A 1 11  ? -0.628  4.317   -5.915  1.00 16.84 ? 10  LEU A CD2 1 
ATOM   88   N  N   . ASN A 1 12  ? -0.831  1.389   -10.264 1.00 16.22 ? 11  ASN A N   1 
ATOM   89   C  CA  . ASN A 1 12  ? -0.880  0.008   -10.782 1.00 15.27 ? 11  ASN A CA  1 
ATOM   90   C  C   . ASN A 1 12  ? 0.545   -0.547  -10.898 1.00 16.38 ? 11  ASN A C   1 
ATOM   91   O  O   . ASN A 1 12  ? 0.834   -1.708  -10.574 1.00 15.25 ? 11  ASN A O   1 
ATOM   92   C  CB  . ASN A 1 12  ? -1.588  -0.049  -12.143 1.00 15.78 ? 11  ASN A CB  1 
ATOM   93   C  CG  . ASN A 1 12  ? -3.084  0.154   -12.038 1.00 17.99 ? 11  ASN A CG  1 
ATOM   94   O  OD1 . ASN A 1 12  ? -3.643  0.040   -10.955 1.00 20.12 ? 11  ASN A OD1 1 
ATOM   95   N  ND2 . ASN A 1 12  ? -3.730  0.517   -13.159 1.00 19.47 ? 11  ASN A ND2 1 
ATOM   96   N  N   . ALA A 1 13  ? 1.443   0.307   -11.363 1.00 16.04 ? 12  ALA A N   1 
ATOM   97   C  CA  . ALA A 1 13  ? 2.849   -0.105  -11.610 1.00 14.08 ? 12  ALA A CA  1 
ATOM   98   C  C   . ALA A 1 13  ? 3.590   -0.294  -10.288 1.00 16.21 ? 12  ALA A C   1 
ATOM   99   O  O   . ALA A 1 13  ? 4.406   -1.235  -10.100 1.00 14.54 ? 12  ALA A O   1 
ATOM   100  C  CB  . ALA A 1 13  ? 3.565   0.918   -12.519 1.00 13.61 ? 12  ALA A CB  1 
ATOM   101  N  N   . HIS A 1 14  ? 3.255   0.591   -9.368  1.00 14.67 ? 13  HIS A N   1 
ATOM   102  C  CA  . HIS A 1 14  ? 3.771   0.546   -7.987  1.00 14.39 ? 13  HIS A CA  1 
ATOM   103  C  C   . HIS A 1 14  ? 3.471   -0.781  -7.365  1.00 13.90 ? 13  HIS A C   1 
ATOM   104  O  O   . HIS A 1 14  ? 4.321   -1.409  -6.725  1.00 16.31 ? 13  HIS A O   1 
ATOM   105  C  CB  . HIS A 1 14  ? 3.142   1.652   -7.123  1.00 17.03 ? 13  HIS A CB  1 
ATOM   106  C  CG  . HIS A 1 14  ? 3.547   1.597   -5.669  1.00 15.30 ? 13  HIS A CG  1 
ATOM   107  N  ND1 . HIS A 1 14  ? 4.815   1.939   -5.232  1.00 14.94 ? 13  HIS A ND1 1 
ATOM   108  C  CD2 . HIS A 1 14  ? 2.862   1.223   -4.566  1.00 14.12 ? 13  HIS A CD2 1 
ATOM   109  C  CE1 . HIS A 1 14  ? 4.868   1.813   -3.916  1.00 13.95 ? 13  HIS A CE1 1 
ATOM   110  N  NE2 . HIS A 1 14  ? 3.700   1.359   -3.491  1.00 16.50 ? 13  HIS A NE2 1 
ATOM   111  N  N   . TRP A 1 15  ? 2.220   -1.217  -7.517  1.00 11.54 ? 14  TRP A N   1 
ATOM   112  C  CA  . TRP A 1 15  ? 1.788   -2.423  -6.818  1.00 13.15 ? 14  TRP A CA  1 
ATOM   113  C  C   . TRP A 1 15  ? 2.314   -3.659  -7.527  1.00 13.01 ? 14  TRP A C   1 
ATOM   114  O  O   . TRP A 1 15  ? 2.625   -4.670  -6.901  1.00 13.77 ? 14  TRP A O   1 
ATOM   115  C  CB  . TRP A 1 15  ? 0.263   -2.505  -6.675  1.00 14.94 ? 14  TRP A CB  1 
ATOM   116  C  CG  . TRP A 1 15  ? -0.249  -1.390  -5.798  1.00 12.61 ? 14  TRP A CG  1 
ATOM   117  C  CD1 . TRP A 1 15  ? -1.165  -0.478  -6.141  1.00 14.45 ? 14  TRP A CD1 1 
ATOM   118  C  CD2 . TRP A 1 15  ? 0.198   -1.052  -4.466  1.00 13.85 ? 14  TRP A CD2 1 
ATOM   119  N  NE1 . TRP A 1 15  ? -1.350  0.435   -5.099  1.00 14.25 ? 14  TRP A NE1 1 
ATOM   120  C  CE2 . TRP A 1 15  ? -0.527  0.089   -4.061  1.00 13.84 ? 14  TRP A CE2 1 
ATOM   121  C  CE3 . TRP A 1 15  ? 1.141   -1.607  -3.572  1.00 16.10 ? 14  TRP A CE3 1 
ATOM   122  C  CZ2 . TRP A 1 15  ? -0.331  0.700   -2.825  1.00 13.69 ? 14  TRP A CZ2 1 
ATOM   123  C  CZ3 . TRP A 1 15  ? 1.305   -1.024  -2.354  1.00 15.96 ? 14  TRP A CZ3 1 
ATOM   124  C  CH2 . TRP A 1 15  ? 0.591   0.139   -2.000  1.00 11.53 ? 14  TRP A CH2 1 
ATOM   125  N  N   . GLN A 1 16  ? 2.421   -3.563  -8.843  1.00 13.66 ? 15  GLN A N   1 
ATOM   126  C  CA  . GLN A 1 16  ? 3.033   -4.648  -9.613  1.00 15.82 ? 15  GLN A CA  1 
ATOM   127  C  C   . GLN A 1 16  ? 4.463   -4.850  -9.179  1.00 14.66 ? 15  GLN A C   1 
ATOM   128  O  O   . GLN A 1 16  ? 4.977   -5.985  -9.088  1.00 13.19 ? 15  GLN A O   1 
ATOM   129  C  CB  . GLN A 1 16  ? 2.998   -4.355  -11.121 1.00 17.20 ? 15  GLN A CB  1 
ATOM   130  C  CG  . GLN A 1 16  ? 1.615   -4.501  -11.736 1.00 25.63 ? 15  GLN A CG  1 
ATOM   131  C  CD  . GLN A 1 16  ? 1.149   -5.956  -11.824 1.00 35.71 ? 15  GLN A CD  1 
ATOM   132  O  OE1 . GLN A 1 16  ? 1.913   -6.891  -11.566 1.00 45.35 ? 15  GLN A OE1 1 
ATOM   133  N  NE2 . GLN A 1 16  ? -0.106  -6.149  -12.225 1.00 42.38 ? 15  GLN A NE2 1 
ATOM   134  N  N   . ALA A 1 17  ? 5.118   -3.733  -8.946  1.00 12.15 ? 16  ALA A N   1 
ATOM   135  C  CA  . ALA A 1 17  ? 6.531   -3.749  -8.523  1.00 12.98 ? 16  ALA A CA  1 
ATOM   136  C  C   . ALA A 1 17  ? 6.661   -4.385  -7.161  1.00 15.40 ? 16  ALA A C   1 
ATOM   137  O  O   . ALA A 1 17  ? 7.601   -5.185  -6.888  1.00 14.35 ? 16  ALA A O   1 
ATOM   138  C  CB  . ALA A 1 17  ? 7.128   -2.367  -8.527  1.00 13.36 ? 16  ALA A CB  1 
ATOM   139  N  N   A SER A 1 18  ? 5.697   -4.069  -6.312  0.50 15.92 ? 17  SER A N   1 
ATOM   140  N  N   B SER A 1 18  ? 5.701   -4.071  -6.293  0.50 16.39 ? 17  SER A N   1 
ATOM   141  C  CA  A SER A 1 18  ? 5.687   -4.598  -4.948  0.50 15.43 ? 17  SER A CA  1 
ATOM   142  C  CA  B SER A 1 18  ? 5.688   -4.650  -4.934  0.50 16.20 ? 17  SER A CA  1 
ATOM   143  C  C   A SER A 1 18  ? 5.490   -6.122  -4.949  0.50 16.43 ? 17  SER A C   1 
ATOM   144  C  C   B SER A 1 18  ? 5.571   -6.159  -5.028  0.50 16.72 ? 17  SER A C   1 
ATOM   145  O  O   A SER A 1 18  ? 6.146   -6.856  -4.202  0.50 17.34 ? 17  SER A O   1 
ATOM   146  O  O   B SER A 1 18  ? 6.351   -6.918  -4.438  0.50 16.92 ? 17  SER A O   1 
ATOM   147  C  CB  A SER A 1 18  ? 4.613   -3.875  -4.125  0.50 16.89 ? 17  SER A CB  1 
ATOM   148  C  CB  B SER A 1 18  ? 4.520   -4.124  -4.089  0.50 18.43 ? 17  SER A CB  1 
ATOM   149  O  OG  A SER A 1 18  ? 4.580   -4.327  -2.793  0.50 14.17 ? 17  SER A OG  1 
ATOM   150  O  OG  B SER A 1 18  ? 4.424   -2.717  -4.112  0.50 17.33 ? 17  SER A OG  1 
ATOM   151  N  N   . ALA A 1 19  ? 4.587   -6.591  -5.797  1.00 15.54 ? 18  ALA A N   1 
ATOM   152  C  CA  . ALA A 1 19  ? 4.323   -8.039  -5.917  1.00 15.87 ? 18  ALA A CA  1 
ATOM   153  C  C   . ALA A 1 19  ? 5.558   -8.767  -6.461  1.00 18.45 ? 18  ALA A C   1 
ATOM   154  O  O   . ALA A 1 19  ? 5.859   -9.884  -6.057  1.00 17.17 ? 18  ALA A O   1 
ATOM   155  C  CB  . ALA A 1 19  ? 3.114   -8.302  -6.793  1.00 13.74 ? 18  ALA A CB  1 
ATOM   156  N  N   . ALA A 1 20  ? 6.275   -8.080  -7.342  1.00 17.35 ? 19  ALA A N   1 
ATOM   157  C  CA  . ALA A 1 20  ? 7.393   -8.649  -8.117  1.00 19.53 ? 19  ALA A CA  1 
ATOM   158  C  C   . ALA A 1 20  ? 8.688   -8.574  -7.329  1.00 19.66 ? 19  ALA A C   1 
ATOM   159  O  O   . ALA A 1 20  ? 9.672   -9.277  -7.620  1.00 18.17 ? 19  ALA A O   1 
ATOM   160  C  CB  . ALA A 1 20  ? 7.545   -7.929  -9.437  1.00 19.04 ? 19  ALA A CB  1 
ATOM   161  N  N   . GLY A 1 21  ? 8.666   -7.741  -6.296  1.00 18.41 ? 20  GLY A N   1 
ATOM   162  C  CA  . GLY A 1 21  ? 9.844   -7.548  -5.441  1.00 18.16 ? 20  GLY A CA  1 
ATOM   163  C  C   . GLY A 1 21  ? 10.893  -6.700  -6.129  1.00 17.88 ? 20  GLY A C   1 
ATOM   164  O  O   . GLY A 1 21  ? 12.086  -6.778  -5.843  1.00 18.63 ? 20  GLY A O   1 
ATOM   165  N  N   . ASP A 1 22  ? 10.416  -5.921  -7.084  1.00 17.72 ? 21  ASP A N   1 
ATOM   166  C  CA  . ASP A 1 22  ? 11.234  -4.922  -7.792  1.00 17.65 ? 21  ASP A CA  1 
ATOM   167  C  C   . ASP A 1 22  ? 11.295  -3.629  -6.970  1.00 18.36 ? 21  ASP A C   1 
ATOM   168  O  O   . ASP A 1 22  ? 10.540  -2.702  -7.191  1.00 15.00 ? 21  ASP A O   1 
ATOM   169  C  CB  . ASP A 1 22  ? 10.684  -4.643  -9.195  1.00 17.34 ? 21  ASP A CB  1 
ATOM   170  C  CG  . ASP A 1 22  ? 11.621  -3.774  -10.031 1.00 23.45 ? 21  ASP A CG  1 
ATOM   171  O  OD1 . ASP A 1 22  ? 12.522  -3.132  -9.440  1.00 20.63 ? 21  ASP A OD1 1 
ATOM   172  O  OD2 . ASP A 1 22  ? 11.438  -3.705  -11.274 1.00 26.93 ? 21  ASP A OD2 1 
ATOM   173  N  N   . PHE A 1 23  ? 12.244  -3.582  -6.041  1.00 20.33 ? 22  PHE A N   1 
ATOM   174  C  CA  . PHE A 1 23  ? 12.240  -2.543  -4.995  1.00 16.41 ? 22  PHE A CA  1 
ATOM   175  C  C   . PHE A 1 23  ? 12.534  -1.185  -5.590  1.00 16.80 ? 22  PHE A C   1 
ATOM   176  O  O   . PHE A 1 23  ? 12.053  -0.167  -5.098  1.00 16.73 ? 22  PHE A O   1 
ATOM   177  C  CB  . PHE A 1 23  ? 13.227  -2.859  -3.874  1.00 17.36 ? 22  PHE A CB  1 
ATOM   178  C  CG  . PHE A 1 23  ? 12.947  -4.163  -3.192  1.00 21.34 ? 22  PHE A CG  1 
ATOM   179  C  CD1 . PHE A 1 23  ? 11.825  -4.317  -2.409  1.00 26.42 ? 22  PHE A CD1 1 
ATOM   180  C  CD2 . PHE A 1 23  ? 13.795  -5.233  -3.345  1.00 27.75 ? 22  PHE A CD2 1 
ATOM   181  C  CE1 . PHE A 1 23  ? 11.556  -5.539  -1.795  1.00 21.79 ? 22  PHE A CE1 1 
ATOM   182  C  CE2 . PHE A 1 23  ? 13.527  -6.443  -2.728  1.00 28.86 ? 22  PHE A CE2 1 
ATOM   183  C  CZ  . PHE A 1 23  ? 12.403  -6.580  -1.954  1.00 27.29 ? 22  PHE A CZ  1 
ATOM   184  N  N   . ASP A 1 24  ? 13.260  -1.183  -6.699  1.00 18.48 ? 23  ASP A N   1 
ATOM   185  C  CA  . ASP A 1 24  ? 13.569  0.080   -7.382  1.00 19.96 ? 23  ASP A CA  1 
ATOM   186  C  C   . ASP A 1 24  ? 12.271  0.628   -7.957  1.00 18.67 ? 23  ASP A C   1 
ATOM   187  O  O   . ASP A 1 24  ? 11.901  1.777   -7.738  1.00 17.43 ? 23  ASP A O   1 
ATOM   188  C  CB  . ASP A 1 24  ? 14.595  -0.095  -8.512  1.00 19.63 ? 23  ASP A CB  1 
ATOM   189  C  CG  . ASP A 1 24  ? 16.024  -0.105  -8.020  1.00 23.09 ? 23  ASP A CG  1 
ATOM   190  O  OD1 . ASP A 1 24  ? 16.259  0.255   -6.846  1.00 22.78 ? 23  ASP A OD1 1 
ATOM   191  O  OD2 . ASP A 1 24  ? 16.920  -0.489  -8.823  1.00 27.35 ? 23  ASP A OD2 1 
ATOM   192  N  N   . ALA A 1 25  ? 11.581  -0.229  -8.687  1.00 19.59 ? 24  ALA A N   1 
ATOM   193  C  CA  . ALA A 1 25  ? 10.351  0.176   -9.376  1.00 18.94 ? 24  ALA A CA  1 
ATOM   194  C  C   . ALA A 1 25  ? 9.307   0.565   -8.342  1.00 18.45 ? 24  ALA A C   1 
ATOM   195  O  O   . ALA A 1 25  ? 8.527   1.499   -8.529  1.00 15.21 ? 24  ALA A O   1 
ATOM   196  C  CB  . ALA A 1 25  ? 9.824   -0.946  -10.298 1.00 19.07 ? 24  ALA A CB  1 
ATOM   197  N  N   . GLU A 1 26  ? 9.350   -0.150  -7.232  1.00 19.28 ? 25  GLU A N   1 
ATOM   198  C  CA  . GLU A 1 26  ? 8.391   0.037   -6.150  1.00 16.56 ? 25  GLU A CA  1 
ATOM   199  C  C   . GLU A 1 26  ? 8.531   1.409   -5.520  1.00 17.97 ? 25  GLU A C   1 
ATOM   200  O  O   . GLU A 1 26  ? 7.604   1.895   -4.887  1.00 18.67 ? 25  GLU A O   1 
ATOM   201  C  CB  . GLU A 1 26  ? 8.538   -1.044  -5.085  1.00 17.19 ? 25  GLU A CB  1 
ATOM   202  C  CG  . GLU A 1 26  ? 7.477   -1.005  -4.022  1.00 17.45 ? 25  GLU A CG  1 
ATOM   203  C  CD  . GLU A 1 26  ? 7.664   -2.054  -2.951  1.00 15.35 ? 25  GLU A CD  1 
ATOM   204  O  OE1 . GLU A 1 26  ? 8.662   -2.775  -2.998  1.00 19.48 ? 25  GLU A OE1 1 
ATOM   205  O  OE2 . GLU A 1 26  ? 6.776   -2.163  -2.087  1.00 22.15 ? 25  GLU A OE2 1 
ATOM   206  N  N   . HIS A 1 27  ? 9.693   2.037   -5.693  1.00 16.57 ? 26  HIS A N   1 
ATOM   207  C  CA  . HIS A 1 27  ? 9.926   3.301   -4.996  1.00 17.11 ? 26  HIS A CA  1 
ATOM   208  C  C   . HIS A 1 27  ? 10.042  4.480   -5.916  1.00 16.07 ? 26  HIS A C   1 
ATOM   209  O  O   . HIS A 1 27  ? 10.295  5.593   -5.496  1.00 16.89 ? 26  HIS A O   1 
ATOM   210  C  CB  . HIS A 1 27  ? 11.052  3.166   -3.978  1.00 16.73 ? 26  HIS A CB  1 
ATOM   211  C  CG  . HIS A 1 27  ? 10.677  2.253   -2.863  1.00 16.36 ? 26  HIS A CG  1 
ATOM   212  N  ND1 . HIS A 1 27  ? 10.800  0.885   -2.965  1.00 14.03 ? 26  HIS A ND1 1 
ATOM   213  C  CD2 . HIS A 1 27  ? 10.088  2.489   -1.668  1.00 21.19 ? 26  HIS A CD2 1 
ATOM   214  C  CE1 . HIS A 1 27  ? 10.343  0.322   -1.857  1.00 17.03 ? 26  HIS A CE1 1 
ATOM   215  N  NE2 . HIS A 1 27  ? 9.898   1.269   -1.060  1.00 19.81 ? 26  HIS A NE2 1 
ATOM   216  N  N   A ASP A 1 28  ? 9.734   4.226   -7.176  0.50 16.88 ? 27  ASP A N   1 
ATOM   217  N  N   B ASP A 1 28  ? 9.804   4.243   -7.194  0.50 17.53 ? 27  ASP A N   1 
ATOM   218  C  CA  A ASP A 1 28  ? 9.802   5.264   -8.205  0.50 16.87 ? 27  ASP A CA  1 
ATOM   219  C  CA  B ASP A 1 28  ? 9.900   5.326   -8.180  0.50 17.99 ? 27  ASP A CA  1 
ATOM   220  C  C   A ASP A 1 28  ? 8.768   6.340   -7.961  0.50 16.28 ? 27  ASP A C   1 
ATOM   221  C  C   B ASP A 1 28  ? 8.751   6.334   -8.017  0.50 16.96 ? 27  ASP A C   1 
ATOM   222  O  O   A ASP A 1 28  ? 8.937   7.508   -8.309  0.50 15.22 ? 27  ASP A O   1 
ATOM   223  O  O   B ASP A 1 28  ? 8.838   7.472   -8.477  0.50 16.46 ? 27  ASP A O   1 
ATOM   224  C  CB  A ASP A 1 28  ? 9.543   4.671   -9.585  0.50 18.50 ? 27  ASP A CB  1 
ATOM   225  C  CB  B ASP A 1 28  ? 9.942   4.771   -9.609  0.50 19.96 ? 27  ASP A CB  1 
ATOM   226  C  CG  A ASP A 1 28  ? 9.579   5.718   -10.667 0.50 19.07 ? 27  ASP A CG  1 
ATOM   227  C  CG  B ASP A 1 28  ? 11.308  4.176   -9.994  0.50 23.09 ? 27  ASP A CG  1 
ATOM   228  O  OD1 A ASP A 1 28  ? 10.671  6.287   -10.850 0.50 13.54 ? 27  ASP A OD1 1 
ATOM   229  O  OD1 B ASP A 1 28  ? 12.299  4.302   -9.234  0.50 24.91 ? 27  ASP A OD1 1 
ATOM   230  O  OD2 A ASP A 1 28  ? 8.534   5.981   -11.309 0.50 17.78 ? 27  ASP A OD2 1 
ATOM   231  O  OD2 B ASP A 1 28  ? 11.387  3.579   -11.084 0.50 25.06 ? 27  ASP A OD2 1 
ATOM   232  N  N   . ILE A 1 29  ? 7.682   5.909   -7.350  1.00 16.98 ? 28  ILE A N   1 
ATOM   233  C  CA  . ILE A 1 29  ? 6.470   6.749   -7.190  1.00 16.53 ? 28  ILE A CA  1 
ATOM   234  C  C   . ILE A 1 29  ? 6.625   7.837   -6.125  1.00 15.99 ? 28  ILE A C   1 
ATOM   235  O  O   . ILE A 1 29  ? 5.823   8.761   -6.046  1.00 17.54 ? 28  ILE A O   1 
ATOM   236  C  CB  . ILE A 1 29  ? 5.190   5.893   -6.900  1.00 15.30 ? 28  ILE A CB  1 
ATOM   237  C  CG1 . ILE A 1 29  ? 3.937   6.651   -7.353  1.00 14.80 ? 28  ILE A CG1 1 
ATOM   238  C  CG2 . ILE A 1 29  ? 5.105   5.501   -5.378  1.00 11.19 ? 28  ILE A CG2 1 
ATOM   239  C  CD1 . ILE A 1 29  ? 2.607   5.797   -7.288  1.00 13.73 ? 28  ILE A CD1 1 
ATOM   240  N  N   . TYR A 1 30  ? 7.666   7.738   -5.304  1.00 16.20 ? 29  TYR A N   1 
ATOM   241  C  CA  . TYR A 1 30  ? 7.802   8.648   -4.132  1.00 14.80 ? 29  TYR A CA  1 
ATOM   242  C  C   . TYR A 1 30  ? 8.605   9.885   -4.419  1.00 15.42 ? 29  TYR A C   1 
ATOM   243  O  O   . TYR A 1 30  ? 9.605   9.865   -5.118  1.00 13.12 ? 29  TYR A O   1 
ATOM   244  C  CB  . TYR A 1 30  ? 8.440   7.972   -2.892  1.00 14.91 ? 29  TYR A CB  1 
ATOM   245  C  CG  . TYR A 1 30  ? 7.665   6.791   -2.417  1.00 13.99 ? 29  TYR A CG  1 
ATOM   246  C  CD1 . TYR A 1 30  ? 6.586   6.946   -1.549  1.00 15.85 ? 29  TYR A CD1 1 
ATOM   247  C  CD2 . TYR A 1 30  ? 8.005   5.487   -2.845  1.00 10.75 ? 29  TYR A CD2 1 
ATOM   248  C  CE1 . TYR A 1 30  ? 5.831   5.854   -1.134  1.00 14.74 ? 29  TYR A CE1 1 
ATOM   249  C  CE2 . TYR A 1 30  ? 7.280   4.388   -2.413  1.00 15.90 ? 29  TYR A CE2 1 
ATOM   250  C  CZ  . TYR A 1 30  ? 6.201   4.564   -1.555  1.00 13.38 ? 29  TYR A CZ  1 
ATOM   251  O  OH  . TYR A 1 30  ? 5.435   3.502   -1.139  1.00 14.81 ? 29  TYR A OH  1 
ATOM   252  N  N   . ASP A 1 31  ? 8.167   10.980  -3.831  1.00 13.96 ? 30  ASP A N   1 
ATOM   253  C  CA  . ASP A 1 31  ? 9.085   12.108  -3.670  1.00 14.46 ? 30  ASP A CA  1 
ATOM   254  C  C   . ASP A 1 31  ? 10.297  11.656  -2.874  1.00 13.31 ? 30  ASP A C   1 
ATOM   255  O  O   . ASP A 1 31  ? 10.201  10.788  -2.029  1.00 13.41 ? 30  ASP A O   1 
ATOM   256  C  CB  . ASP A 1 31  ? 8.413   13.242  -2.914  1.00 12.63 ? 30  ASP A CB  1 
ATOM   257  C  CG  . ASP A 1 31  ? 9.266   14.479  -2.859  1.00 17.64 ? 30  ASP A CG  1 
ATOM   258  O  OD1 . ASP A 1 31  ? 9.262   15.228  -3.849  1.00 22.20 ? 30  ASP A OD1 1 
ATOM   259  O  OD2 . ASP A 1 31  ? 9.919   14.722  -1.826  1.00 17.43 ? 30  ASP A OD2 1 
ATOM   260  N  N   . ASP A 1 32  ? 11.419  12.326  -3.094  1.00 13.54 ? 31  ASP A N   1 
ATOM   261  C  CA  . ASP A 1 32  ? 12.647  11.993  -2.361  1.00 14.80 ? 31  ASP A CA  1 
ATOM   262  C  C   . ASP A 1 32  ? 12.478  12.075  -0.853  1.00 13.03 ? 31  ASP A C   1 
ATOM   263  O  O   . ASP A 1 32  ? 13.043  11.273  -0.099  1.00 13.46 ? 31  ASP A O   1 
ATOM   264  C  CB  . ASP A 1 32  ? 13.830  12.845  -2.827  1.00 15.39 ? 31  ASP A CB  1 
ATOM   265  C  CG  . ASP A 1 32  ? 13.739  14.299  -2.372  1.00 22.50 ? 31  ASP A CG  1 
ATOM   266  O  OD1 . ASP A 1 32  ? 12.605  14.836  -2.321  1.00 30.21 ? 31  ASP A OD1 1 
ATOM   267  O  OD2 . ASP A 1 32  ? 14.813  14.916  -2.067  1.00 20.90 ? 31  ASP A OD2 1 
ATOM   268  N  N   . ASP A 1 33  ? 11.683  13.043  -0.426  1.00 13.19 ? 32  ASP A N   1 
ATOM   269  C  CA  . ASP A 1 33  ? 11.471  13.305  0.991   1.00 14.30 ? 32  ASP A CA  1 
ATOM   270  C  C   . ASP A 1 33  ? 10.152  12.721  1.513   1.00 14.55 ? 32  ASP A C   1 
ATOM   271  O  O   . ASP A 1 33  ? 9.647   13.121  2.558   1.00 15.16 ? 32  ASP A O   1 
ATOM   272  C  CB  . ASP A 1 33  ? 11.525  14.800  1.277   1.00 12.62 ? 32  ASP A CB  1 
ATOM   273  C  CG  . ASP A 1 33  ? 12.809  15.416  0.819   1.00 17.05 ? 32  ASP A CG  1 
ATOM   274  O  OD1 . ASP A 1 33  ? 13.859  14.982  1.275   1.00 19.09 ? 32  ASP A OD1 1 
ATOM   275  O  OD2 . ASP A 1 33  ? 12.741  16.285  -0.042  1.00 21.79 ? 32  ASP A OD2 1 
ATOM   276  N  N   . ALA A 1 34  ? 9.615   11.770  0.768   1.00 15.78 ? 33  ALA A N   1 
ATOM   277  C  CA  . ALA A 1 34  ? 8.398   11.086  1.160   1.00 15.17 ? 33  ALA A CA  1 
ATOM   278  C  C   . ALA A 1 34  ? 8.547   10.557  2.584   1.00 14.85 ? 33  ALA A C   1 
ATOM   279  O  O   . ALA A 1 34  ? 9.600   10.071  2.986   1.00 16.03 ? 33  ALA A O   1 
ATOM   280  C  CB  . ALA A 1 34  ? 8.079   9.878   0.211   1.00 14.05 ? 33  ALA A CB  1 
ATOM   281  N  N   . ILE A 1 35  ? 7.441   10.637  3.302   1.00 13.33 ? 34  ILE A N   1 
ATOM   282  C  CA  . ILE A 1 35  ? 7.295   10.009  4.630   1.00 14.78 ? 34  ILE A CA  1 
ATOM   283  C  C   . ILE A 1 35  ? 6.289   8.864   4.575   1.00 15.15 ? 34  ILE A C   1 
ATOM   284  O  O   . ILE A 1 35  ? 5.311   8.902   3.834   1.00 15.50 ? 34  ILE A O   1 
ATOM   285  C  CB  . ILE A 1 35  ? 6.945   11.033  5.754   1.00 16.72 ? 34  ILE A CB  1 
ATOM   286  C  CG1 . ILE A 1 35  ? 5.627   11.758  5.477   1.00 19.79 ? 34  ILE A CG1 1 
ATOM   287  C  CG2 . ILE A 1 35  ? 8.090   12.062  5.855   1.00 17.34 ? 34  ILE A CG2 1 
ATOM   288  C  CD1 . ILE A 1 35  ? 5.054   12.636  6.639   1.00 18.40 ? 34  ILE A CD1 1 
ATOM   289  N  N   . CYS A 1 36  ? 6.586   7.843   5.369   1.00 12.88 ? 35  CYS A N   1 
ATOM   290  C  CA  . CYS A 1 36  ? 5.724   6.683   5.497   1.00 13.61 ? 35  CYS A CA  1 
ATOM   291  C  C   . CYS A 1 36  ? 5.512   6.373   6.965   1.00 12.89 ? 35  CYS A C   1 
ATOM   292  O  O   . CYS A 1 36  ? 6.458   6.124   7.696   1.00 15.45 ? 35  CYS A O   1 
ATOM   293  C  CB  . CYS A 1 36  ? 6.302   5.465   4.786   1.00 14.26 ? 35  CYS A CB  1 
ATOM   294  S  SG  . CYS A 1 36  ? 5.117   4.089   4.701   1.00 15.27 ? 35  CYS A SG  1 
ATOM   295  N  N   . ASP A 1 37  ? 4.246   6.405   7.350   1.00 15.64 ? 36  ASP A N   1 
ATOM   296  C  CA  . ASP A 1 37  ? 3.798   6.209   8.748   1.00 14.96 ? 36  ASP A CA  1 
ATOM   297  C  C   . ASP A 1 37  ? 3.097   4.873   8.942   1.00 15.27 ? 36  ASP A C   1 
ATOM   298  O  O   . ASP A 1 37  ? 2.282   4.441   8.120   1.00 15.70 ? 36  ASP A O   1 
ATOM   299  C  CB  . ASP A 1 37  ? 2.787   7.288   9.123   1.00 17.77 ? 36  ASP A CB  1 
ATOM   300  C  CG  . ASP A 1 37  ? 3.374   8.675   9.197   1.00 18.75 ? 36  ASP A CG  1 
ATOM   301  O  OD1 . ASP A 1 37  ? 4.617   8.822   9.217   1.00 21.18 ? 36  ASP A OD1 1 
ATOM   302  O  OD2 . ASP A 1 37  ? 2.563   9.643   9.236   1.00 19.97 ? 36  ASP A OD2 1 
ATOM   303  N  N   . TYR A 1 38  ? 3.420   4.241   10.062  1.00 13.38 ? 37  TYR A N   1 
ATOM   304  C  CA  . TYR A 1 38  ? 2.701   3.103   10.576  1.00 16.40 ? 37  TYR A CA  1 
ATOM   305  C  C   . TYR A 1 38  ? 2.025   3.504   11.890  1.00 16.61 ? 37  TYR A C   1 
ATOM   306  O  O   . TYR A 1 38  ? 2.639   3.389   12.967  1.00 16.52 ? 37  TYR A O   1 
ATOM   307  C  CB  . TYR A 1 38  ? 3.654   1.920   10.862  1.00 15.66 ? 37  TYR A CB  1 
ATOM   308  C  CG  . TYR A 1 38  ? 4.565   1.507   9.723   1.00 17.74 ? 37  TYR A CG  1 
ATOM   309  C  CD1 . TYR A 1 38  ? 4.129   1.525   8.393   1.00 17.31 ? 37  TYR A CD1 1 
ATOM   310  C  CD2 . TYR A 1 38  ? 5.843   1.050   9.972   1.00 19.29 ? 37  TYR A CD2 1 
ATOM   311  C  CE1 . TYR A 1 38  ? 4.944   1.124   7.366   1.00 17.34 ? 37  TYR A CE1 1 
ATOM   312  C  CE2 . TYR A 1 38  ? 6.672   0.641   8.942   1.00 21.84 ? 37  TYR A CE2 1 
ATOM   313  C  CZ  . TYR A 1 38  ? 6.220   0.685   7.636   1.00 20.59 ? 37  TYR A CZ  1 
ATOM   314  O  OH  . TYR A 1 38  ? 7.039   0.267   6.614   1.00 21.43 ? 37  TYR A OH  1 
ATOM   315  N  N   . PRO A 1 39  ? 0.754   3.955   11.821  1.00 15.23 ? 38  PRO A N   1 
ATOM   316  C  CA  . PRO A 1 39  ? 0.153   4.463   13.067  1.00 14.89 ? 38  PRO A CA  1 
ATOM   317  C  C   . PRO A 1 39  ? 0.034   3.394   14.135  1.00 15.43 ? 38  PRO A C   1 
ATOM   318  O  O   . PRO A 1 39  ? -0.003  3.703   15.312  1.00 13.10 ? 38  PRO A O   1 
ATOM   319  C  CB  . PRO A 1 39  ? -1.210  5.001   12.588  1.00 14.78 ? 38  PRO A CB  1 
ATOM   320  C  CG  . PRO A 1 39  ? -0.911  5.501   11.206  1.00 14.58 ? 38  PRO A CG  1 
ATOM   321  C  CD  . PRO A 1 39  ? 0.015   4.417   10.634  1.00 15.74 ? 38  PRO A CD  1 
ATOM   322  N  N   . GLN A 1 40  ? 0.021   2.135   13.734  1.00 14.31 ? 39  GLN A N   1 
ATOM   323  C  CA  . GLN A 1 40  ? -0.195  1.043   14.702  1.00 13.12 ? 39  GLN A CA  1 
ATOM   324  C  C   . GLN A 1 40  ? 0.956   0.957   15.682  1.00 14.10 ? 39  GLN A C   1 
ATOM   325  O  O   . GLN A 1 40  ? 0.821   0.479   16.830  1.00 15.19 ? 39  GLN A O   1 
ATOM   326  C  CB  . GLN A 1 40  ? -0.362  -0.311  14.015  1.00 15.33 ? 39  GLN A CB  1 
ATOM   327  C  CG  . GLN A 1 40  ? -1.687  -0.494  13.308  1.00 17.32 ? 39  GLN A CG  1 
ATOM   328  C  CD  . GLN A 1 40  ? -1.620  -1.630  12.299  1.00 21.03 ? 39  GLN A CD  1 
ATOM   329  O  OE1 . GLN A 1 40  ? -1.327  -1.436  11.102  1.00 15.86 ? 39  GLN A OE1 1 
ATOM   330  N  NE2 . GLN A 1 40  ? -1.870  -2.820  12.777  1.00 12.61 ? 39  GLN A NE2 1 
ATOM   331  N  N   . SER A 1 41  ? 2.118   1.411   15.216  1.00 18.44 ? 40  SER A N   1 
ATOM   332  C  CA  . SER A 1 41  ? 3.362   1.367   16.008  1.00 19.55 ? 40  SER A CA  1 
ATOM   333  C  C   . SER A 1 41  ? 3.953   2.739   16.341  1.00 19.70 ? 40  SER A C   1 
ATOM   334  O  O   . SER A 1 41  ? 4.882   2.838   17.130  1.00 19.51 ? 40  SER A O   1 
ATOM   335  C  CB  . SER A 1 41  ? 4.418   0.531   15.272  1.00 18.81 ? 40  SER A CB  1 
ATOM   336  O  OG  . SER A 1 41  ? 4.799   1.231   14.090  1.00 18.16 ? 40  SER A OG  1 
ATOM   337  N  N   . GLY A 1 42  ? 3.402   3.779   15.742  1.00 17.41 ? 41  GLY A N   1 
ATOM   338  C  CA  . GLY A 1 42  ? 3.845   5.150   15.969  1.00 18.68 ? 41  GLY A CA  1 
ATOM   339  C  C   . GLY A 1 42  ? 5.106   5.484   15.198  1.00 20.24 ? 41  GLY A C   1 
ATOM   340  O  O   . GLY A 1 42  ? 5.748   6.516   15.439  1.00 23.37 ? 41  GLY A O   1 
ATOM   341  N  N   . GLU A 1 43  ? 5.446   4.616   14.250  1.00 18.62 ? 42  GLU A N   1 
ATOM   342  C  CA  . GLU A 1 43  ? 6.699   4.769   13.492  1.00 16.51 ? 42  GLU A CA  1 
ATOM   343  C  C   . GLU A 1 43  ? 6.488   5.644   12.271  1.00 19.27 ? 42  GLU A C   1 
ATOM   344  O  O   . GLU A 1 43  ? 5.457   5.558   11.584  1.00 16.66 ? 42  GLU A O   1 
ATOM   345  C  CB  . GLU A 1 43  ? 7.262   3.433   13.033  1.00 14.99 ? 42  GLU A CB  1 
ATOM   346  C  CG  . GLU A 1 43  ? 7.662   2.537   14.139  1.00 15.50 ? 42  GLU A CG  1 
ATOM   347  C  CD  . GLU A 1 43  ? 8.069   1.198   13.632  1.00 15.61 ? 42  GLU A CD  1 
ATOM   348  O  OE1 . GLU A 1 43  ? 7.164   0.391   13.352  1.00 18.42 ? 42  GLU A OE1 1 
ATOM   349  O  OE2 . GLU A 1 43  ? 9.289   0.931   13.538  1.00 21.60 ? 42  GLU A OE2 1 
ATOM   350  N  N   . ARG A 1 44  ? 7.480   6.489   12.041  1.00 16.89 ? 43  ARG A N   1 
ATOM   351  C  CA  . ARG A 1 44  ? 7.574   7.257   10.818  1.00 16.31 ? 43  ARG A CA  1 
ATOM   352  C  C   . ARG A 1 44  ? 8.923   7.058   10.109  1.00 17.92 ? 43  ARG A C   1 
ATOM   353  O  O   . ARG A 1 44  ? 9.986   7.164   10.709  1.00 17.65 ? 43  ARG A O   1 
ATOM   354  C  CB  . ARG A 1 44  ? 7.294   8.720   11.114  1.00 15.95 ? 43  ARG A CB  1 
ATOM   355  C  CG  . ARG A 1 44  ? 7.669   9.633   9.983   1.00 16.24 ? 43  ARG A CG  1 
ATOM   356  C  CD  . ARG A 1 44  ? 7.137   11.049  10.221  1.00 18.06 ? 43  ARG A CD  1 
ATOM   357  N  NE  . ARG A 1 44  ? 5.691   11.086  10.104  1.00 17.34 ? 43  ARG A NE  1 
ATOM   358  C  CZ  . ARG A 1 44  ? 4.938   12.162  10.254  1.00 17.63 ? 43  ARG A CZ  1 
ATOM   359  N  NH1 . ARG A 1 44  ? 5.482   13.327  10.544  1.00 21.55 ? 43  ARG A NH1 1 
ATOM   360  N  NH2 . ARG A 1 44  ? 3.630   12.062  10.120  1.00 18.68 ? 43  ARG A NH2 1 
ATOM   361  N  N   . ILE A 1 45  ? 8.860   6.787   8.810   1.00 16.01 ? 44  ILE A N   1 
ATOM   362  C  CA  . ILE A 1 45  ? 10.066  6.625   7.995   1.00 15.95 ? 44  ILE A CA  1 
ATOM   363  C  C   . ILE A 1 45  ? 10.204  7.847   7.131   1.00 17.90 ? 44  ILE A C   1 
ATOM   364  O  O   . ILE A 1 45  ? 9.249   8.252   6.496   1.00 15.60 ? 44  ILE A O   1 
ATOM   365  C  CB  . ILE A 1 45  ? 9.987   5.347   7.115   1.00 17.67 ? 44  ILE A CB  1 
ATOM   366  C  CG1 . ILE A 1 45  ? 9.907   4.103   8.001   1.00 18.58 ? 44  ILE A CG1 1 
ATOM   367  C  CG2 . ILE A 1 45  ? 11.180  5.248   6.141   1.00 15.34 ? 44  ILE A CG2 1 
ATOM   368  C  CD1 . ILE A 1 45  ? 9.478   2.837   7.290   1.00 20.37 ? 44  ILE A CD1 1 
ATOM   369  N  N   . LEU A 1 46  ? 11.399  8.448   7.135   1.00 14.73 ? 45  LEU A N   1 
ATOM   370  C  CA  . LEU A 1 46  ? 11.645  9.674   6.378   1.00 20.49 ? 45  LEU A CA  1 
ATOM   371  C  C   . LEU A 1 46  ? 12.583  9.417   5.203   1.00 19.52 ? 45  LEU A C   1 
ATOM   372  O  O   . LEU A 1 46  ? 13.722  9.010   5.379   1.00 18.52 ? 45  LEU A O   1 
ATOM   373  C  CB  . LEU A 1 46  ? 12.226  10.755  7.314   1.00 22.16 ? 45  LEU A CB  1 
ATOM   374  C  CG  . LEU A 1 46  ? 11.341  11.127  8.530   1.00 29.87 ? 45  LEU A CG  1 
ATOM   375  C  CD1 . LEU A 1 46  ? 12.155  11.336  9.799   1.00 36.17 ? 45  LEU A CD1 1 
ATOM   376  C  CD2 . LEU A 1 46  ? 10.456  12.332  8.262   1.00 32.51 ? 45  LEU A CD2 1 
ATOM   377  N  N   . GLY A 1 47  ? 12.074  9.665   4.007   1.00 19.46 ? 46  GLY A N   1 
ATOM   378  C  CA  . GLY A 1 47  ? 12.842  9.528   2.775   1.00 18.58 ? 46  GLY A CA  1 
ATOM   379  C  C   . GLY A 1 47  ? 12.676  8.263   1.995   1.00 18.23 ? 46  GLY A C   1 
ATOM   380  O  O   . GLY A 1 47  ? 12.613  7.161   2.525   1.00 17.45 ? 46  GLY A O   1 
ATOM   381  N  N   A ARG A 1 48  ? 12.597  8.456   0.694   0.50 18.31 ? 47  ARG A N   1 
ATOM   382  N  N   B ARG A 1 48  ? 12.616  8.467   0.688   0.50 18.81 ? 47  ARG A N   1 
ATOM   383  C  CA  A ARG A 1 48  ? 12.473  7.374   -0.270  0.50 19.30 ? 47  ARG A CA  1 
ATOM   384  C  CA  B ARG A 1 48  ? 12.523  7.397   -0.306  0.50 20.12 ? 47  ARG A CA  1 
ATOM   385  C  C   A ARG A 1 48  ? 13.590  6.330   -0.116  0.50 18.10 ? 47  ARG A C   1 
ATOM   386  C  C   B ARG A 1 48  ? 13.584  6.313   -0.110  0.50 19.12 ? 47  ARG A C   1 
ATOM   387  O  O   A ARG A 1 48  ? 13.353  5.125   -0.181  0.50 17.57 ? 47  ARG A O   1 
ATOM   388  O  O   B ARG A 1 48  ? 13.271  5.123   -0.116  0.50 18.83 ? 47  ARG A O   1 
ATOM   389  C  CB  A ARG A 1 48  ? 12.490  7.980   -1.675  0.50 21.64 ? 47  ARG A CB  1 
ATOM   390  C  CB  B ARG A 1 48  ? 12.642  7.988   -1.724  0.50 22.45 ? 47  ARG A CB  1 
ATOM   391  C  CG  A ARG A 1 48  ? 12.312  6.997   -2.798  0.50 23.25 ? 47  ARG A CG  1 
ATOM   392  C  CG  B ARG A 1 48  ? 12.945  6.962   -2.823  0.50 24.38 ? 47  ARG A CG  1 
ATOM   393  C  CD  A ARG A 1 48  ? 12.195  7.713   -4.136  0.50 25.04 ? 47  ARG A CD  1 
ATOM   394  C  CD  B ARG A 1 48  ? 12.979  7.602   -4.215  0.50 26.37 ? 47  ARG A CD  1 
ATOM   395  N  NE  A ARG A 1 48  ? 13.151  8.802   -4.289  0.50 22.92 ? 47  ARG A NE  1 
ATOM   396  N  NE  B ARG A 1 48  ? 13.166  6.620   -5.286  0.50 25.52 ? 47  ARG A NE  1 
ATOM   397  C  CZ  A ARG A 1 48  ? 13.144  9.660   -5.297  0.50 24.59 ? 47  ARG A CZ  1 
ATOM   398  C  CZ  B ARG A 1 48  ? 13.610  5.380   -5.103  0.50 25.89 ? 47  ARG A CZ  1 
ATOM   399  N  NH1 A ARG A 1 48  ? 12.215  9.554   -6.233  0.50 29.18 ? 47  ARG A NH1 1 
ATOM   400  N  NH1 B ARG A 1 48  ? 13.917  4.949   -3.882  0.50 23.66 ? 47  ARG A NH1 1 
ATOM   401  N  NH2 A ARG A 1 48  ? 14.063  10.623  -5.368  0.50 25.05 ? 47  ARG A NH2 1 
ATOM   402  N  NH2 B ARG A 1 48  ? 13.735  4.563   -6.144  0.50 27.08 ? 47  ARG A NH2 1 
HETATM 403  N  N   A MSE A 1 49  ? 14.801  6.809   0.128   0.67 17.55 ? 48  MSE A N   1 
HETATM 404  N  N   B MSE A 1 49  ? 14.835  6.722   0.077   0.33 18.79 ? 48  MSE A N   1 
HETATM 405  C  CA  A MSE A 1 49  ? 15.967  5.934   0.196   0.67 17.89 ? 48  MSE A CA  1 
HETATM 406  C  CA  B MSE A 1 49  ? 15.930  5.766   0.126   0.33 18.82 ? 48  MSE A CA  1 
HETATM 407  C  C   A MSE A 1 49  ? 15.825  4.996   1.375   0.67 16.41 ? 48  MSE A C   1 
HETATM 408  C  C   B MSE A 1 49  ? 15.882  4.953   1.410   0.33 17.84 ? 48  MSE A C   1 
HETATM 409  O  O   A MSE A 1 49  ? 16.032  3.795   1.264   0.67 15.94 ? 48  MSE A O   1 
HETATM 410  O  O   B MSE A 1 49  ? 16.221  3.772   1.409   0.33 17.59 ? 48  MSE A O   1 
HETATM 411  C  CB  A MSE A 1 49  ? 17.259  6.753   0.347   0.67 18.89 ? 48  MSE A CB  1 
HETATM 412  C  CB  B MSE A 1 49  ? 17.285  6.476   -0.026  0.33 19.84 ? 48  MSE A CB  1 
HETATM 413  C  CG  A MSE A 1 49  ? 18.476  5.895   0.577   0.67 22.15 ? 48  MSE A CG  1 
HETATM 414  C  CG  B MSE A 1 49  ? 17.683  6.745   -1.481  0.33 21.30 ? 48  MSE A CG  1 
HETATM 415  SE SE  A MSE A 1 49  ? 20.055  6.976   0.892   0.50 28.56 ? 48  MSE A SE  1 
HETATM 416  SE SE  B MSE A 1 49  ? 19.417  7.646   -1.642  0.25 27.24 ? 48  MSE A SE  1 
HETATM 417  C  CE  A MSE A 1 49  ? 19.694  7.426   2.762   0.67 26.42 ? 48  MSE A CE  1 
HETATM 418  C  CE  B MSE A 1 49  ? 20.478  6.392   -0.601  0.33 25.20 ? 48  MSE A CE  1 
ATOM   419  N  N   . ASN A 1 50  ? 15.454  5.585   2.500   1.00 17.96 ? 49  ASN A N   1 
ATOM   420  C  CA  . ASN A 1 50  ? 15.328  4.859   3.784   1.00 19.31 ? 49  ASN A CA  1 
ATOM   421  C  C   . ASN A 1 50  ? 14.182  3.876   3.678   1.00 18.65 ? 49  ASN A C   1 
ATOM   422  O  O   . ASN A 1 50  ? 14.284  2.739   4.122   1.00 18.65 ? 49  ASN A O   1 
ATOM   423  C  CB  . ASN A 1 50  ? 15.127  5.792   4.999   1.00 22.11 ? 49  ASN A CB  1 
ATOM   424  C  CG  . ASN A 1 50  ? 16.444  6.299   5.568   1.00 26.62 ? 49  ASN A CG  1 
ATOM   425  O  OD1 . ASN A 1 50  ? 17.527  5.910   5.116   1.00 31.38 ? 49  ASN A OD1 1 
ATOM   426  N  ND2 . ASN A 1 50  ? 16.358  7.167   6.565   1.00 29.60 ? 49  ASN A ND2 1 
ATOM   427  N  N   . LEU A 1 51  ? 13.100  4.331   3.041   1.00 16.92 ? 50  LEU A N   1 
ATOM   428  C  CA  . LEU A 1 51  ? 11.888  3.512   2.903   1.00 15.94 ? 50  LEU A CA  1 
ATOM   429  C  C   . LEU A 1 51  ? 12.193  2.250   2.092   1.00 16.63 ? 50  LEU A C   1 
ATOM   430  O  O   . LEU A 1 51  ? 11.842  1.138   2.468   1.00 17.40 ? 50  LEU A O   1 
ATOM   431  C  CB  . LEU A 1 51  ? 10.755  4.314   2.232   1.00 16.76 ? 50  LEU A CB  1 
ATOM   432  C  CG  . LEU A 1 51  ? 9.396   3.625   2.194   1.00 15.86 ? 50  LEU A CG  1 
ATOM   433  C  CD1 . LEU A 1 51  ? 8.894   3.268   3.600   1.00 15.81 ? 50  LEU A CD1 1 
ATOM   434  C  CD2 . LEU A 1 51  ? 8.410   4.525   1.423   1.00 14.84 ? 50  LEU A CD2 1 
ATOM   435  N  N   . GLN A 1 52  ? 12.928  2.441   1.012   1.00 15.92 ? 51  GLN A N   1 
ATOM   436  C  CA  . GLN A 1 52  ? 13.261  1.332   0.116   1.00 15.58 ? 51  GLN A CA  1 
ATOM   437  C  C   . GLN A 1 52  ? 14.185  0.325   0.796   1.00 16.13 ? 51  GLN A C   1 
ATOM   438  O  O   . GLN A 1 52  ? 14.025  -0.896  0.649   1.00 16.73 ? 51  GLN A O   1 
ATOM   439  C  CB  . GLN A 1 52  ? 13.903  1.829   -1.165  1.00 16.35 ? 51  GLN A CB  1 
ATOM   440  C  CG  . GLN A 1 52  ? 14.405  0.704   -2.041  1.00 13.74 ? 51  GLN A CG  1 
ATOM   441  C  CD  . GLN A 1 52  ? 14.750  1.135   -3.457  1.00 20.31 ? 51  GLN A CD  1 
ATOM   442  O  OE1 . GLN A 1 52  ? 14.425  2.248   -3.911  1.00 18.96 ? 51  GLN A OE1 1 
ATOM   443  N  NE2 . GLN A 1 52  ? 15.415  0.248   -4.163  1.00 17.87 ? 51  GLN A NE2 1 
ATOM   444  N  N   . ALA A 1 53  ? 15.164  0.850   1.520   1.00 17.55 ? 52  ALA A N   1 
ATOM   445  C  CA  . ALA A 1 53  ? 16.188  0.009   2.145   1.00 18.18 ? 52  ALA A CA  1 
ATOM   446  C  C   . ALA A 1 53  ? 15.539  -0.809  3.239   1.00 17.86 ? 52  ALA A C   1 
ATOM   447  O  O   . ALA A 1 53  ? 15.801  -2.009  3.402   1.00 15.64 ? 52  ALA A O   1 
ATOM   448  C  CB  . ALA A 1 53  ? 17.347  0.852   2.710   1.00 19.45 ? 52  ALA A CB  1 
ATOM   449  N  N   . LEU A 1 54  ? 14.637  -0.164  3.964   1.00 19.73 ? 53  LEU A N   1 
ATOM   450  C  CA  . LEU A 1 54  ? 13.982  -0.825  5.096   1.00 19.23 ? 53  LEU A CA  1 
ATOM   451  C  C   . LEU A 1 54  ? 13.081  -1.930  4.565   1.00 20.22 ? 53  LEU A C   1 
ATOM   452  O  O   . LEU A 1 54  ? 13.111  -3.058  5.058   1.00 19.58 ? 53  LEU A O   1 
ATOM   453  C  CB  . LEU A 1 54  ? 13.214  0.164   5.980   1.00 19.85 ? 53  LEU A CB  1 
ATOM   454  C  CG  . LEU A 1 54  ? 14.083  1.066   6.861   1.00 21.14 ? 53  LEU A CG  1 
ATOM   455  C  CD1 . LEU A 1 54  ? 13.225  2.152   7.548   1.00 22.12 ? 53  LEU A CD1 1 
ATOM   456  C  CD2 . LEU A 1 54  ? 14.904  0.246   7.894   1.00 16.97 ? 53  LEU A CD2 1 
ATOM   457  N  N   . ARG A 1 55  ? 12.326  -1.624  3.512   1.00 19.67 ? 54  ARG A N   1 
ATOM   458  C  CA  . ARG A 1 55  ? 11.382  -2.617  2.961   1.00 19.52 ? 54  ARG A CA  1 
ATOM   459  C  C   . ARG A 1 55  ? 12.130  -3.801  2.342   1.00 21.73 ? 54  ARG A C   1 
ATOM   460  O  O   . ARG A 1 55  ? 11.690  -4.954  2.415   1.00 20.94 ? 54  ARG A O   1 
ATOM   461  C  CB  . ARG A 1 55  ? 10.441  -1.998  1.928   1.00 18.60 ? 54  ARG A CB  1 
ATOM   462  C  CG  . ARG A 1 55  ? 9.299   -1.185  2.574   1.00 15.26 ? 54  ARG A CG  1 
ATOM   463  C  CD  . ARG A 1 55  ? 8.554   -0.369  1.533   1.00 17.30 ? 54  ARG A CD  1 
ATOM   464  N  NE  . ARG A 1 55  ? 7.375   0.295   2.064   1.00 17.18 ? 54  ARG A NE  1 
ATOM   465  C  CZ  . ARG A 1 55  ? 6.689   1.193   1.369   1.00 13.81 ? 54  ARG A CZ  1 
ATOM   466  N  NH1 . ARG A 1 55  ? 7.090   1.508   0.163   1.00 13.23 ? 54  ARG A NH1 1 
ATOM   467  N  NH2 . ARG A 1 55  ? 5.591   1.733   1.869   1.00 14.00 ? 54  ARG A NH2 1 
ATOM   468  N  N   . SER A 1 56  ? 13.278  -3.487  1.765   1.00 20.82 ? 55  SER A N   1 
ATOM   469  C  CA  . SER A 1 56  ? 14.048  -4.467  0.975   1.00 21.52 ? 55  SER A CA  1 
ATOM   470  C  C   . SER A 1 56  ? 14.698  -5.454  1.912   1.00 21.81 ? 55  SER A C   1 
ATOM   471  O  O   . SER A 1 56  ? 15.016  -6.599  1.553   1.00 23.28 ? 55  SER A O   1 
ATOM   472  C  CB  . SER A 1 56  ? 15.132  -3.787  0.139   1.00 22.36 ? 55  SER A CB  1 
ATOM   473  O  OG  . SER A 1 56  ? 14.568  -3.256  -1.034  1.00 30.49 ? 55  SER A OG  1 
ATOM   474  N  N   . HIS A 1 57  ? 14.890  -4.968  3.119   1.00 23.45 ? 56  HIS A N   1 
ATOM   475  C  CA  . HIS A 1 57  ? 15.629  -5.679  4.155   1.00 26.05 ? 56  HIS A CA  1 
ATOM   476  C  C   . HIS A 1 57  ? 14.705  -6.664  4.819   1.00 27.50 ? 56  HIS A C   1 
ATOM   477  O  O   . HIS A 1 57  ? 14.996  -7.857  4.984   1.00 26.61 ? 56  HIS A O   1 
ATOM   478  C  CB  . HIS A 1 57  ? 16.131  -4.698  5.222   1.00 27.42 ? 56  HIS A CB  1 
ATOM   479  C  CG  . HIS A 1 57  ? 16.941  -5.351  6.297   1.00 29.52 ? 56  HIS A CG  1 
ATOM   480  N  ND1 . HIS A 1 57  ? 16.440  -5.609  7.556   1.00 33.77 ? 56  HIS A ND1 1 
ATOM   481  C  CD2 . HIS A 1 57  ? 18.202  -5.840  6.286   1.00 32.14 ? 56  HIS A CD2 1 
ATOM   482  C  CE1 . HIS A 1 57  ? 17.370  -6.207  8.282   1.00 32.68 ? 56  HIS A CE1 1 
ATOM   483  N  NE2 . HIS A 1 57  ? 18.447  -6.361  7.535   1.00 33.34 ? 56  HIS A NE2 1 
ATOM   484  N  N   . HIS A 1 58  ? 13.591  -6.106  5.247   1.00 28.86 ? 57  HIS A N   1 
ATOM   485  C  CA  . HIS A 1 58  ? 12.524  -6.882  5.876   1.00 30.61 ? 57  HIS A CA  1 
ATOM   486  C  C   . HIS A 1 58  ? 11.192  -6.141  5.887   1.00 29.36 ? 57  HIS A C   1 
ATOM   487  O  O   . HIS A 1 58  ? 11.135  -4.984  6.305   1.00 29.55 ? 57  HIS A O   1 
ATOM   488  C  CB  . HIS A 1 58  ? 12.925  -7.257  7.300   1.00 32.87 ? 57  HIS A CB  1 
ATOM   489  C  CG  . HIS A 1 58  ? 11.888  -8.060  8.014   1.00 35.22 ? 57  HIS A CG  1 
ATOM   490  N  ND1 . HIS A 1 58  ? 11.950  -9.434  8.115   1.00 35.25 ? 57  HIS A ND1 1 
ATOM   491  C  CD2 . HIS A 1 58  ? 10.738  -7.687  8.625   1.00 37.29 ? 57  HIS A CD2 1 
ATOM   492  C  CE1 . HIS A 1 58  ? 10.894  -9.870  8.775   1.00 35.32 ? 57  HIS A CE1 1 
ATOM   493  N  NE2 . HIS A 1 58  ? 10.144  -8.831  9.100   1.00 36.25 ? 57  HIS A NE2 1 
ATOM   494  N  N   . PRO A 1 59  ? 10.100  -6.825  5.485   1.00 27.94 ? 58  PRO A N   1 
ATOM   495  C  CA  . PRO A 1 59  ? 10.030  -8.275  5.251   1.00 28.49 ? 58  PRO A CA  1 
ATOM   496  C  C   . PRO A 1 59  ? 10.451  -8.725  3.851   1.00 27.04 ? 58  PRO A C   1 
ATOM   497  O  O   . PRO A 1 59  ? 10.452  -9.913  3.538   1.00 28.47 ? 58  PRO A O   1 
ATOM   498  C  CB  . PRO A 1 59  ? 8.540   -8.579  5.463   1.00 27.87 ? 58  PRO A CB  1 
ATOM   499  C  CG  . PRO A 1 59  ? 7.845   -7.340  5.006   1.00 28.42 ? 58  PRO A CG  1 
ATOM   500  C  CD  . PRO A 1 59  ? 8.787   -6.178  5.305   1.00 29.12 ? 58  PRO A CD  1 
ATOM   501  N  N   . GLY A 1 60  ? 10.841  -7.769  3.031   1.00 26.56 ? 59  GLY A N   1 
ATOM   502  C  CA  . GLY A 1 60  ? 11.200  -8.065  1.641   1.00 24.91 ? 59  GLY A CA  1 
ATOM   503  C  C   . GLY A 1 60  ? 9.989   -8.422  0.807   1.00 24.91 ? 59  GLY A C   1 
ATOM   504  O  O   . GLY A 1 60  ? 8.867   -8.129  1.175   1.00 25.63 ? 59  GLY A O   1 
ATOM   505  N  N   . LYS A 1 61  ? 10.233  -9.085  -0.312  1.00 23.48 ? 60  LYS A N   1 
ATOM   506  C  CA  . LYS A 1 61  ? 9.167   -9.425  -1.261  1.00 25.04 ? 60  LYS A CA  1 
ATOM   507  C  C   . LYS A 1 61  ? 8.091   -10.328 -0.638  1.00 22.08 ? 60  LYS A C   1 
ATOM   508  O  O   . LYS A 1 61  ? 8.403   -11.361 -0.047  1.00 20.08 ? 60  LYS A O   1 
ATOM   509  C  CB  . LYS A 1 61  ? 9.756   -10.125 -2.486  1.00 26.19 ? 60  LYS A CB  1 
ATOM   510  C  CG  . LYS A 1 61  ? 8.737   -10.396 -3.574  1.00 26.99 ? 60  LYS A CG  1 
ATOM   511  C  CD  . LYS A 1 61  ? 9.226   -11.459 -4.498  1.00 31.31 ? 60  LYS A CD  1 
ATOM   512  C  CE  . LYS A 1 61  ? 8.143   -11.908 -5.448  1.00 32.56 ? 60  LYS A CE  1 
ATOM   513  N  NZ  . LYS A 1 61  ? 8.700   -12.913 -6.389  1.00 33.99 ? 60  LYS A NZ  1 
ATOM   514  N  N   . PRO A 1 62  ? 6.811   -9.961  -0.786  1.00 20.71 ? 61  PRO A N   1 
ATOM   515  C  CA  . PRO A 1 62  ? 5.764   -10.840 -0.255  1.00 19.19 ? 61  PRO A CA  1 
ATOM   516  C  C   . PRO A 1 62  ? 5.617   -12.167 -1.034  1.00 19.20 ? 61  PRO A C   1 
ATOM   517  O  O   . PRO A 1 62  ? 5.829   -12.204 -2.237  1.00 19.97 ? 61  PRO A O   1 
ATOM   518  C  CB  . PRO A 1 62  ? 4.519   -9.986  -0.397  1.00 19.03 ? 61  PRO A CB  1 
ATOM   519  C  CG  . PRO A 1 62  ? 4.788   -9.111  -1.541  1.00 21.37 ? 61  PRO A CG  1 
ATOM   520  C  CD  . PRO A 1 62  ? 6.239   -8.786  -1.477  1.00 21.00 ? 61  PRO A CD  1 
ATOM   521  N  N   . ALA A 1 63  ? 5.309   -13.250 -0.324  1.00 15.13 ? 62  ALA A N   1 
ATOM   522  C  CA  . ALA A 1 63  ? 5.084   -14.561 -0.968  1.00 15.60 ? 62  ALA A CA  1 
ATOM   523  C  C   . ALA A 1 63  ? 3.791   -14.545 -1.780  1.00 13.97 ? 62  ALA A C   1 
ATOM   524  O  O   . ALA A 1 63  ? 3.580   -15.351 -2.690  1.00 13.36 ? 62  ALA A O   1 
ATOM   525  C  CB  . ALA A 1 63  ? 5.069   -15.724 0.087   1.00 13.65 ? 62  ALA A CB  1 
ATOM   526  N  N   . GLY A 1 64  ? 2.920   -13.611 -1.402  1.00 12.88 ? 63  GLY A N   1 
ATOM   527  C  CA  . GLY A 1 64  ? 1.589   -13.463 -1.984  1.00 12.75 ? 63  GLY A CA  1 
ATOM   528  C  C   . GLY A 1 64  ? 1.147   -12.010 -1.904  1.00 14.23 ? 63  GLY A C   1 
ATOM   529  O  O   . GLY A 1 64  ? 1.358   -11.362 -0.899  1.00 16.93 ? 63  GLY A O   1 
ATOM   530  N  N   . PHE A 1 65  ? 0.535   -11.544 -2.984  1.00 11.44 ? 64  PHE A N   1 
ATOM   531  C  CA  . PHE A 1 65  ? 0.113   -10.117 -3.164  1.00 13.70 ? 64  PHE A CA  1 
ATOM   532  C  C   . PHE A 1 65  ? -1.069  -10.033 -4.100  1.00 16.30 ? 64  PHE A C   1 
ATOM   533  O  O   . PHE A 1 65  ? -1.081  -10.662 -5.175  1.00 15.22 ? 64  PHE A O   1 
ATOM   534  C  CB  . PHE A 1 65  ? 1.256   -9.266  -3.727  1.00 15.56 ? 64  PHE A CB  1 
ATOM   535  C  CG  . PHE A 1 65  ? 0.933   -7.787  -3.804  1.00 15.06 ? 64  PHE A CG  1 
ATOM   536  C  CD1 . PHE A 1 65  ? 0.139   -7.299  -4.808  1.00 17.47 ? 64  PHE A CD1 1 
ATOM   537  C  CD2 . PHE A 1 65  ? 1.429   -6.916  -2.861  1.00 15.69 ? 64  PHE A CD2 1 
ATOM   538  C  CE1 . PHE A 1 65  ? -0.174  -5.933  -4.874  1.00 19.78 ? 64  PHE A CE1 1 
ATOM   539  C  CE2 . PHE A 1 65  ? 1.119   -5.548  -2.923  1.00 17.14 ? 64  PHE A CE2 1 
ATOM   540  C  CZ  . PHE A 1 65  ? 0.317   -5.078  -3.922  1.00 17.61 ? 64  PHE A CZ  1 
ATOM   541  N  N   . GLU A 1 66  ? -2.078  -9.265  -3.678  1.00 15.69 ? 65  GLU A N   1 
ATOM   542  C  CA  . GLU A 1 66  ? -3.255  -9.034  -4.520  1.00 16.48 ? 65  GLU A CA  1 
ATOM   543  C  C   . GLU A 1 66  ? -3.922  -7.716  -4.169  1.00 14.54 ? 65  GLU A C   1 
ATOM   544  O  O   . GLU A 1 66  ? -4.174  -7.413  -3.002  1.00 15.06 ? 65  GLU A O   1 
ATOM   545  C  CB  . GLU A 1 66  ? -4.230  -10.196 -4.339  1.00 19.23 ? 65  GLU A CB  1 
ATOM   546  C  CG  . GLU A 1 66  ? -5.568  -10.101 -4.986  1.00 28.85 ? 65  GLU A CG  1 
ATOM   547  C  CD  . GLU A 1 66  ? -6.391  -11.349 -4.652  1.00 35.97 ? 65  GLU A CD  1 
ATOM   548  O  OE1 . GLU A 1 66  ? -6.659  -11.599 -3.450  1.00 41.45 ? 65  GLU A OE1 1 
ATOM   549  O  OE2 . GLU A 1 66  ? -6.728  -12.089 -5.586  1.00 44.40 ? 65  GLU A OE2 1 
ATOM   550  N  N   . VAL A 1 67  ? -4.176  -6.916  -5.189  1.00 12.72 ? 66  VAL A N   1 
ATOM   551  C  CA  . VAL A 1 67  ? -4.910  -5.657  -4.964  1.00 11.72 ? 66  VAL A CA  1 
ATOM   552  C  C   . VAL A 1 67  ? -6.393  -5.964  -4.878  1.00 14.04 ? 66  VAL A C   1 
ATOM   553  O  O   . VAL A 1 67  ? -6.951  -6.723  -5.700  1.00 15.95 ? 66  VAL A O   1 
ATOM   554  C  CB  . VAL A 1 67  ? -4.654  -4.608  -6.053  1.00 14.07 ? 66  VAL A CB  1 
ATOM   555  C  CG1 . VAL A 1 67  ? -5.568  -3.360  -5.819  1.00 15.59 ? 66  VAL A CG1 1 
ATOM   556  C  CG2 . VAL A 1 67  ? -3.165  -4.183  -6.048  1.00 12.71 ? 66  VAL A CG2 1 
ATOM   557  N  N   . ARG A 1 68  ? -7.033  -5.377  -3.868  1.00 12.13 ? 67  ARG A N   1 
ATOM   558  C  CA  . ARG A 1 68  ? -8.491  -5.502  -3.681  1.00 14.56 ? 67  ARG A CA  1 
ATOM   559  C  C   . ARG A 1 68  ? -9.246  -4.374  -4.393  1.00 13.67 ? 67  ARG A C   1 
ATOM   560  O  O   . ARG A 1 68  ? -10.191 -4.546  -5.184  1.00 12.01 ? 67  ARG A O   1 
ATOM   561  C  CB  . ARG A 1 68  ? -8.847  -5.451  -2.188  1.00 12.97 ? 67  ARG A CB  1 
ATOM   562  C  CG  . ARG A 1 68  ? -10.336 -5.633  -1.934  1.00 16.27 ? 67  ARG A CG  1 
ATOM   563  C  CD  . ARG A 1 68  ? -10.729 -5.497  -0.462  1.00 23.60 ? 67  ARG A CD  1 
ATOM   564  N  NE  . ARG A 1 68  ? -12.179 -5.653  -0.244  1.00 23.57 ? 67  ARG A NE  1 
ATOM   565  C  CZ  . ARG A 1 68  ? -12.773 -6.817  0.024   1.00 26.19 ? 67  ARG A CZ  1 
ATOM   566  N  NH1 . ARG A 1 68  ? -12.079 -7.943  0.067   1.00 21.97 ? 67  ARG A NH1 1 
ATOM   567  N  NH2 . ARG A 1 68  ? -14.088 -6.866  0.214   1.00 28.88 ? 67  ARG A NH2 1 
ATOM   568  N  N   . ARG A 1 69  ? -8.792  -3.196  -4.110  1.00 11.59 ? 68  ARG A N   1 
ATOM   569  C  CA  . ARG A 1 69  ? -9.428  -1.974  -4.654  1.00 13.45 ? 68  ARG A CA  1 
ATOM   570  C  C   . ARG A 1 69  ? -8.525  -0.760  -4.549  1.00 15.23 ? 68  ARG A C   1 
ATOM   571  O  O   . ARG A 1 69  ? -7.836  -0.568  -3.554  1.00 17.14 ? 68  ARG A O   1 
ATOM   572  C  CB  . ARG A 1 69  ? -10.718 -1.669  -3.899  1.00 13.70 ? 68  ARG A CB  1 
ATOM   573  C  CG  . ARG A 1 69  ? -11.509 -0.519  -4.494  1.00 14.69 ? 68  ARG A CG  1 
ATOM   574  C  CD  . ARG A 1 69  ? -12.829 -0.327  -3.800  1.00 16.39 ? 68  ARG A CD  1 
ATOM   575  N  NE  . ARG A 1 69  ? -13.629 0.649   -4.556  1.00 18.40 ? 68  ARG A NE  1 
ATOM   576  C  CZ  . ARG A 1 69  ? -14.696 1.253   -4.060  1.00 17.51 ? 68  ARG A CZ  1 
ATOM   577  N  NH1 . ARG A 1 69  ? -15.064 1.011   -2.808  1.00 14.48 ? 68  ARG A NH1 1 
ATOM   578  N  NH2 . ARG A 1 69  ? -15.367 2.112   -4.787  1.00 17.96 ? 68  ARG A NH2 1 
ATOM   579  N  N   . ILE A 1 70  ? -8.583  0.082   -5.589  1.00 13.77 ? 69  ILE A N   1 
ATOM   580  C  CA  . ILE A 1 70  ? -7.922  1.389   -5.560  1.00 14.56 ? 69  ILE A CA  1 
ATOM   581  C  C   . ILE A 1 70  ? -8.960  2.472   -5.839  1.00 14.29 ? 69  ILE A C   1 
ATOM   582  O  O   . ILE A 1 70  ? -9.708  2.396   -6.780  1.00 15.32 ? 69  ILE A O   1 
ATOM   583  C  CB  . ILE A 1 70  ? -6.777  1.511   -6.605  1.00 14.83 ? 69  ILE A CB  1 
ATOM   584  C  CG1 . ILE A 1 70  ? -5.688  0.476   -6.371  1.00 16.87 ? 69  ILE A CG1 1 
ATOM   585  C  CG2 . ILE A 1 70  ? -6.155  2.943   -6.612  1.00 12.28 ? 69  ILE A CG2 1 
ATOM   586  C  CD1 . ILE A 1 70  ? -4.833  0.135   -7.643  1.00 22.12 ? 69  ILE A CD1 1 
ATOM   587  N  N   . GLN A 1 71  ? -9.006  3.422   -4.926  1.00 13.79 ? 70  GLN A N   1 
ATOM   588  C  CA  . GLN A 1 71  ? -9.870  4.622   -5.048  1.00 15.93 ? 70  GLN A CA  1 
ATOM   589  C  C   . GLN A 1 71  ? -9.015  5.853   -4.978  1.00 14.23 ? 70  GLN A C   1 
ATOM   590  O  O   . GLN A 1 71  ? -7.993  5.880   -4.309  1.00 14.30 ? 70  GLN A O   1 
ATOM   591  C  CB  . GLN A 1 71  ? -10.890 4.694   -3.902  1.00 15.77 ? 70  GLN A CB  1 
ATOM   592  C  CG  . GLN A 1 71  ? -11.879 3.554   -3.849  1.00 17.92 ? 70  GLN A CG  1 
ATOM   593  C  CD  . GLN A 1 71  ? -12.857 3.766   -2.745  1.00 17.43 ? 70  GLN A CD  1 
ATOM   594  O  OE1 . GLN A 1 71  ? -13.788 4.566   -2.883  1.00 17.77 ? 70  GLN A OE1 1 
ATOM   595  N  NE2 . GLN A 1 71  ? -12.627 3.131   -1.627  1.00 16.08 ? 70  GLN A NE2 1 
ATOM   596  N  N   . GLY A 1 72  ? -9.439  6.886   -5.687  1.00 12.75 ? 71  GLY A N   1 
ATOM   597  C  CA  . GLY A 1 72  ? -8.693  8.110   -5.635  1.00 14.63 ? 71  GLY A CA  1 
ATOM   598  C  C   . GLY A 1 72  ? -9.476  9.247   -6.202  1.00 16.27 ? 71  GLY A C   1 
ATOM   599  O  O   . GLY A 1 72  ? -10.320 9.091   -7.089  1.00 14.95 ? 71  GLY A O   1 
ATOM   600  N  N   . GLU A 1 73  ? -9.203  10.376  -5.623  1.00 11.85 ? 72  GLU A N   1 
ATOM   601  C  CA  . GLU A 1 73  ? -9.717  11.670  -6.123  1.00 16.41 ? 72  GLU A CA  1 
ATOM   602  C  C   . GLU A 1 73  ? -8.634  12.717  -5.945  1.00 17.34 ? 72  GLU A C   1 
ATOM   603  O  O   . GLU A 1 73  ? -8.061  12.855  -4.892  1.00 15.33 ? 72  GLU A O   1 
ATOM   604  C  CB  . GLU A 1 73  ? -10.983 12.055  -5.356  1.00 18.06 ? 72  GLU A CB  1 
ATOM   605  C  CG  . GLU A 1 73  ? -11.514 13.388  -5.709  1.00 26.83 ? 72  GLU A CG  1 
ATOM   606  C  CD  . GLU A 1 73  ? -12.146 13.425  -7.073  1.00 34.58 ? 72  GLU A CD  1 
ATOM   607  O  OE1 . GLU A 1 73  ? -12.359 12.344  -7.672  1.00 35.68 ? 72  GLU A OE1 1 
ATOM   608  O  OE2 . GLU A 1 73  ? -12.409 14.551  -7.543  1.00 40.96 ? 72  GLU A OE2 1 
ATOM   609  N  N   . GLY A 1 74  ? -8.340  13.448  -7.011  1.00 14.92 ? 73  GLY A N   1 
ATOM   610  C  CA  . GLY A 1 74  ? -7.294  14.466  -6.946  1.00 16.89 ? 73  GLY A CA  1 
ATOM   611  C  C   . GLY A 1 74  ? -5.971  13.884  -6.495  1.00 13.72 ? 73  GLY A C   1 
ATOM   612  O  O   . GLY A 1 74  ? -5.403  12.996  -7.167  1.00 13.93 ? 73  GLY A O   1 
ATOM   613  N  N   . ASN A 1 75  ? -5.495  14.348  -5.328  1.00 13.71 ? 74  ASN A N   1 
ATOM   614  C  CA  . ASN A 1 75  ? -4.174  13.947  -4.863  1.00 14.33 ? 74  ASN A CA  1 
ATOM   615  C  C   . ASN A 1 75  ? -4.285  12.946  -3.708  1.00 15.96 ? 74  ASN A C   1 
ATOM   616  O  O   . ASN A 1 75  ? -3.282  12.549  -3.154  1.00 17.81 ? 74  ASN A O   1 
ATOM   617  C  CB  . ASN A 1 75  ? -3.327  15.140  -4.438  1.00 15.16 ? 74  ASN A CB  1 
ATOM   618  C  CG  . ASN A 1 75  ? -2.680  15.848  -5.607  1.00 16.41 ? 74  ASN A CG  1 
ATOM   619  O  OD1 . ASN A 1 75  ? -2.280  15.217  -6.591  1.00 20.11 ? 74  ASN A OD1 1 
ATOM   620  N  ND2 . ASN A 1 75  ? -2.551  17.171  -5.498  1.00 22.61 ? 74  ASN A ND2 1 
ATOM   621  N  N   . LEU A 1 76  ? -5.508  12.493  -3.429  1.00 13.96 ? 75  LEU A N   1 
ATOM   622  C  CA  . LEU A 1 76  ? -5.742  11.511  -2.354  1.00 13.26 ? 75  LEU A CA  1 
ATOM   623  C  C   . LEU A 1 76  ? -6.077  10.141  -2.909  1.00 14.38 ? 75  LEU A C   1 
ATOM   624  O  O   . LEU A 1 76  ? -7.080  9.979   -3.620  1.00 13.80 ? 75  LEU A O   1 
ATOM   625  C  CB  . LEU A 1 76  ? -6.868  11.982  -1.437  1.00 16.18 ? 75  LEU A CB  1 
ATOM   626  C  CG  . LEU A 1 76  ? -7.192  11.112  -0.209  1.00 16.36 ? 75  LEU A CG  1 
ATOM   627  C  CD1 . LEU A 1 76  ? -5.950  11.023  0.720   1.00 15.16 ? 75  LEU A CD1 1 
ATOM   628  C  CD2 . LEU A 1 76  ? -8.374  11.710  0.542   1.00 15.80 ? 75  LEU A CD2 1 
ATOM   629  N  N   . TRP A 1 77  ? -5.280  9.159   -2.493  1.00 14.27 ? 76  TRP A N   1 
ATOM   630  C  CA  . TRP A 1 77  ? -5.367  7.805   -3.026  1.00 13.58 ? 76  TRP A CA  1 
ATOM   631  C  C   . TRP A 1 77  ? -5.353  6.771   -1.902  1.00 14.21 ? 76  TRP A C   1 
ATOM   632  O  O   . TRP A 1 77  ? -4.662  6.898   -0.900  1.00 14.91 ? 76  TRP A O   1 
ATOM   633  C  CB  . TRP A 1 77  ? -4.254  7.575   -4.053  1.00 12.70 ? 76  TRP A CB  1 
ATOM   634  C  CG  . TRP A 1 77  ? -4.562  8.447   -5.256  1.00 13.22 ? 76  TRP A CG  1 
ATOM   635  C  CD1 . TRP A 1 77  ? -4.326  9.776   -5.375  1.00 10.19 ? 76  TRP A CD1 1 
ATOM   636  C  CD2 . TRP A 1 77  ? -5.281  8.056   -6.421  1.00 12.11 ? 76  TRP A CD2 1 
ATOM   637  N  NE1 . TRP A 1 77  ? -4.860  10.258  -6.558  1.00 12.48 ? 76  TRP A NE1 1 
ATOM   638  C  CE2 . TRP A 1 77  ? -5.469  9.211   -7.206  1.00 12.39 ? 76  TRP A CE2 1 
ATOM   639  C  CE3 . TRP A 1 77  ? -5.808  6.834   -6.878  1.00 13.84 ? 76  TRP A CE3 1 
ATOM   640  C  CZ2 . TRP A 1 77  ? -6.112  9.163   -8.426  1.00 14.15 ? 76  TRP A CZ2 1 
ATOM   641  C  CZ3 . TRP A 1 77  ? -6.460  6.808   -8.045  1.00 17.03 ? 76  TRP A CZ3 1 
ATOM   642  C  CH2 . TRP A 1 77  ? -6.617  7.971   -8.820  1.00 18.35 ? 76  TRP A CH2 1 
ATOM   643  N  N   A ILE A 1 78  ? -6.171  5.757   -2.088  0.50 12.89 ? 77  ILE A N   1 
ATOM   644  N  N   B ILE A 1 78  ? -6.141  5.736   -2.112  0.50 13.34 ? 77  ILE A N   1 
ATOM   645  C  CA  A ILE A 1 78  ? -6.213  4.672   -1.127  0.50 13.67 ? 77  ILE A CA  1 
ATOM   646  C  CA  B ILE A 1 78  ? -6.286  4.668   -1.137  0.50 14.66 ? 77  ILE A CA  1 
ATOM   647  C  C   A ILE A 1 78  ? -6.358  3.302   -1.761  0.50 13.87 ? 77  ILE A C   1 
ATOM   648  C  C   B ILE A 1 78  ? -6.310  3.331   -1.832  0.50 14.35 ? 77  ILE A C   1 
ATOM   649  O  O   A ILE A 1 78  ? -7.268  3.015   -2.533  0.50 14.40 ? 77  ILE A O   1 
ATOM   650  O  O   B ILE A 1 78  ? -7.112  3.095   -2.733  0.50 15.32 ? 77  ILE A O   1 
ATOM   651  C  CB  A ILE A 1 78  ? -7.257  4.916   -0.021  0.50 14.31 ? 77  ILE A CB  1 
ATOM   652  C  CB  B ILE A 1 78  ? -7.592  4.825   -0.357  0.50 14.90 ? 77  ILE A CB  1 
ATOM   653  C  CG1 A ILE A 1 78  ? -7.085  3.854   1.065   0.50 12.93 ? 77  ILE A CG1 1 
ATOM   654  C  CG1 B ILE A 1 78  ? -7.674  6.224   0.254   0.50 15.61 ? 77  ILE A CG1 1 
ATOM   655  C  CG2 A ILE A 1 78  ? -8.705  4.983   -0.565  0.50 12.19 ? 77  ILE A CG2 1 
ATOM   656  C  CG2 B ILE A 1 78  ? -7.706  3.728   0.706   0.50 17.22 ? 77  ILE A CG2 1 
ATOM   657  C  CD1 A ILE A 1 78  ? -7.933  4.129   2.295   0.50 16.99 ? 77  ILE A CD1 1 
ATOM   658  C  CD1 B ILE A 1 78  ? -9.101  6.692   0.524   0.50 12.59 ? 77  ILE A CD1 1 
ATOM   659  N  N   . THR A 1 79  ? -5.403  2.477   -1.398  1.00 13.25 ? 78  THR A N   1 
ATOM   660  C  CA  . THR A 1 79  ? -5.279  1.131   -1.947  1.00 12.64 ? 78  THR A CA  1 
ATOM   661  C  C   . THR A 1 79  ? -5.520  0.151   -0.819  1.00 12.59 ? 78  THR A C   1 
ATOM   662  O  O   . THR A 1 79  ? -4.909  0.220   0.253   1.00 14.77 ? 78  THR A O   1 
ATOM   663  C  CB  . THR A 1 79  ? -3.898  0.857   -2.620  1.00 12.06 ? 78  THR A CB  1 
ATOM   664  O  OG1 . THR A 1 79  ? -3.644  1.782   -3.668  1.00 12.66 ? 78  THR A OG1 1 
ATOM   665  C  CG2 . THR A 1 79  ? -3.846  -0.598  -3.156  1.00 10.32 ? 78  THR A CG2 1 
ATOM   666  N  N   . GLU A 1 80  ? -6.451  -0.747  -1.100  1.00 12.36 ? 79  GLU A N   1 
ATOM   667  C  CA  . GLU A 1 80  ? -6.753  -1.879  -0.259  1.00 13.26 ? 79  GLU A CA  1 
ATOM   668  C  C   . GLU A 1 80  ? -6.177  -3.096  -0.928  1.00 14.16 ? 79  GLU A C   1 
ATOM   669  O  O   . GLU A 1 80  ? -6.420  -3.352  -2.108  1.00 13.65 ? 79  GLU A O   1 
ATOM   670  C  CB  . GLU A 1 80  ? -8.275  -2.050  -0.098  1.00 12.86 ? 79  GLU A CB  1 
ATOM   671  C  CG  . GLU A 1 80  ? -9.018  -0.901  0.634   1.00 11.77 ? 79  GLU A CG  1 
ATOM   672  C  CD  . GLU A 1 80  ? -10.487 -1.056  0.483   1.00 14.52 ? 79  GLU A CD  1 
ATOM   673  O  OE1 . GLU A 1 80  ? -11.003 -2.039  1.052   1.00 15.50 ? 79  GLU A OE1 1 
ATOM   674  O  OE2 . GLU A 1 80  ? -11.110 -0.212  -0.217  1.00 16.78 ? 79  GLU A OE2 1 
ATOM   675  N  N   . TYR A 1 81  ? -5.411  -3.850  -0.184  1.00 11.77 ? 80  TYR A N   1 
ATOM   676  C  CA  . TYR A 1 81  ? -4.685  -4.987  -0.811  1.00 11.68 ? 80  TYR A CA  1 
ATOM   677  C  C   . TYR A 1 81  ? -4.326  -5.961  0.242   1.00 12.38 ? 80  TYR A C   1 
ATOM   678  O  O   . TYR A 1 81  ? -4.378  -5.651  1.396   1.00 13.46 ? 80  TYR A O   1 
ATOM   679  C  CB  . TYR A 1 81  ? -3.437  -4.543  -1.582  1.00 12.09 ? 80  TYR A CB  1 
ATOM   680  C  CG  . TYR A 1 81  ? -2.287  -3.862  -0.819  1.00 11.57 ? 80  TYR A CG  1 
ATOM   681  C  CD1 . TYR A 1 81  ? -2.376  -2.519  -0.403  1.00 9.17  ? 80  TYR A CD1 1 
ATOM   682  C  CD2 . TYR A 1 81  ? -1.113  -4.526  -0.560  1.00 14.93 ? 80  TYR A CD2 1 
ATOM   683  C  CE1 . TYR A 1 81  ? -1.343  -1.911  0.257   1.00 15.35 ? 80  TYR A CE1 1 
ATOM   684  C  CE2 . TYR A 1 81  ? -0.043  -3.909  0.098   1.00 16.69 ? 80  TYR A CE2 1 
ATOM   685  C  CZ  . TYR A 1 81  ? -0.165  -2.578  0.515   1.00 12.37 ? 80  TYR A CZ  1 
ATOM   686  O  OH  . TYR A 1 81  ? 0.914   -1.972  1.181   1.00 14.23 ? 80  TYR A OH  1 
ATOM   687  N  N   . SER A 1 82  ? -3.981  -7.161  -0.205  1.00 13.16 ? 81  SER A N   1 
ATOM   688  C  CA  . SER A 1 82  ? -3.533  -8.234  0.687   1.00 16.04 ? 81  SER A CA  1 
ATOM   689  C  C   . SER A 1 82  ? -2.065  -8.575  0.387   1.00 14.84 ? 81  SER A C   1 
ATOM   690  O  O   . SER A 1 82  ? -1.592  -8.580  -0.771  1.00 15.90 ? 81  SER A O   1 
ATOM   691  C  CB  . SER A 1 82  ? -4.412  -9.484  0.518   1.00 16.06 ? 81  SER A CB  1 
ATOM   692  O  OG  . SER A 1 82  ? -5.728  -9.229  0.961   1.00 17.10 ? 81  SER A OG  1 
ATOM   693  N  N   . ILE A 1 83  ? -1.330  -8.777  1.463   1.00 13.60 ? 82  ILE A N   1 
ATOM   694  C  CA  . ILE A 1 83  ? 0.031   -9.282  1.394   1.00 17.11 ? 82  ILE A CA  1 
ATOM   695  C  C   . ILE A 1 83  ? 0.139   -10.533 2.271   1.00 15.40 ? 82  ILE A C   1 
ATOM   696  O  O   . ILE A 1 83  ? -0.549  -10.648 3.280   1.00 18.98 ? 82  ILE A O   1 
ATOM   697  C  CB  . ILE A 1 83  ? 1.043   -8.215  1.864   1.00 17.32 ? 82  ILE A CB  1 
ATOM   698  C  CG1 . ILE A 1 83  ? 0.893   -7.883  3.338   1.00 21.77 ? 82  ILE A CG1 1 
ATOM   699  C  CG2 . ILE A 1 83  ? 0.886   -6.939  1.046   1.00 22.25 ? 82  ILE A CG2 1 
ATOM   700  C  CD1 . ILE A 1 83  ? 1.906   -6.869  3.837   1.00 30.60 ? 82  ILE A CD1 1 
ATOM   701  N  N   . SER A 1 84  ? 0.972   -11.483 1.906   1.00 13.14 ? 83  SER A N   1 
ATOM   702  C  CA  . SER A 1 84  ? 1.058   -12.665 2.735   1.00 12.94 ? 83  SER A CA  1 
ATOM   703  C  C   . SER A 1 84  ? 2.467   -13.237 2.747   1.00 13.80 ? 83  SER A C   1 
ATOM   704  O  O   . SER A 1 84  ? 3.182   -13.198 1.756   1.00 13.71 ? 83  SER A O   1 
ATOM   705  C  CB  . SER A 1 84  ? 0.040   -13.707 2.248   1.00 14.25 ? 83  SER A CB  1 
ATOM   706  O  OG  . SER A 1 84  ? 0.086   -14.908 2.972   1.00 15.29 ? 83  SER A OG  1 
ATOM   707  N  N   . TYR A 1 85  ? 2.814   -13.721 3.934   1.00 13.78 ? 84  TYR A N   1 
ATOM   708  C  CA  . TYR A 1 85  ? 4.062   -14.401 4.251   1.00 14.15 ? 84  TYR A CA  1 
ATOM   709  C  C   . TYR A 1 85  ? 3.722   -15.582 5.138   1.00 11.82 ? 84  TYR A C   1 
ATOM   710  O  O   . TYR A 1 85  ? 2.942   -15.465 6.066   1.00 13.13 ? 84  TYR A O   1 
ATOM   711  C  CB  . TYR A 1 85  ? 5.035   -13.483 5.024   1.00 16.56 ? 84  TYR A CB  1 
ATOM   712  C  CG  . TYR A 1 85  ? 5.420   -12.208 4.318   1.00 18.94 ? 84  TYR A CG  1 
ATOM   713  C  CD1 . TYR A 1 85  ? 4.628   -11.069 4.398   1.00 19.75 ? 84  TYR A CD1 1 
ATOM   714  C  CD2 . TYR A 1 85  ? 6.596   -12.139 3.592   1.00 22.57 ? 84  TYR A CD2 1 
ATOM   715  C  CE1 . TYR A 1 85  ? 4.982   -9.898  3.731   1.00 23.34 ? 84  TYR A CE1 1 
ATOM   716  C  CE2 . TYR A 1 85  ? 6.966   -10.983 2.934   1.00 21.36 ? 84  TYR A CE2 1 
ATOM   717  C  CZ  . TYR A 1 85  ? 6.172   -9.868  3.008   1.00 27.71 ? 84  TYR A CZ  1 
ATOM   718  O  OH  . TYR A 1 85  ? 6.579   -8.738  2.312   1.00 25.25 ? 84  TYR A OH  1 
ATOM   719  N  N   . ASN A 1 86  ? 4.280   -16.730 4.816   1.00 9.64  ? 85  ASN A N   1 
ATOM   720  C  CA  . ASN A 1 86  ? 4.146   -17.901 5.644   1.00 11.47 ? 85  ASN A CA  1 
ATOM   721  C  C   . ASN A 1 86  ? 2.707   -18.372 5.809   1.00 10.83 ? 85  ASN A C   1 
ATOM   722  O  O   . ASN A 1 86  ? 2.351   -18.988 6.800   1.00 11.30 ? 85  ASN A O   1 
ATOM   723  C  CB  . ASN A 1 86  ? 4.745   -17.641 7.016   1.00 16.67 ? 85  ASN A CB  1 
ATOM   724  C  CG  . ASN A 1 86  ? 6.169   -17.160 6.942   1.00 22.99 ? 85  ASN A CG  1 
ATOM   725  O  OD1 . ASN A 1 86  ? 6.504   -16.074 7.437   1.00 33.32 ? 85  ASN A OD1 1 
ATOM   726  N  ND2 . ASN A 1 86  ? 7.018   -17.950 6.304   1.00 23.12 ? 85  ASN A ND2 1 
ATOM   727  N  N   . GLY A 1 87  ? 1.896   -18.083 4.810   1.00 10.06 ? 86  GLY A N   1 
ATOM   728  C  CA  . GLY A 1 87  ? 0.485   -18.468 4.845   1.00 12.45 ? 86  GLY A CA  1 
ATOM   729  C  C   . GLY A 1 87  ? -0.316  -17.600 5.818   1.00 13.99 ? 86  GLY A C   1 
ATOM   730  O  O   . GLY A 1 87  ? -1.394  -17.993 6.276   1.00 16.13 ? 86  GLY A O   1 
ATOM   731  N  N   . ARG A 1 88  ? 0.229   -16.438 6.155   1.00 12.46 ? 87  ARG A N   1 
ATOM   732  C  CA  . ARG A 1 88  ? -0.463  -15.510 7.066   1.00 12.56 ? 87  ARG A CA  1 
ATOM   733  C  C   . ARG A 1 88  ? -0.720  -14.174 6.374   1.00 15.30 ? 87  ARG A C   1 
ATOM   734  O  O   . ARG A 1 88  ? 0.174   -13.357 6.211   1.00 15.59 ? 87  ARG A O   1 
ATOM   735  C  CB  . ARG A 1 88  ? 0.304   -15.257 8.368   1.00 14.61 ? 87  ARG A CB  1 
ATOM   736  C  CG  . ARG A 1 88  ? 0.555   -16.484 9.146   1.00 20.79 ? 87  ARG A CG  1 
ATOM   737  C  CD  . ARG A 1 88  ? 1.037   -16.182 10.566  1.00 27.07 ? 87  ARG A CD  1 
ATOM   738  N  N   . PRO A 1 89  ? -1.947  -13.955 5.969   1.00 16.08 ? 88  PRO A N   1 
ATOM   739  C  CA  . PRO A 1 89  ? -2.198  -12.748 5.203   1.00 17.43 ? 88  PRO A CA  1 
ATOM   740  C  C   . PRO A 1 89  ? -2.502  -11.554 6.079   1.00 16.51 ? 88  PRO A C   1 
ATOM   741  O  O   . PRO A 1 89  ? -2.936  -11.659 7.257   1.00 13.38 ? 88  PRO A O   1 
ATOM   742  C  CB  . PRO A 1 89  ? -3.419  -13.139 4.380   1.00 18.87 ? 88  PRO A CB  1 
ATOM   743  C  CG  . PRO A 1 89  ? -4.214  -13.936 5.412   1.00 21.22 ? 88  PRO A CG  1 
ATOM   744  C  CD  . PRO A 1 89  ? -3.148  -14.813 6.032   1.00 20.63 ? 88  PRO A CD  1 
ATOM   745  N  N   . ALA A 1 90  ? -2.227  -10.412 5.498   1.00 15.50 ? 89  ALA A N   1 
ATOM   746  C  CA  . ALA A 1 90  ? -2.597  -9.140  6.093   1.00 16.65 ? 89  ALA A CA  1 
ATOM   747  C  C   . ALA A 1 90  ? -3.437  -8.348  5.117   1.00 16.27 ? 89  ALA A C   1 
ATOM   748  O  O   . ALA A 1 90  ? -3.067  -8.152  3.963   1.00 15.73 ? 89  ALA A O   1 
ATOM   749  C  CB  . ALA A 1 90  ? -1.378  -8.370  6.481   1.00 15.70 ? 89  ALA A CB  1 
ATOM   750  N  N   . TYR A 1 91  ? -4.596  -7.945  5.615   1.00 13.65 ? 90  TYR A N   1 
ATOM   751  C  CA  . TYR A 1 91  ? -5.460  -6.968  4.938   1.00 16.90 ? 90  TYR A CA  1 
ATOM   752  C  C   . TYR A 1 91  ? -4.856  -5.603  5.188   1.00 14.33 ? 90  TYR A C   1 
ATOM   753  O  O   . TYR A 1 91  ? -4.857  -5.079  6.327   1.00 18.33 ? 90  TYR A O   1 
ATOM   754  C  CB  . TYR A 1 91  ? -6.904  -7.039  5.478   1.00 16.50 ? 90  TYR A CB  1 
ATOM   755  C  CG  . TYR A 1 91  ? -7.688  -8.215  4.997   1.00 23.44 ? 90  TYR A CG  1 
ATOM   756  C  CD1 . TYR A 1 91  ? -8.410  -8.159  3.815   1.00 25.25 ? 90  TYR A CD1 1 
ATOM   757  C  CD2 . TYR A 1 91  ? -7.704  -9.410  5.732   1.00 27.15 ? 90  TYR A CD2 1 
ATOM   758  C  CE1 . TYR A 1 91  ? -9.135  -9.265  3.359   1.00 26.33 ? 90  TYR A CE1 1 
ATOM   759  C  CE2 . TYR A 1 91  ? -8.431  -10.517 5.290   1.00 25.16 ? 90  TYR A CE2 1 
ATOM   760  C  CZ  . TYR A 1 91  ? -9.140  -10.443 4.100   1.00 25.90 ? 90  TYR A CZ  1 
ATOM   761  O  OH  . TYR A 1 91  ? -9.859  -11.528 3.639   1.00 23.81 ? 90  TYR A OH  1 
ATOM   762  N  N   . THR A 1 92  ? -4.346  -5.031  4.099   1.00 15.70 ? 91  THR A N   1 
ATOM   763  C  CA  . THR A 1 92  ? -3.518  -3.842  4.136   1.00 12.88 ? 91  THR A CA  1 
ATOM   764  C  C   . THR A 1 92  ? -4.227  -2.663  3.463   1.00 12.37 ? 91  THR A C   1 
ATOM   765  O  O   . THR A 1 92  ? -5.046  -2.793  2.554   1.00 12.95 ? 91  THR A O   1 
ATOM   766  C  CB  . THR A 1 92  ? -2.112  -4.136  3.530   1.00 12.98 ? 91  THR A CB  1 
ATOM   767  O  OG1 . THR A 1 92  ? -1.565  -5.323  4.131   1.00 15.21 ? 91  THR A OG1 1 
ATOM   768  C  CG2 . THR A 1 92  ? -1.151  -2.963  3.797   1.00 15.33 ? 91  THR A CG2 1 
ATOM   769  N  N   . VAL A 1 93  ? -3.955  -1.520  4.023   1.00 14.03 ? 92  VAL A N   1 
ATOM   770  C  CA  . VAL A 1 93  ? -4.442  -0.226  3.504   1.00 14.22 ? 92  VAL A CA  1 
ATOM   771  C  C   . VAL A 1 93  ? -3.280  0.711   3.379   1.00 13.42 ? 92  VAL A C   1 
ATOM   772  O  O   . VAL A 1 93  ? -2.523  0.915   4.304   1.00 13.10 ? 92  VAL A O   1 
ATOM   773  C  CB  . VAL A 1 93  ? -5.525  0.410   4.414   1.00 15.70 ? 92  VAL A CB  1 
ATOM   774  C  CG1 . VAL A 1 93  ? -5.895  1.830   3.899   1.00 14.59 ? 92  VAL A CG1 1 
ATOM   775  C  CG2 . VAL A 1 93  ? -6.781  -0.465  4.483   1.00 17.86 ? 92  VAL A CG2 1 
ATOM   776  N  N   . SER A 1 94  ? -3.124  1.270   2.188   1.00 13.91 ? 93  SER A N   1 
ATOM   777  C  CA  . SER A 1 94  ? -2.146  2.284   1.977   1.00 11.17 ? 93  SER A CA  1 
ATOM   778  C  C   . SER A 1 94  ? -2.853  3.576   1.512   1.00 9.83  ? 93  SER A C   1 
ATOM   779  O  O   . SER A 1 94  ? -3.458  3.601   0.412   1.00 13.53 ? 93  SER A O   1 
ATOM   780  C  CB  . SER A 1 94  ? -1.131  1.842   0.899   1.00 12.48 ? 93  SER A CB  1 
ATOM   781  O  OG  . SER A 1 94  ? -0.344  2.907   0.378   1.00 17.43 ? 93  SER A OG  1 
ATOM   782  N  N   . ILE A 1 95  ? -2.706  4.591   2.327   1.00 11.18 ? 94  ILE A N   1 
ATOM   783  C  CA  . ILE A 1 95  ? -3.283  5.912   2.071   1.00 11.99 ? 94  ILE A CA  1 
ATOM   784  C  C   . ILE A 1 95  ? -2.168  6.782   1.541   1.00 13.51 ? 94  ILE A C   1 
ATOM   785  O  O   . ILE A 1 95  ? -1.170  6.994   2.247   1.00 15.09 ? 94  ILE A O   1 
ATOM   786  C  CB  . ILE A 1 95  ? -3.876  6.552   3.360   1.00 15.27 ? 94  ILE A CB  1 
ATOM   787  C  CG1 . ILE A 1 95  ? -4.844  5.645   4.074   1.00 16.72 ? 94  ILE A CG1 1 
ATOM   788  C  CG2 . ILE A 1 95  ? -4.463  7.942   3.032   1.00 12.80 ? 94  ILE A CG2 1 
ATOM   789  C  CD1 . ILE A 1 95  ? -4.988  6.011   5.569   1.00 17.87 ? 94  ILE A CD1 1 
HETATM 790  N  N   . MSE A 1 96  ? -2.299  7.275   0.310   1.00 11.83 ? 95  MSE A N   1 
HETATM 791  C  CA  . MSE A 1 96  ? -1.215  8.068   -0.285  1.00 11.51 ? 95  MSE A CA  1 
HETATM 792  C  C   . MSE A 1 96  ? -1.652  9.462   -0.659  1.00 17.67 ? 95  MSE A C   1 
HETATM 793  O  O   . MSE A 1 96  ? -2.680  9.671   -1.279  1.00 16.07 ? 95  MSE A O   1 
HETATM 794  C  CB  . MSE A 1 96  ? -0.603  7.395   -1.514  1.00 13.85 ? 95  MSE A CB  1 
HETATM 795  C  CG  . MSE A 1 96  ? 0.238   6.147   -1.185  1.00 14.60 ? 95  MSE A CG  1 
HETATM 796  SE SE  . MSE A 1 96  ? 0.583   5.191   -2.836  0.75 13.83 ? 95  MSE A SE  1 
HETATM 797  C  CE  . MSE A 1 96  ? 1.885   3.959   -2.139  1.00 17.58 ? 95  MSE A CE  1 
ATOM   798  N  N   . GLU A 1 97  ? -0.806  10.396  -0.274  1.00 14.66 ? 96  GLU A N   1 
ATOM   799  C  CA  . GLU A 1 97  ? -0.962  11.811  -0.677  1.00 15.35 ? 96  GLU A CA  1 
ATOM   800  C  C   . GLU A 1 97  ? 0.115   12.184  -1.662  1.00 13.54 ? 96  GLU A C   1 
ATOM   801  O  O   . GLU A 1 97  ? 1.327   12.023  -1.416  1.00 12.35 ? 96  GLU A O   1 
ATOM   802  C  CB  . GLU A 1 97  ? -0.867  12.689  0.538   1.00 15.62 ? 96  GLU A CB  1 
ATOM   803  C  CG  . GLU A 1 97  ? -1.847  12.353  1.605   1.00 16.80 ? 96  GLU A CG  1 
ATOM   804  C  CD  . GLU A 1 97  ? -1.398  12.861  2.943   1.00 22.17 ? 96  GLU A CD  1 
ATOM   805  O  OE1 . GLU A 1 97  ? -1.286  14.088  3.104   1.00 19.34 ? 96  GLU A OE1 1 
ATOM   806  O  OE2 . GLU A 1 97  ? -1.141  12.024  3.822   1.00 16.07 ? 96  GLU A OE2 1 
ATOM   807  N  N   . PHE A 1 98  ? -0.368  12.705  -2.782  1.00 14.52 ? 97  PHE A N   1 
ATOM   808  C  CA  . PHE A 1 98  ? 0.413   13.104  -3.926  1.00 14.93 ? 97  PHE A CA  1 
ATOM   809  C  C   . PHE A 1 98  ? 0.571   14.622  -4.027  1.00 18.17 ? 97  PHE A C   1 
ATOM   810  O  O   . PHE A 1 98  ? -0.294  15.420  -3.639  1.00 17.46 ? 97  PHE A O   1 
ATOM   811  C  CB  . PHE A 1 98  ? -0.237  12.601  -5.261  1.00 15.95 ? 97  PHE A CB  1 
ATOM   812  C  CG  . PHE A 1 98  ? -0.055  11.117  -5.534  1.00 15.98 ? 97  PHE A CG  1 
ATOM   813  C  CD1 . PHE A 1 98  ? -0.781  10.166  -4.836  1.00 15.52 ? 97  PHE A CD1 1 
ATOM   814  C  CD2 . PHE A 1 98  ? 0.843   10.689  -6.488  1.00 14.35 ? 97  PHE A CD2 1 
ATOM   815  C  CE1 . PHE A 1 98  ? -0.605  8.839   -5.081  1.00 14.84 ? 97  PHE A CE1 1 
ATOM   816  C  CE2 . PHE A 1 98  ? 1.038   9.330   -6.730  1.00 15.74 ? 97  PHE A CE2 1 
ATOM   817  C  CZ  . PHE A 1 98  ? 0.289   8.412   -6.038  1.00 14.53 ? 97  PHE A CZ  1 
ATOM   818  N  N   . ARG A 1 99  ? 1.721   14.980  -4.544  1.00 17.29 ? 98  ARG A N   1 
ATOM   819  C  CA  . ARG A 1 99  ? 1.991   16.349  -5.006  1.00 19.32 ? 98  ARG A CA  1 
ATOM   820  C  C   . ARG A 1 99  ? 2.887   16.296  -6.215  1.00 18.81 ? 98  ARG A C   1 
ATOM   821  O  O   . ARG A 1 99  ? 3.931   15.650  -6.229  1.00 18.01 ? 98  ARG A O   1 
ATOM   822  C  CB  . ARG A 1 99  ? 2.650   17.192  -3.923  1.00 18.84 ? 98  ARG A CB  1 
ATOM   823  C  CG  . ARG A 1 99  ? 1.927   17.174  -2.579  1.00 23.08 ? 98  ARG A CG  1 
ATOM   824  N  N   . ASN A 1 100 ? 2.433   16.973  -7.247  1.00 23.18 ? 99  ASN A N   1 
ATOM   825  C  CA  . ASN A 1 100 ? 3.130   17.006  -8.514  1.00 22.73 ? 99  ASN A CA  1 
ATOM   826  C  C   . ASN A 1 100 ? 3.486   15.614  -8.983  1.00 21.86 ? 99  ASN A C   1 
ATOM   827  O  O   . ASN A 1 100 ? 4.558   15.356  -9.532  1.00 21.80 ? 99  ASN A O   1 
ATOM   828  C  CB  . ASN A 1 100 ? 4.367   17.870  -8.392  1.00 26.04 ? 99  ASN A CB  1 
ATOM   829  C  CG  . ASN A 1 100 ? 4.031   19.307  -8.012  1.00 30.44 ? 99  ASN A CG  1 
ATOM   830  O  OD1 . ASN A 1 100 ? 4.652   19.883  -7.128  1.00 37.63 ? 99  ASN A OD1 1 
ATOM   831  N  ND2 . ASN A 1 100 ? 3.011   19.870  -8.656  1.00 36.99 ? 99  ASN A ND2 1 
ATOM   832  N  N   . GLY A 1 101 ? 2.561   14.709  -8.746  1.00 20.43 ? 100 GLY A N   1 
ATOM   833  C  CA  . GLY A 1 101 ? 2.604   13.397  -9.344  1.00 18.67 ? 100 GLY A CA  1 
ATOM   834  C  C   . GLY A 1 101 ? 3.443   12.413  -8.579  1.00 17.71 ? 100 GLY A C   1 
ATOM   835  O  O   . GLY A 1 101 ? 3.678   11.287  -9.022  1.00 18.69 ? 100 GLY A O   1 
ATOM   836  N  N   . LYS A 1 102 ? 3.854   12.819  -7.393  1.00 17.86 ? 101 LYS A N   1 
ATOM   837  C  CA  . LYS A 1 102 ? 4.672   11.949  -6.557  1.00 15.46 ? 101 LYS A CA  1 
ATOM   838  C  C   . LYS A 1 102 ? 4.102   11.851  -5.139  1.00 13.68 ? 101 LYS A C   1 
ATOM   839  O  O   . LYS A 1 102 ? 3.480   12.743  -4.636  1.00 14.53 ? 101 LYS A O   1 
ATOM   840  C  CB  . LYS A 1 102 ? 6.133   12.443  -6.543  1.00 17.61 ? 101 LYS A CB  1 
ATOM   841  C  CG  . LYS A 1 102 ? 6.852   12.385  -7.885  1.00 21.84 ? 101 LYS A CG  1 
ATOM   842  C  CD  . LYS A 1 102 ? 7.046   10.932  -8.339  1.00 26.13 ? 101 LYS A CD  1 
ATOM   843  C  CE  . LYS A 1 102 ? 7.979   10.821  -9.545  1.00 27.11 ? 101 LYS A CE  1 
ATOM   844  N  NZ  . LYS A 1 102 ? 7.967   9.485   -10.192 1.00 24.04 ? 101 LYS A NZ  1 
ATOM   845  N  N   . VAL A 1 103 ? 4.316   10.714  -4.525  1.00 12.32 ? 102 VAL A N   1 
ATOM   846  C  CA  . VAL A 1 103 ? 3.826   10.469  -3.151  1.00 12.43 ? 102 VAL A CA  1 
ATOM   847  C  C   . VAL A 1 103 ? 4.665   11.246  -2.164  1.00 13.77 ? 102 VAL A C   1 
ATOM   848  O  O   . VAL A 1 103 ? 5.891   11.101  -2.126  1.00 14.05 ? 102 VAL A O   1 
ATOM   849  C  CB  . VAL A 1 103 ? 3.833   8.964   -2.835  1.00 13.54 ? 102 VAL A CB  1 
ATOM   850  C  CG1 . VAL A 1 103 ? 3.500   8.740   -1.359  1.00 15.39 ? 102 VAL A CG1 1 
ATOM   851  C  CG2 . VAL A 1 103 ? 2.817   8.233   -3.735  1.00 12.09 ? 102 VAL A CG2 1 
ATOM   852  N  N   . VAL A 1 104 ? 4.028   12.082  -1.345  1.00 16.03 ? 103 VAL A N   1 
ATOM   853  C  CA  . VAL A 1 104 ? 4.800   12.800  -0.335  1.00 15.94 ? 103 VAL A CA  1 
ATOM   854  C  C   . VAL A 1 104 ? 4.573   12.244  1.062   1.00 15.80 ? 103 VAL A C   1 
ATOM   855  O  O   . VAL A 1 104 ? 5.373   12.473  1.980   1.00 14.31 ? 103 VAL A O   1 
ATOM   856  C  CB  . VAL A 1 104 ? 4.524   14.317  -0.364  1.00 17.74 ? 103 VAL A CB  1 
ATOM   857  C  CG1 . VAL A 1 104 ? 4.931   14.916  -1.737  1.00 17.07 ? 103 VAL A CG1 1 
ATOM   858  C  CG2 . VAL A 1 104 ? 3.035   14.664  0.013   1.00 17.23 ? 103 VAL A CG2 1 
ATOM   859  N  N   . HIS A 1 105 ? 3.441   11.571  1.218   1.00 13.60 ? 104 HIS A N   1 
ATOM   860  C  CA  . HIS A 1 105 ? 3.058   10.961  2.506   1.00 13.56 ? 104 HIS A CA  1 
ATOM   861  C  C   . HIS A 1 105 ? 2.209   9.700   2.279   1.00 13.10 ? 104 HIS A C   1 
ATOM   862  O  O   . HIS A 1 105 ? 1.186   9.714   1.613   1.00 14.69 ? 104 HIS A O   1 
ATOM   863  C  CB  . HIS A 1 105 ? 2.319   11.992  3.371   1.00 11.20 ? 104 HIS A CB  1 
ATOM   864  C  CG  . HIS A 1 105 ? 2.113   11.592  4.815   1.00 15.41 ? 104 HIS A CG  1 
ATOM   865  N  ND1 . HIS A 1 105 ? 1.613   12.478  5.748   1.00 21.27 ? 104 HIS A ND1 1 
ATOM   866  C  CD2 . HIS A 1 105 ? 2.331   10.432  5.481   1.00 17.26 ? 104 HIS A CD2 1 
ATOM   867  C  CE1 . HIS A 1 105 ? 1.549   11.885  6.933   1.00 21.17 ? 104 HIS A CE1 1 
ATOM   868  N  NE2 . HIS A 1 105 ? 1.961   10.636  6.797   1.00 13.83 ? 104 HIS A NE2 1 
ATOM   869  N  N   . GLU A 1 106 ? 2.700   8.599   2.803   1.00 12.95 ? 105 GLU A N   1 
ATOM   870  C  CA  . GLU A 1 106 ? 1.976   7.334   2.780   1.00 11.66 ? 105 GLU A CA  1 
ATOM   871  C  C   . GLU A 1 106 ? 1.706   6.964   4.213   1.00 11.82 ? 105 GLU A C   1 
ATOM   872  O  O   . GLU A 1 106 ? 2.552   7.170   5.053   1.00 11.61 ? 105 GLU A O   1 
ATOM   873  C  CB  . GLU A 1 106 ? 2.829   6.242   2.127   1.00 13.95 ? 105 GLU A CB  1 
ATOM   874  C  CG  . GLU A 1 106 ? 2.150   4.868   2.109   1.00 11.77 ? 105 GLU A CG  1 
ATOM   875  C  CD  . GLU A 1 106 ? 2.913   3.821   1.295   1.00 14.45 ? 105 GLU A CD  1 
ATOM   876  O  OE1 . GLU A 1 106 ? 4.119   4.017   0.957   1.00 15.77 ? 105 GLU A OE1 1 
ATOM   877  O  OE2 . GLU A 1 106 ? 2.275   2.776   1.010   1.00 14.10 ? 105 GLU A OE2 1 
ATOM   878  N  N   . THR A 1 107 ? 0.516   6.439   4.472   1.00 9.71  ? 106 THR A N   1 
ATOM   879  C  CA  . THR A 1 107 ? 0.184   5.845   5.773   1.00 11.29 ? 106 THR A CA  1 
ATOM   880  C  C   . THR A 1 107 ? -0.330  4.442   5.517   1.00 13.61 ? 106 THR A C   1 
ATOM   881  O  O   . THR A 1 107 ? -1.290  4.239   4.748   1.00 14.10 ? 106 THR A O   1 
ATOM   882  C  CB  . THR A 1 107 ? -0.928  6.639   6.448   1.00 12.50 ? 106 THR A CB  1 
ATOM   883  O  OG1 . THR A 1 107 ? -0.628  8.027   6.384   1.00 14.99 ? 106 THR A OG1 1 
ATOM   884  C  CG2 . THR A 1 107 ? -1.116  6.197   7.928   1.00 13.30 ? 106 THR A CG2 1 
ATOM   885  N  N   . GLN A 1 108 ? 0.282   3.487   6.185   1.00 14.20 ? 107 GLN A N   1 
ATOM   886  C  CA  . GLN A 1 108 ? -0.098  2.102   6.045   1.00 12.66 ? 107 GLN A CA  1 
ATOM   887  C  C   . GLN A 1 108 ? -0.630  1.475   7.341   1.00 13.91 ? 107 GLN A C   1 
ATOM   888  O  O   . GLN A 1 108 ? -0.135  1.721   8.435   1.00 16.08 ? 107 GLN A O   1 
ATOM   889  C  CB  . GLN A 1 108 ? 1.076   1.275   5.526   1.00 15.08 ? 107 GLN A CB  1 
ATOM   890  C  CG  . GLN A 1 108 ? 1.407   1.425   4.043   1.00 11.88 ? 107 GLN A CG  1 
ATOM   891  C  CD  . GLN A 1 108 ? 2.674   0.630   3.657   1.00 14.01 ? 107 GLN A CD  1 
ATOM   892  O  OE1 . GLN A 1 108 ? 3.761   0.910   4.139   1.00 17.17 ? 107 GLN A OE1 1 
ATOM   893  N  NE2 . GLN A 1 108 ? 2.525   -0.333  2.747   1.00 17.75 ? 107 GLN A NE2 1 
ATOM   894  N  N   . TYR A 1 109 ? -1.655  0.660   7.146   1.00 13.25 ? 108 TYR A N   1 
ATOM   895  C  CA  . TYR A 1 109 ? -2.223  -0.200  8.176   1.00 13.80 ? 108 TYR A CA  1 
ATOM   896  C  C   . TYR A 1 109 ? -2.228  -1.669  7.714   1.00 12.93 ? 108 TYR A C   1 
ATOM   897  O  O   . TYR A 1 109 ? -2.555  -1.980  6.575   1.00 12.76 ? 108 TYR A O   1 
ATOM   898  C  CB  . TYR A 1 109 ? -3.664  0.195   8.408   1.00 15.21 ? 108 TYR A CB  1 
ATOM   899  C  CG  . TYR A 1 109 ? -3.834  1.524   9.100   1.00 13.93 ? 108 TYR A CG  1 
ATOM   900  C  CD1 . TYR A 1 109 ? -3.869  2.688   8.395   1.00 14.68 ? 108 TYR A CD1 1 
ATOM   901  C  CD2 . TYR A 1 109 ? -3.910  1.594   10.498  1.00 13.99 ? 108 TYR A CD2 1 
ATOM   902  C  CE1 . TYR A 1 109 ? -4.028  3.921   9.031   1.00 14.10 ? 108 TYR A CE1 1 
ATOM   903  C  CE2 . TYR A 1 109 ? -4.101  2.808   11.140  1.00 13.79 ? 108 TYR A CE2 1 
ATOM   904  C  CZ  . TYR A 1 109 ? -4.145  3.952   10.416  1.00 18.44 ? 108 TYR A CZ  1 
ATOM   905  O  OH  . TYR A 1 109 ? -4.298  5.124   11.070  1.00 15.40 ? 108 TYR A OH  1 
ATOM   906  N  N   . PHE A 1 110 ? -1.964  -2.533  8.654   1.00 13.61 ? 109 PHE A N   1 
ATOM   907  C  CA  . PHE A 1 110 ? -1.819  -3.965  8.420   1.00 15.61 ? 109 PHE A CA  1 
ATOM   908  C  C   . PHE A 1 110 ? -2.712  -4.684  9.391   1.00 17.74 ? 109 PHE A C   1 
ATOM   909  O  O   . PHE A 1 110 ? -2.471  -4.659  10.589  1.00 18.89 ? 109 PHE A O   1 
ATOM   910  C  CB  . PHE A 1 110 ? -0.365  -4.399  8.625   1.00 19.08 ? 109 PHE A CB  1 
ATOM   911  C  CG  . PHE A 1 110 ? 0.635   -3.583  7.840   1.00 16.80 ? 109 PHE A CG  1 
ATOM   912  C  CD1 . PHE A 1 110 ? 0.961   -3.940  6.542   1.00 18.05 ? 109 PHE A CD1 1 
ATOM   913  C  CD2 . PHE A 1 110 ? 1.251   -2.459  8.406   1.00 18.66 ? 109 PHE A CD2 1 
ATOM   914  C  CE1 . PHE A 1 110 ? 1.891   -3.203  5.816   1.00 21.43 ? 109 PHE A CE1 1 
ATOM   915  C  CE2 . PHE A 1 110 ? 2.182   -1.705  7.659   1.00 20.58 ? 109 PHE A CE2 1 
ATOM   916  C  CZ  . PHE A 1 110 ? 2.485   -2.086  6.385   1.00 20.07 ? 109 PHE A CZ  1 
ATOM   917  N  N   . SER A 1 111 ? -3.790  -5.249  8.866   1.00 14.93 ? 110 SER A N   1 
ATOM   918  C  CA  . SER A 1 111 ? -4.839  -5.816  9.697   1.00 18.14 ? 110 SER A CA  1 
ATOM   919  C  C   . SER A 1 111 ? -4.992  -7.323  9.474   1.00 18.09 ? 110 SER A C   1 
ATOM   920  O  O   . SER A 1 111 ? -4.677  -7.858  8.405   1.00 16.25 ? 110 SER A O   1 
ATOM   921  C  CB  . SER A 1 111 ? -6.158  -5.043  9.490   1.00 18.96 ? 110 SER A CB  1 
ATOM   922  O  OG  . SER A 1 111 ? -6.814  -5.423  8.324   1.00 22.22 ? 110 SER A OG  1 
ATOM   923  N  N   . ASP A 1 112 ? -5.451  -7.995  10.523  1.00 16.45 ? 111 ASP A N   1 
ATOM   924  C  CA  . ASP A 1 112 ? -5.710  -9.434  10.465  1.00 17.65 ? 111 ASP A CA  1 
ATOM   925  C  C   . ASP A 1 112 ? -7.117  -9.756  9.957   1.00 15.81 ? 111 ASP A C   1 
ATOM   926  O  O   . ASP A 1 112 ? -8.053  -8.966  10.164  1.00 17.64 ? 111 ASP A O   1 
ATOM   927  C  CB  . ASP A 1 112 ? -5.556  -10.069 11.845  1.00 19.49 ? 111 ASP A CB  1 
ATOM   928  C  CG  . ASP A 1 112 ? -4.141  -10.034 12.340  1.00 30.26 ? 111 ASP A CG  1 
ATOM   929  O  OD1 . ASP A 1 112 ? -3.259  -10.596 11.672  1.00 28.45 ? 111 ASP A OD1 1 
ATOM   930  O  OD2 . ASP A 1 112 ? -3.918  -9.450  13.411  1.00 41.47 ? 111 ASP A OD2 1 
ATOM   931  N  N   . PRO A 1 113 ? -7.281  -10.917 9.302   1.00 15.30 ? 112 PRO A N   1 
ATOM   932  C  CA  . PRO A 1 113 ? -8.622  -11.443 9.092   1.00 15.12 ? 112 PRO A CA  1 
ATOM   933  C  C   . PRO A 1 113 ? -9.296  -11.635 10.425  1.00 17.80 ? 112 PRO A C   1 
ATOM   934  O  O   . PRO A 1 113 ? -8.616  -11.873 11.443  1.00 14.38 ? 112 PRO A O   1 
ATOM   935  C  CB  . PRO A 1 113 ? -8.369  -12.830 8.465   1.00 18.13 ? 112 PRO A CB  1 
ATOM   936  C  CG  . PRO A 1 113 ? -6.984  -12.823 8.045   1.00 21.47 ? 112 PRO A CG  1 
ATOM   937  C  CD  . PRO A 1 113 ? -6.269  -11.942 8.995   1.00 18.29 ? 112 PRO A CD  1 
ATOM   938  N  N   . PHE A 1 114 ? -10.618 -11.560 10.406  1.00 18.56 ? 113 PHE A N   1 
ATOM   939  C  CA  . PHE A 1 114 ? -11.436 -12.064 11.509  1.00 16.90 ? 113 PHE A CA  1 
ATOM   940  C  C   . PHE A 1 114 ? -12.671 -12.764 10.988  1.00 17.46 ? 113 PHE A C   1 
ATOM   941  O  O   . PHE A 1 114 ? -13.118 -12.524 9.879   1.00 15.73 ? 113 PHE A O   1 
ATOM   942  C  CB  . PHE A 1 114 ? -11.769 -10.991 12.567  1.00 15.47 ? 113 PHE A CB  1 
ATOM   943  C  CG  . PHE A 1 114 ? -12.674 -9.884  12.089  1.00 19.31 ? 113 PHE A CG  1 
ATOM   944  C  CD1 . PHE A 1 114 ? -14.046 -10.053 12.087  1.00 14.76 ? 113 PHE A CD1 1 
ATOM   945  C  CD2 . PHE A 1 114 ? -12.157 -8.664  11.694  1.00 20.40 ? 113 PHE A CD2 1 
ATOM   946  C  CE1 . PHE A 1 114 ? -14.874 -9.052  11.672  1.00 20.59 ? 113 PHE A CE1 1 
ATOM   947  C  CE2 . PHE A 1 114 ? -12.999 -7.649  11.280  1.00 19.55 ? 113 PHE A CE2 1 
ATOM   948  C  CZ  . PHE A 1 114 ? -14.353 -7.857  11.251  1.00 18.52 ? 113 PHE A CZ  1 
ATOM   949  N  N   . GLU A 1 115 ? -13.160 -13.692 11.795  1.00 18.50 ? 114 GLU A N   1 
ATOM   950  C  CA  . GLU A 1 115 ? -14.327 -14.493 11.411  1.00 22.36 ? 114 GLU A CA  1 
ATOM   951  C  C   . GLU A 1 115 ? -15.614 -13.689 11.529  1.00 21.85 ? 114 GLU A C   1 
ATOM   952  O  O   . GLU A 1 115 ? -15.849 -13.011 12.526  1.00 23.24 ? 114 GLU A O   1 
ATOM   953  C  CB  . GLU A 1 115 ? -14.410 -15.768 12.250  1.00 26.50 ? 114 GLU A CB  1 
ATOM   954  C  CG  . GLU A 1 115 ? -13.263 -16.708 11.968  1.00 32.47 ? 114 GLU A CG  1 
ATOM   955  C  CD  . GLU A 1 115 ? -13.312 -17.274 10.559  1.00 41.81 ? 114 GLU A CD  1 
ATOM   956  O  OE1 . GLU A 1 115 ? -14.429 -17.375 9.997   1.00 46.20 ? 114 GLU A OE1 1 
ATOM   957  O  OE2 . GLU A 1 115 ? -12.238 -17.630 10.019  1.00 45.22 ? 114 GLU A OE2 1 
ATOM   958  N  N   . ALA A 1 116 ? -16.442 -13.773 10.493  1.00 22.22 ? 115 ALA A N   1 
ATOM   959  C  CA  . ALA A 1 116 ? -17.748 -13.103 10.517  1.00 21.83 ? 115 ALA A CA  1 
ATOM   960  C  C   . ALA A 1 116 ? -18.553 -13.682 11.662  1.00 21.37 ? 115 ALA A C   1 
ATOM   961  O  O   . ALA A 1 116 ? -18.779 -14.900 11.694  1.00 19.92 ? 115 ALA A O   1 
ATOM   962  C  CB  . ALA A 1 116 ? -18.478 -13.270 9.195   1.00 20.11 ? 115 ALA A CB  1 
ATOM   963  N  N   . PRO A 1 117 ? -18.987 -12.840 12.613  1.00 21.82 ? 116 PRO A N   1 
ATOM   964  C  CA  . PRO A 1 117 ? -19.630 -13.411 13.798  1.00 23.67 ? 116 PRO A CA  1 
ATOM   965  C  C   . PRO A 1 117 ? -21.022 -13.920 13.505  1.00 22.39 ? 116 PRO A C   1 
ATOM   966  O  O   . PRO A 1 117 ? -21.737 -13.368 12.676  1.00 20.85 ? 116 PRO A O   1 
ATOM   967  C  CB  . PRO A 1 117 ? -19.676 -12.238 14.791  1.00 25.10 ? 116 PRO A CB  1 
ATOM   968  C  CG  . PRO A 1 117 ? -18.971 -11.073 14.110  1.00 25.47 ? 116 PRO A CG  1 
ATOM   969  C  CD  . PRO A 1 117 ? -18.979 -11.368 12.657  1.00 24.89 ? 116 PRO A CD  1 
ATOM   970  N  N   . GLY A 1 118 ? -21.365 -15.016 14.167  1.00 22.50 ? 117 GLY A N   1 
ATOM   971  C  CA  . GLY A 1 118 ? -22.614 -15.707 13.907  1.00 22.09 ? 117 GLY A CA  1 
ATOM   972  C  C   . GLY A 1 118 ? -23.820 -14.842 14.165  1.00 22.98 ? 117 GLY A C   1 
ATOM   973  O  O   . GLY A 1 118 ? -24.803 -14.897 13.430  1.00 24.26 ? 117 GLY A O   1 
ATOM   974  N  N   . TRP A 1 119 ? -23.720 -14.008 15.187  1.00 23.25 ? 118 TRP A N   1 
ATOM   975  C  CA  . TRP A 1 119 ? -24.894 -13.289 15.683  1.00 24.64 ? 118 TRP A CA  1 
ATOM   976  C  C   . TRP A 1 119 ? -25.543 -12.411 14.638  1.00 25.17 ? 118 TRP A C   1 
ATOM   977  O  O   . TRP A 1 119 ? -26.772 -12.245 14.630  1.00 26.52 ? 118 TRP A O   1 
ATOM   978  C  CB  . TRP A 1 119 ? -24.588 -12.470 16.954  1.00 26.33 ? 118 TRP A CB  1 
ATOM   979  C  CG  . TRP A 1 119 ? -23.762 -11.208 16.779  1.00 28.31 ? 118 TRP A CG  1 
ATOM   980  C  CD1 . TRP A 1 119 ? -22.402 -11.103 16.881  1.00 28.58 ? 118 TRP A CD1 1 
ATOM   981  C  CD2 . TRP A 1 119 ? -24.246 -9.877  16.539  1.00 30.15 ? 118 TRP A CD2 1 
ATOM   982  N  NE1 . TRP A 1 119 ? -22.011 -9.804  16.698  1.00 30.45 ? 118 TRP A NE1 1 
ATOM   983  C  CE2 . TRP A 1 119 ? -23.120 -9.028  16.482  1.00 31.05 ? 118 TRP A CE2 1 
ATOM   984  C  CE3 . TRP A 1 119 ? -25.516 -9.323  16.353  1.00 31.37 ? 118 TRP A CE3 1 
ATOM   985  C  CZ2 . TRP A 1 119 ? -23.224 -7.654  16.247  1.00 31.12 ? 118 TRP A CZ2 1 
ATOM   986  C  CZ3 . TRP A 1 119 ? -25.617 -7.946  16.120  1.00 31.60 ? 118 TRP A CZ3 1 
ATOM   987  C  CH2 . TRP A 1 119 ? -24.477 -7.136  16.067  1.00 30.80 ? 118 TRP A CH2 1 
ATOM   988  N  N   . ARG A 1 120 ? -24.723 -11.856 13.753  1.00 23.85 ? 119 ARG A N   1 
ATOM   989  C  CA  . ARG A 1 120 ? -25.212 -10.888 12.755  1.00 24.34 ? 119 ARG A CA  1 
ATOM   990  C  C   . ARG A 1 120 ? -25.300 -11.494 11.356  1.00 22.64 ? 119 ARG A C   1 
ATOM   991  O  O   . ARG A 1 120 ? -25.557 -10.817 10.380  1.00 19.19 ? 119 ARG A O   1 
ATOM   992  C  CB  . ARG A 1 120 ? -24.380 -9.601  12.750  1.00 24.27 ? 119 ARG A CB  1 
ATOM   993  C  CG  . ARG A 1 120 ? -22.893 -9.757  12.512  1.00 23.59 ? 119 ARG A CG  1 
ATOM   994  C  CD  . ARG A 1 120 ? -22.249 -8.382  12.276  1.00 24.19 ? 119 ARG A CD  1 
ATOM   995  N  NE  . ARG A 1 120 ? -20.852 -8.499  11.894  1.00 24.03 ? 119 ARG A NE  1 
ATOM   996  C  CZ  . ARG A 1 120 ? -19.855 -7.953  12.581  1.00 24.47 ? 119 ARG A CZ  1 
ATOM   997  N  NH1 . ARG A 1 120 ? -20.115 -7.204  13.639  1.00 26.88 ? 119 ARG A NH1 1 
ATOM   998  N  NH2 . ARG A 1 120 ? -18.601 -8.135  12.191  1.00 25.64 ? 119 ARG A NH2 1 
ATOM   999  N  N   . SER A 1 121 ? -25.142 -12.804 11.293  1.00 23.74 ? 120 SER A N   1 
ATOM   1000 C  CA  . SER A 1 121 ? -25.122 -13.520 10.009  1.00 23.15 ? 120 SER A CA  1 
ATOM   1001 C  C   . SER A 1 121 ? -26.373 -13.246 9.185   1.00 24.43 ? 120 SER A C   1 
ATOM   1002 O  O   . SER A 1 121 ? -26.316 -13.106 7.950   1.00 22.38 ? 120 SER A O   1 
ATOM   1003 C  CB  . SER A 1 121 ? -24.982 -15.033 10.230  1.00 24.11 ? 120 SER A CB  1 
ATOM   1004 O  OG  . SER A 1 121 ? -26.140 -15.568 10.849  1.00 25.64 ? 120 SER A OG  1 
ATOM   1005 N  N   . GLN A 1 122 ? -27.494 -13.138 9.889   1.00 24.80 ? 121 GLN A N   1 
ATOM   1006 C  CA  . GLN A 1 122 ? -28.813 -13.070 9.234   1.00 25.67 ? 121 GLN A CA  1 
ATOM   1007 C  C   . GLN A 1 122 ? -28.959 -11.706 8.600   1.00 25.14 ? 121 GLN A C   1 
ATOM   1008 O  O   . GLN A 1 122 ? -29.872 -11.454 7.815   1.00 22.85 ? 121 GLN A O   1 
ATOM   1009 C  CB  . GLN A 1 122 ? -29.968 -13.306 10.219  1.00 27.67 ? 121 GLN A CB  1 
ATOM   1010 C  CG  . GLN A 1 122 ? -29.752 -14.458 11.186  1.00 32.33 ? 121 GLN A CG  1 
ATOM   1011 C  CD  . GLN A 1 122 ? -30.893 -14.630 12.198  1.00 37.86 ? 121 GLN A CD  1 
ATOM   1012 O  OE1 . GLN A 1 122 ? -31.720 -13.731 12.397  1.00 39.75 ? 121 GLN A OE1 1 
ATOM   1013 N  NE2 . GLN A 1 122 ? -30.936 -15.796 12.837  1.00 41.22 ? 121 GLN A NE2 1 
ATOM   1014 N  N   . TRP A 1 123 ? -28.016 -10.833 8.943   1.00 23.94 ? 122 TRP A N   1 
ATOM   1015 C  CA  . TRP A 1 123 ? -28.124 -9.402  8.585   1.00 24.70 ? 122 TRP A CA  1 
ATOM   1016 C  C   . TRP A 1 123 ? -26.980 -8.921  7.723   1.00 23.53 ? 122 TRP A C   1 
ATOM   1017 O  O   . TRP A 1 123 ? -26.901 -7.747  7.358   1.00 23.85 ? 122 TRP A O   1 
ATOM   1018 C  CB  . TRP A 1 123 ? -28.251 -8.526  9.835   1.00 25.96 ? 122 TRP A CB  1 
ATOM   1019 C  CG  . TRP A 1 123 ? -29.552 -8.760  10.521  1.00 26.25 ? 122 TRP A CG  1 
ATOM   1020 C  CD1 . TRP A 1 123 ? -30.790 -8.427  10.059  1.00 27.14 ? 122 TRP A CD1 1 
ATOM   1021 C  CD2 . TRP A 1 123 ? -29.752 -9.402  11.788  1.00 28.52 ? 122 TRP A CD2 1 
ATOM   1022 N  NE1 . TRP A 1 123 ? -31.762 -8.826  10.962  1.00 28.43 ? 122 TRP A NE1 1 
ATOM   1023 C  CE2 . TRP A 1 123 ? -31.147 -9.424  12.032  1.00 28.53 ? 122 TRP A CE2 1 
ATOM   1024 C  CE3 . TRP A 1 123 ? -28.892 -9.968  12.731  1.00 28.32 ? 122 TRP A CE3 1 
ATOM   1025 C  CZ2 . TRP A 1 123 ? -31.696 -9.983  13.191  1.00 29.62 ? 122 TRP A CZ2 1 
ATOM   1026 C  CZ3 . TRP A 1 123 ? -29.434 -10.512 13.882  1.00 29.43 ? 122 TRP A CZ3 1 
ATOM   1027 C  CH2 . TRP A 1 123 ? -30.826 -10.522 14.102  1.00 31.81 ? 122 TRP A CH2 1 
ATOM   1028 N  N   . VAL A 1 124 ? -26.100 -9.841  7.377   1.00 20.72 ? 123 VAL A N   1 
ATOM   1029 C  CA  . VAL A 1 124 ? -25.000 -9.503  6.491   1.00 20.33 ? 123 VAL A CA  1 
ATOM   1030 C  C   . VAL A 1 124 ? -24.941 -10.379 5.252   1.00 21.04 ? 123 VAL A C   1 
ATOM   1031 O  O   . VAL A 1 124 ? -25.356 -11.533 5.232   1.00 21.25 ? 123 VAL A O   1 
ATOM   1032 C  CB  . VAL A 1 124 ? -23.628 -9.541  7.218   1.00 19.54 ? 123 VAL A CB  1 
ATOM   1033 C  CG1 . VAL A 1 124 ? -23.709 -8.783  8.539   1.00 19.56 ? 123 VAL A CG1 1 
ATOM   1034 C  CG2 . VAL A 1 124 ? -23.180 -10.960 7.420   1.00 19.41 ? 123 VAL A CG2 1 
ATOM   1035 N  N   . GLN A 1 125 ? -24.422 -9.774  4.209   1.00 20.68 ? 124 GLN A N   1 
ATOM   1036 C  CA  . GLN A 1 125 ? -24.066 -10.481 3.004   1.00 23.60 ? 124 GLN A CA  1 
ATOM   1037 C  C   . GLN A 1 125 ? -22.581 -10.803 3.047   1.00 26.34 ? 124 GLN A C   1 
ATOM   1038 O  O   . GLN A 1 125 ? -21.749 -9.982  3.439   1.00 22.17 ? 124 GLN A O   1 
ATOM   1039 C  CB  . GLN A 1 125 ? -24.433 -9.643  1.788   1.00 24.27 ? 124 GLN A CB  1 
ATOM   1040 C  CG  . GLN A 1 125 ? -24.220 -10.334 0.482   1.00 29.84 ? 124 GLN A CG  1 
ATOM   1041 C  CD  . GLN A 1 125 ? -24.528 -9.425  -0.683  1.00 34.35 ? 124 GLN A CD  1 
ATOM   1042 O  OE1 . GLN A 1 125 ? -24.373 -8.207  -0.588  1.00 35.66 ? 124 GLN A OE1 1 
ATOM   1043 N  NE2 . GLN A 1 125 ? -24.976 -10.011 -1.793  1.00 37.36 ? 124 GLN A NE2 1 
ATOM   1044 N  N   . GLN A 1 126 ? -22.252 -12.040 2.714   1.00 26.84 ? 125 GLN A N   1 
ATOM   1045 C  CA  . GLN A 1 126 ? -20.846 -12.442 2.624   1.00 28.51 ? 125 GLN A CA  1 
ATOM   1046 C  C   . GLN A 1 126 ? -20.379 -12.256 1.195   1.00 29.86 ? 125 GLN A C   1 
ATOM   1047 O  O   . GLN A 1 126 ? -20.807 -12.977 0.290   1.00 31.22 ? 125 GLN A O   1 
ATOM   1048 C  CB  . GLN A 1 126 ? -20.641 -13.891 3.087   1.00 29.55 ? 125 GLN A CB  1 
ATOM   1049 C  CG  . GLN A 1 126 ? -19.271 -14.450 2.758   1.00 32.34 ? 125 GLN A CG  1 
ATOM   1050 C  CD  . GLN A 1 126 ? -18.120 -13.850 3.581   1.00 31.76 ? 125 GLN A CD  1 
ATOM   1051 O  OE1 . GLN A 1 126 ? -18.244 -13.573 4.799   1.00 27.71 ? 125 GLN A OE1 1 
ATOM   1052 N  NE2 . GLN A 1 126 ? -16.974 -13.685 2.920   1.00 30.82 ? 125 GLN A NE2 1 
ATOM   1053 N  N   . ILE A 1 127 ? -19.509 -11.269 1.013   1.00 30.11 ? 126 ILE A N   1 
ATOM   1054 C  CA  . ILE A 1 127 ? -19.068 -10.830 -0.324  1.00 30.82 ? 126 ILE A CA  1 
ATOM   1055 C  C   . ILE A 1 127 ? -17.620 -11.179 -0.595  1.00 30.96 ? 126 ILE A C   1 
ATOM   1056 O  O   . ILE A 1 127 ? -17.140 -11.076 -1.716  1.00 32.69 ? 126 ILE A O   1 
ATOM   1057 C  CB  . ILE A 1 127 ? -19.245 -9.307  -0.536  1.00 30.16 ? 126 ILE A CB  1 
ATOM   1058 C  CG1 . ILE A 1 127 ? -18.380 -8.510  0.447   1.00 30.75 ? 126 ILE A CG1 1 
ATOM   1059 C  CG2 . ILE A 1 127 ? -20.723 -8.922  -0.415  1.00 28.93 ? 126 ILE A CG2 1 
ATOM   1060 C  CD1 . ILE A 1 127 ? -18.222 -7.039  0.074   1.00 33.27 ? 126 ILE A CD1 1 
ATOM   1061 N  N   . GLY A 1 128 ? -16.925 -11.564 0.460   1.00 31.77 ? 127 GLY A N   1 
ATOM   1062 C  CA  . GLY A 1 128 ? -15.499 -11.849 0.372   1.00 33.45 ? 127 GLY A CA  1 
ATOM   1063 C  C   . GLY A 1 128 ? -14.664 -10.573 0.341   1.00 33.89 ? 127 GLY A C   1 
ATOM   1064 O  O   . GLY A 1 128 ? -13.452 -10.638 0.137   1.00 31.80 ? 127 GLY A O   1 
ATOM   1065 O  OXT . GLY A 1 128 ? -15.155 -9.444  0.516   1.00 34.45 ? 127 GLY A OXT 1 
HETATM 1066 CA CA  . CA  B 2 .   ? 14.949  16.733  -0.895  1.00 22.38 ? 128 CA  A CA  1 
HETATM 1067 C  C   A ACT C 3 .   ? 4.066   15.543  4.059   0.50 39.09 ? 129 ACT A C   1 
HETATM 1068 C  C   B ACT C 3 .   ? 4.640   15.837  3.855   0.50 68.25 ? 129 ACT A C   1 
HETATM 1069 O  O   A ACT C 3 .   ? 3.043   15.917  3.441   0.50 38.13 ? 129 ACT A O   1 
HETATM 1070 O  O   B ACT C 3 .   ? 3.562   16.082  3.266   0.50 68.18 ? 129 ACT A O   1 
HETATM 1071 O  OXT A ACT C 3 .   ? 3.946   15.439  5.299   0.50 39.54 ? 129 ACT A OXT 1 
HETATM 1072 O  OXT B ACT C 3 .   ? 4.545   15.299  4.979   0.50 68.57 ? 129 ACT A OXT 1 
HETATM 1073 C  CH3 A ACT C 3 .   ? 5.360   15.238  3.361   0.50 38.62 ? 129 ACT A CH3 1 
HETATM 1074 C  CH3 B ACT C 3 .   ? 5.971   16.171  3.251   0.50 68.01 ? 129 ACT A CH3 1 
HETATM 1075 C  C1  . PEG D 4 .   ? 20.068  -2.905  7.764   1.00 56.81 ? 130 PEG A C1  1 
HETATM 1076 O  O1  . PEG D 4 .   ? 19.886  -3.498  9.057   1.00 58.33 ? 130 PEG A O1  1 
HETATM 1077 C  C2  . PEG D 4 .   ? 18.827  -2.110  7.377   1.00 55.61 ? 130 PEG A C2  1 
HETATM 1078 O  O2  . PEG D 4 .   ? 19.188  -1.070  6.474   1.00 55.20 ? 130 PEG A O2  1 
HETATM 1079 C  C3  . PEG D 4 .   ? 18.343  0.070   6.624   1.00 52.55 ? 130 PEG A C3  1 
HETATM 1080 C  C4  . PEG D 4 .   ? 19.038  1.302   6.063   1.00 53.20 ? 130 PEG A C4  1 
HETATM 1081 O  O4  . PEG D 4 .   ? 18.216  2.456   6.283   1.00 53.31 ? 130 PEG A O4  1 
HETATM 1082 O  O1  A PG4 E 5 .   ? -0.393  -9.773  9.538   0.60 50.67 ? 131 PG4 A O1  1 
HETATM 1083 O  O1  B PG4 E 5 .   ? -0.052  -9.669  9.357   0.40 40.08 ? 131 PG4 A O1  1 
HETATM 1084 C  C1  A PG4 E 5 .   ? -1.098  -8.977  10.498  0.60 51.81 ? 131 PG4 A C1  1 
HETATM 1085 C  C1  B PG4 E 5 .   ? -0.894  -9.116  10.377  0.40 41.80 ? 131 PG4 A C1  1 
HETATM 1086 C  C2  A PG4 E 5 .   ? -0.421  -7.623  10.668  0.60 51.26 ? 131 PG4 A C2  1 
HETATM 1087 C  C2  B PG4 E 5 .   ? -0.396  -7.736  10.799  0.40 41.24 ? 131 PG4 A C2  1 
HETATM 1088 O  O2  A PG4 E 5 .   ? -0.578  -7.160  12.011  0.60 51.71 ? 131 PG4 A O2  1 
HETATM 1089 O  O2  B PG4 E 5 .   ? -0.725  -7.492  12.168  0.40 41.83 ? 131 PG4 A O2  1 
HETATM 1090 C  C3  A PG4 E 5 .   ? 0.665   -6.730  12.576  0.60 50.45 ? 131 PG4 A C3  1 
HETATM 1091 C  C3  B PG4 E 5 .   ? 0.428   -7.197  12.963  0.40 41.93 ? 131 PG4 A C3  1 
HETATM 1092 C  C4  A PG4 E 5 .   ? 1.589   -6.235  11.467  0.60 49.74 ? 131 PG4 A C4  1 
HETATM 1093 C  C4  B PG4 E 5 .   ? 1.635   -6.942  12.064  0.40 41.37 ? 131 PG4 A C4  1 
HETATM 1094 O  O3  A PG4 E 5 .   ? 2.825   -5.761  12.011  0.60 48.17 ? 131 PG4 A O3  1 
HETATM 1095 O  O3  B PG4 E 5 .   ? 2.850   -6.990  12.817  0.40 41.71 ? 131 PG4 A O3  1 
HETATM 1096 C  C5  A PG4 E 5 .   ? 4.003   -6.478  11.633  0.60 46.61 ? 131 PG4 A C5  1 
HETATM 1097 C  C5  B PG4 E 5 .   ? 3.974   -6.721  11.977  0.40 40.09 ? 131 PG4 A C5  1 
HETATM 1098 C  C6  A PG4 E 5 .   ? 5.144   -5.494  11.418  0.60 44.30 ? 131 PG4 A C6  1 
HETATM 1099 C  C6  B PG4 E 5 .   ? 5.044   -5.954  12.745  0.40 38.09 ? 131 PG4 A C6  1 
HETATM 1100 O  O4  A PG4 E 5 .   ? 5.048   -4.985  10.092  0.60 41.74 ? 131 PG4 A O4  1 
HETATM 1101 O  O4  B PG4 E 5 .   ? 6.324   -6.543  12.538  0.40 35.73 ? 131 PG4 A O4  1 
HETATM 1102 C  C7  A PG4 E 5 .   ? 5.716   -3.736  9.984   0.60 38.67 ? 131 PG4 A C7  1 
HETATM 1103 C  C7  B PG4 E 5 .   ? 7.088   -6.517  13.743  0.40 32.66 ? 131 PG4 A C7  1 
HETATM 1104 C  C8  A PG4 E 5 .   ? 5.353   -3.037  8.683   0.60 37.97 ? 131 PG4 A C8  1 
HETATM 1105 C  C8  B PG4 E 5 .   ? 6.377   -5.612  14.744  0.40 31.68 ? 131 PG4 A C8  1 
HETATM 1106 O  O5  A PG4 E 5 .   ? 6.099   -3.614  7.612   0.60 39.48 ? 131 PG4 A O5  1 
HETATM 1107 O  O5  B PG4 E 5 .   ? 6.854   -5.834  16.078  0.40 27.71 ? 131 PG4 A O5  1 
HETATM 1108 O  O   . HOH F 6 .   ? -12.306 12.458  -9.883  1.00 15.35 ? 132 HOH A O   1 
HETATM 1109 O  O   . HOH F 6 .   ? -6.255  4.681   13.068  1.00 13.39 ? 133 HOH A O   1 
HETATM 1110 O  O   . HOH F 6 .   ? -10.080 1.601   -1.808  1.00 14.61 ? 134 HOH A O   1 
HETATM 1111 O  O   . HOH F 6 .   ? -13.742 -0.241  -0.477  1.00 13.39 ? 135 HOH A O   1 
HETATM 1112 O  O   . HOH F 6 .   ? 6.435   2.901   -7.487  1.00 17.30 ? 136 HOH A O   1 
HETATM 1113 O  O   . HOH F 6 .   ? 4.966   -1.208  -0.294  1.00 18.08 ? 137 HOH A O   1 
HETATM 1114 O  O   . HOH F 6 .   ? 3.548   1.103   -0.778  1.00 12.09 ? 138 HOH A O   1 
HETATM 1115 O  O   . HOH F 6 .   ? 0.719   0.775   -14.885 1.00 19.69 ? 139 HOH A O   1 
HETATM 1116 O  O   . HOH F 6 .   ? -7.335  -7.113  0.463   1.00 17.05 ? 140 HOH A O   1 
HETATM 1117 O  O   . HOH F 6 .   ? -0.011  18.653  -6.923  1.00 24.86 ? 141 HOH A O   1 
HETATM 1118 O  O   . HOH F 6 .   ? -0.082  15.144  -8.177  1.00 23.55 ? 142 HOH A O   1 
HETATM 1119 O  O   . HOH F 6 .   ? 5.936   -0.569  4.458   1.00 17.82 ? 143 HOH A O   1 
HETATM 1120 O  O   . HOH F 6 .   ? 8.241   -6.102  -2.709  1.00 21.92 ? 144 HOH A O   1 
HETATM 1121 O  O   . HOH F 6 .   ? -6.295  -6.693  12.933  1.00 23.50 ? 145 HOH A O   1 
HETATM 1122 O  O   . HOH F 6 .   ? -10.041 -0.789  -7.916  1.00 16.20 ? 146 HOH A O   1 
HETATM 1123 O  O   . HOH F 6 .   ? 5.048   3.508   -9.878  1.00 17.92 ? 147 HOH A O   1 
HETATM 1124 O  O   . HOH F 6 .   ? -12.290 15.034  -10.579 1.00 68.04 ? 148 HOH A O   1 
HETATM 1125 O  O   . HOH F 6 .   ? -8.120  11.397  -15.000 1.00 18.13 ? 149 HOH A O   1 
HETATM 1126 O  O   . HOH F 6 .   ? -13.091 -3.109  -0.382  1.00 19.53 ? 150 HOH A O   1 
HETATM 1127 O  O   . HOH F 6 .   ? -9.227  -8.464  -0.314  1.00 20.37 ? 151 HOH A O   1 
HETATM 1128 O  O   . HOH F 6 .   ? -6.532  0.482   -10.936 1.00 31.44 ? 152 HOH A O   1 
HETATM 1129 O  O   . HOH F 6 .   ? 16.729  14.844  -4.172  1.00 21.43 ? 153 HOH A O   1 
HETATM 1130 O  O   . HOH F 6 .   ? 0.384   9.306   11.011  1.00 25.30 ? 154 HOH A O   1 
HETATM 1131 O  O   . HOH F 6 .   ? 0.679   14.902  4.729   1.00 15.88 ? 155 HOH A O   1 
HETATM 1132 O  O   . HOH F 6 .   ? -5.914  -10.714 3.408   1.00 25.92 ? 156 HOH A O   1 
HETATM 1133 O  O   . HOH F 6 .   ? 1.455   7.538   -15.017 1.00 22.76 ? 157 HOH A O   1 
HETATM 1134 O  O   . HOH F 6 .   ? -10.412 4.400   -13.655 1.00 31.35 ? 158 HOH A O   1 
HETATM 1135 O  O   . HOH F 6 .   ? -8.121  14.122  -13.341 1.00 24.38 ? 159 HOH A O   1 
HETATM 1136 O  O   . HOH F 6 .   ? 15.442  9.718   -0.229  1.00 25.29 ? 160 HOH A O   1 
HETATM 1137 O  O   . HOH F 6 .   ? -1.923  -19.286 8.531   1.00 28.42 ? 161 HOH A O   1 
HETATM 1138 O  O   . HOH F 6 .   ? 13.695  7.633   8.589   1.00 26.55 ? 162 HOH A O   1 
HETATM 1139 O  O   . HOH F 6 .   ? -5.203  13.945  -9.735  1.00 26.91 ? 163 HOH A O   1 
HETATM 1140 O  O   . HOH F 6 .   ? -14.583 12.596  -5.858  1.00 28.97 ? 164 HOH A O   1 
HETATM 1141 O  O   . HOH F 6 .   ? -2.387  -16.361 3.066   1.00 23.20 ? 165 HOH A O   1 
HETATM 1142 O  O   . HOH F 6 .   ? -7.309  15.825  -15.273 1.00 29.08 ? 166 HOH A O   1 
HETATM 1143 O  O   . HOH F 6 .   ? 13.375  -8.862  -4.864  1.00 43.58 ? 167 HOH A O   1 
HETATM 1144 O  O   . HOH F 6 .   ? 4.266   -11.385 -4.350  1.00 31.02 ? 168 HOH A O   1 
HETATM 1145 O  O   . HOH F 6 .   ? -14.317 6.338   -4.702  1.00 22.17 ? 169 HOH A O   1 
HETATM 1146 O  O   . HOH F 6 .   ? -12.573 1.466   -7.087  1.00 24.20 ? 170 HOH A O   1 
HETATM 1147 O  O   . HOH F 6 .   ? -11.889 -14.099 14.496  1.00 39.08 ? 171 HOH A O   1 
HETATM 1148 O  O   . HOH F 6 .   ? -1.368  -3.683  -10.022 1.00 28.33 ? 172 HOH A O   1 
HETATM 1149 O  O   . HOH F 6 .   ? -1.555  7.531   -18.633 1.00 32.00 ? 173 HOH A O   1 
HETATM 1150 O  O   . HOH F 6 .   ? -19.331 -16.632 15.570  1.00 42.72 ? 174 HOH A O   1 
HETATM 1151 O  O   . HOH F 6 .   ? 5.222   -6.788  1.331   1.00 39.55 ? 175 HOH A O   1 
HETATM 1152 O  O   . HOH F 6 .   ? 11.492  12.852  4.808   1.00 35.78 ? 176 HOH A O   1 
HETATM 1153 O  O   . HOH F 6 .   ? 8.404   14.191  11.288  1.00 29.88 ? 177 HOH A O   1 
HETATM 1154 O  O   . HOH F 6 .   ? 16.252  16.016  0.916   1.00 25.18 ? 178 HOH A O   1 
HETATM 1155 O  O   . HOH F 6 .   ? 5.878   -2.196  -12.213 1.00 25.25 ? 179 HOH A O   1 
HETATM 1156 O  O   . HOH F 6 .   ? -8.751  7.620   -11.848 1.00 25.61 ? 180 HOH A O   1 
HETATM 1157 O  O   . HOH F 6 .   ? -1.196  12.895  -12.738 1.00 22.76 ? 181 HOH A O   1 
HETATM 1158 O  O   . HOH F 6 .   ? 4.753   -10.481 -9.644  1.00 52.37 ? 182 HOH A O   1 
HETATM 1159 O  O   . HOH F 6 .   ? -0.860  -5.848  -8.887  1.00 32.10 ? 183 HOH A O   1 
HETATM 1160 O  O   . HOH F 6 .   ? 7.213   1.999   -11.065 1.00 30.26 ? 184 HOH A O   1 
HETATM 1161 O  O   . HOH F 6 .   ? 16.528  -2.101  -2.548  1.00 30.98 ? 185 HOH A O   1 
HETATM 1162 O  O   . HOH F 6 .   ? 6.929   -15.871 2.925   1.00 31.26 ? 186 HOH A O   1 
HETATM 1163 O  O   . HOH F 6 .   ? -3.382  -2.202  -9.396  1.00 28.14 ? 187 HOH A O   1 
HETATM 1164 O  O   . HOH F 6 .   ? -12.003 6.289   -6.967  1.00 24.51 ? 188 HOH A O   1 
HETATM 1165 O  O   . HOH F 6 .   ? -7.241  15.825  -10.528 1.00 30.11 ? 189 HOH A O   1 
HETATM 1166 O  O   . HOH F 6 .   ? 2.139   -12.662 -5.469  1.00 29.52 ? 190 HOH A O   1 
HETATM 1167 O  O   . HOH F 6 .   ? 10.197  17.540  -0.411  1.00 43.39 ? 191 HOH A O   1 
HETATM 1168 O  O   . HOH F 6 .   ? -12.838 3.899   -7.860  1.00 39.10 ? 192 HOH A O   1 
HETATM 1169 O  O   . HOH F 6 .   ? 3.861   -5.418  -0.479  1.00 21.87 ? 193 HOH A O   1 
HETATM 1170 O  O   . HOH F 6 .   ? 15.831  8.360   3.217   1.00 33.95 ? 194 HOH A O   1 
HETATM 1171 O  O   . HOH F 6 .   ? -2.921  -13.316 9.192   1.00 35.43 ? 195 HOH A O   1 
HETATM 1172 O  O   . HOH F 6 .   ? 4.805   -3.150  3.194   1.00 46.66 ? 196 HOH A O   1 
HETATM 1173 O  O   . HOH F 6 .   ? -3.435  -7.585  -7.766  1.00 26.57 ? 197 HOH A O   1 
HETATM 1174 O  O   . HOH F 6 .   ? 5.007   8.276   -11.113 1.00 33.36 ? 198 HOH A O   1 
HETATM 1175 O  O   . HOH F 6 .   ? -22.071 -14.169 8.208   1.00 30.86 ? 199 HOH A O   1 
HETATM 1176 O  O   . HOH F 6 .   ? -6.436  -11.614 -0.773  1.00 36.56 ? 200 HOH A O   1 
HETATM 1177 O  O   . HOH F 6 .   ? 13.009  -9.877  -1.147  1.00 32.04 ? 201 HOH A O   1 
HETATM 1178 O  O   . HOH F 6 .   ? 0.084   1.745   -19.035 1.00 34.78 ? 202 HOH A O   1 
HETATM 1179 O  O   . HOH F 6 .   ? 6.022   6.137   -10.591 1.00 23.04 ? 203 HOH A O   1 
HETATM 1180 O  O   . HOH F 6 .   ? 5.504   1.090   18.997  1.00 27.58 ? 204 HOH A O   1 
HETATM 1181 O  O   . HOH F 6 .   ? 7.296   -0.094  -13.052 1.00 26.81 ? 205 HOH A O   1 
HETATM 1182 O  O   . HOH F 6 .   ? 1.188   11.457  -12.510 1.00 39.42 ? 206 HOH A O   1 
HETATM 1183 O  O   . HOH F 6 .   ? 17.511  2.394   -0.723  1.00 33.00 ? 207 HOH A O   1 
HETATM 1184 O  O   . HOH F 6 .   ? 10.831  -2.378  7.477   1.00 33.58 ? 208 HOH A O   1 
HETATM 1185 O  O   . HOH F 6 .   ? -7.546  -3.177  -8.836  1.00 53.74 ? 209 HOH A O   1 
HETATM 1186 O  O   . HOH F 6 .   ? -14.937 9.664   -5.541  1.00 33.91 ? 210 HOH A O   1 
HETATM 1187 O  O   . HOH F 6 .   ? -2.812  15.011  -16.849 1.00 44.81 ? 211 HOH A O   1 
HETATM 1188 O  O   . HOH F 6 .   ? -0.633  14.749  -10.749 1.00 32.69 ? 212 HOH A O   1 
HETATM 1189 O  O   . HOH F 6 .   ? -11.570 10.073  -9.323  1.00 37.10 ? 213 HOH A O   1 
HETATM 1190 O  O   . HOH F 6 .   ? 4.287   -7.302  7.115   1.00 53.41 ? 214 HOH A O   1 
HETATM 1191 O  O   . HOH F 6 .   ? 3.984   -14.218 8.512   1.00 35.48 ? 215 HOH A O   1 
HETATM 1192 O  O   . HOH F 6 .   ? 7.373   -4.262  -0.353  1.00 38.33 ? 216 HOH A O   1 
HETATM 1193 O  O   . HOH F 6 .   ? -6.732  -13.307 2.788   1.00 31.95 ? 217 HOH A O   1 
HETATM 1194 O  O   . HOH F 6 .   ? 3.173   -3.279  1.005   1.00 25.37 ? 218 HOH A O   1 
HETATM 1195 O  O   . HOH F 6 .   ? 17.825  -0.251  -0.814  1.00 36.22 ? 219 HOH A O   1 
HETATM 1196 O  O   . HOH F 6 .   ? -8.846  -5.312  -8.703  1.00 41.35 ? 220 HOH A O   1 
HETATM 1197 O  O   . HOH F 6 .   ? 6.355   15.776  -4.836  1.00 42.76 ? 221 HOH A O   1 
HETATM 1198 O  O   . HOH F 6 .   ? 18.073  -2.922  2.704   1.00 41.18 ? 222 HOH A O   1 
HETATM 1199 O  O   . HOH F 6 .   ? 1.622   0.825   19.387  1.00 31.42 ? 223 HOH A O   1 
HETATM 1200 O  O   . HOH F 6 .   ? -9.491  -11.139 0.387   1.00 36.26 ? 224 HOH A O   1 
HETATM 1201 O  O   . HOH F 6 .   ? 2.243   9.633   -10.802 1.00 36.30 ? 225 HOH A O   1 
HETATM 1202 O  O   . HOH F 6 .   ? 3.072   15.421  8.238   1.00 56.29 ? 226 HOH A O   1 
HETATM 1203 O  O   . HOH F 6 .   ? 1.970   16.266  -12.027 1.00 51.39 ? 227 HOH A O   1 
HETATM 1204 O  O   . HOH F 6 .   ? -10.316 7.640   -9.344  1.00 39.20 ? 228 HOH A O   1 
HETATM 1205 O  O   . HOH F 6 .   ? 10.170  15.871  -6.365  1.00 64.05 ? 229 HOH A O   1 
HETATM 1206 O  O   . HOH F 6 .   ? -10.374 12.697  -13.744 1.00 35.39 ? 230 HOH A O   1 
HETATM 1207 O  O   . HOH F 6 .   ? 7.306   -4.612  -11.621 1.00 30.05 ? 231 HOH A O   1 
HETATM 1208 O  O   . HOH F 6 .   ? 6.142   -6.860  -12.732 1.00 39.28 ? 232 HOH A O   1 
HETATM 1209 O  O   . HOH F 6 .   ? -21.572 -14.623 17.243  1.00 42.53 ? 233 HOH A O   1 
HETATM 1210 O  O   . HOH F 6 .   ? -9.527  16.068  -9.491  1.00 43.26 ? 234 HOH A O   1 
HETATM 1211 O  O   . HOH F 6 .   ? -3.420  15.693  -9.046  1.00 35.27 ? 235 HOH A O   1 
HETATM 1212 O  O   . HOH F 6 .   ? 4.053   -8.039  -10.619 1.00 27.45 ? 236 HOH A O   1 
HETATM 1213 O  O   . HOH F 6 .   ? -21.973 -12.360 10.204  1.00 25.82 ? 237 HOH A O   1 
HETATM 1214 O  O   . HOH F 6 .   ? -3.994  14.440  -0.733  1.00 24.65 ? 238 HOH A O   1 
HETATM 1215 O  O   . HOH F 6 .   ? -2.887  16.210  2.363   1.00 32.95 ? 239 HOH A O   1 
HETATM 1216 O  O   . HOH F 6 .   ? 3.051   18.683  -11.431 1.00 51.14 ? 240 HOH A O   1 
HETATM 1217 O  O   . HOH F 6 .   ? -10.552 9.801   -13.053 1.00 45.45 ? 241 HOH A O   1 
HETATM 1218 O  O   . HOH F 6 .   ? -7.712  -14.616 5.318   1.00 30.25 ? 242 HOH A O   1 
HETATM 1219 O  O   . HOH F 6 .   ? -6.483  -13.961 12.088  1.00 51.83 ? 243 HOH A O   1 
HETATM 1220 O  O   . HOH F 6 .   ? 4.092   -2.799  -14.185 1.00 40.12 ? 244 HOH A O   1 
HETATM 1221 O  O   . HOH F 6 .   ? 1.181   -1.875  -14.147 1.00 26.72 ? 245 HOH A O   1 
HETATM 1222 O  O   . HOH F 6 .   ? -0.757  -3.390  -13.956 1.00 39.96 ? 246 HOH A O   1 
HETATM 1223 O  O   . HOH F 6 .   ? 6.282   0.592   -15.261 1.00 46.39 ? 247 HOH A O   1 
HETATM 1224 O  O   . HOH F 6 .   ? 11.112  8.846   -8.955  1.00 51.33 ? 248 HOH A O   1 
HETATM 1225 O  O   . HOH F 6 .   ? 2.731   15.194  10.900  1.00 52.58 ? 249 HOH A O   1 
HETATM 1226 O  O   . HOH F 6 .   ? 0.644   14.421  8.981   1.00 53.91 ? 250 HOH A O   1 
HETATM 1227 O  O   . HOH F 6 .   ? -3.261  18.377  -2.671  1.00 42.34 ? 251 HOH A O   1 
HETATM 1228 O  O   . HOH F 6 .   ? -1.560  16.050  -1.365  1.00 28.12 ? 252 HOH A O   1 
HETATM 1229 O  O   . HOH F 6 .   ? 2.093   17.823  1.846   1.00 55.19 ? 253 HOH A O   1 
HETATM 1230 O  O   . HOH F 6 .   ? 4.761   -5.417  4.603   1.00 48.15 ? 254 HOH A O   1 
HETATM 1231 O  O   . HOH F 6 .   ? 2.551   -18.880 9.677   1.00 53.13 ? 255 HOH A O   1 
HETATM 1232 O  O   . HOH F 6 .   ? 4.742   -17.019 10.506  1.00 51.24 ? 256 HOH A O   1 
HETATM 1233 O  O   . HOH F 6 .   ? -24.411 -13.927 6.166   1.00 45.95 ? 257 HOH A O   1 
HETATM 1234 O  O   . HOH F 6 .   ? -2.518  3.909   -2.225  1.00 8.89  ? 258 HOH A O   1 
HETATM 1235 O  O   . HOH F 6 .   ? -1.135  9.336   4.082   1.00 12.54 ? 259 HOH A O   1 
HETATM 1236 O  O   . HOH F 6 .   ? 0.217   1.028   11.037  1.00 12.79 ? 260 HOH A O   1 
# 
